data_7WJ4
#
_entry.id   7WJ4
#
_cell.length_a   1.00
_cell.length_b   1.00
_cell.length_c   1.00
_cell.angle_alpha   90.00
_cell.angle_beta   90.00
_cell.angle_gamma   90.00
#
_symmetry.space_group_name_H-M   'P 1'
#
loop_
_entity.id
_entity.type
_entity.pdbx_description
1 polymer 'CTP synthase'
2 non-polymer "GUANOSINE-5'-TRIPHOSPHATE"
3 non-polymer "ADENOSINE-5'-TRIPHOSPHATE"
4 non-polymer 'GAMMA-L-GLUTAMIC ACID'
5 non-polymer 'MAGNESIUM ION'
6 non-polymer "URIDINE 5'-TRIPHOSPHATE"
#
_entity_poly.entity_id   1
_entity_poly.type   'polypeptide(L)'
_entity_poly.pdbx_seq_one_letter_code
;MKYILVTGGVISGVGKGVIASSFGTLLKSCGLDVTSIKIDPYINIDAGTFSPYEHGEVYVLDDGAEVDLDLGNYERFLDV
TLHRDNNITTGKIYKLVIEKERTGEYLGKTVQVVPHITDAIQEWVERVAQTPVQGSSKPQVCIVELGGTIGDIEGMPFVE
AFRQFQFRVKRENFCLAHVSLVPLPKATGEPKTKPTQSSVRELRGCGLSPDLIVCRSEKPIGLEVKEKISNFCHVGPDQV
ICIHDLNSIYHVPLLMEQNGVIEYLNERLQLNIDMSKRTKCLQQWRDLARRTETVRREVCIAVVGKYTKFTDSYASVVKA
LQHAALAVNRKLELVFIESCLLEEETLHSEPSKYHKEWQKLCDSHGILVPGGFGSRGMEGKIRACQWARENQKPLLGICL
GLQAAVIEFARNKLGLKDANTTEIDPNTANALVIDMPEHHTGQLGGTMRLGKRITVFSDGPSVIRQLYGNPKSVQERHRH
RYEVNPKYVHLLEEQGMRFVGTDVDKTRMEIIELSGHPYFVATQYHPEYLSRPLKPSPPFLGLILASVDRLNQYIQ
;
_entity_poly.pdbx_strand_id   D,A,B,C
#
loop_
_chem_comp.id
_chem_comp.type
_chem_comp.name
_chem_comp.formula
ATP non-polymer ADENOSINE-5'-TRIPHOSPHATE 'C10 H16 N5 O13 P3'
GGL L-gamma-peptide, C-delta linking 'GAMMA-L-GLUTAMIC ACID' 'C5 H9 N O4'
GTP non-polymer GUANOSINE-5'-TRIPHOSPHATE 'C10 H16 N5 O14 P3'
MG non-polymer 'MAGNESIUM ION' 'Mg 2'
UTP non-polymer 'URIDINE 5'-TRIPHOSPHATE' 'C9 H15 N2 O15 P3'
#
# COMPACT_ATOMS: atom_id res chain seq x y z
N MET A 1 -9.08 13.55 -28.98
CA MET A 1 -10.05 12.48 -29.15
C MET A 1 -10.72 12.17 -27.84
N LYS A 2 -11.19 10.94 -27.70
CA LYS A 2 -11.78 10.46 -26.47
C LYS A 2 -11.32 9.03 -26.24
N TYR A 3 -10.84 8.75 -25.04
CA TYR A 3 -10.20 7.50 -24.72
C TYR A 3 -11.06 6.72 -23.74
N ILE A 4 -10.97 5.39 -23.80
CA ILE A 4 -11.69 4.52 -22.88
C ILE A 4 -10.70 3.47 -22.41
N LEU A 5 -10.05 3.70 -21.29
CA LEU A 5 -9.24 2.67 -20.69
C LEU A 5 -10.13 1.56 -20.18
N VAL A 6 -9.70 0.32 -20.35
CA VAL A 6 -10.45 -0.86 -19.89
C VAL A 6 -9.48 -1.70 -19.08
N THR A 7 -9.44 -1.46 -17.77
CA THR A 7 -8.53 -2.19 -16.90
C THR A 7 -9.18 -3.51 -16.50
N GLY A 8 -8.49 -4.27 -15.66
CA GLY A 8 -8.93 -5.62 -15.34
C GLY A 8 -8.91 -5.89 -13.87
N GLY A 9 -9.80 -6.78 -13.44
CA GLY A 9 -10.07 -6.93 -12.03
C GLY A 9 -9.36 -8.07 -11.32
N VAL A 10 -10.12 -9.07 -10.90
CA VAL A 10 -9.61 -10.08 -10.01
C VAL A 10 -8.59 -10.96 -10.72
N ILE A 11 -8.91 -11.38 -11.95
CA ILE A 11 -8.07 -12.32 -12.69
C ILE A 11 -7.87 -11.80 -14.10
N SER A 12 -6.98 -12.48 -14.82
CA SER A 12 -6.79 -12.26 -16.25
C SER A 12 -7.47 -13.37 -17.01
N GLY A 13 -8.29 -13.01 -17.98
CA GLY A 13 -9.22 -13.91 -18.59
C GLY A 13 -10.64 -13.68 -18.18
N VAL A 14 -10.96 -12.51 -17.64
CA VAL A 14 -12.31 -12.24 -17.19
C VAL A 14 -13.19 -11.77 -18.32
N GLY A 15 -12.63 -11.13 -19.34
CA GLY A 15 -13.46 -10.62 -20.41
C GLY A 15 -13.14 -9.21 -20.90
N LYS A 16 -11.97 -8.69 -20.53
CA LYS A 16 -11.58 -7.37 -21.00
C LYS A 16 -11.66 -7.27 -22.51
N GLY A 17 -11.21 -8.30 -23.22
CA GLY A 17 -11.17 -8.23 -24.67
C GLY A 17 -12.54 -8.13 -25.28
N VAL A 18 -13.48 -8.96 -24.80
CA VAL A 18 -14.83 -8.93 -25.34
C VAL A 18 -15.54 -7.64 -24.95
N ILE A 19 -15.30 -7.13 -23.75
CA ILE A 19 -15.93 -5.88 -23.34
C ILE A 19 -15.40 -4.73 -24.19
N ALA A 20 -14.09 -4.69 -24.43
CA ALA A 20 -13.53 -3.65 -25.28
C ALA A 20 -14.05 -3.74 -26.70
N SER A 21 -14.08 -4.93 -27.28
CA SER A 21 -14.63 -5.07 -28.62
C SER A 21 -16.11 -4.71 -28.66
N SER A 22 -16.83 -4.89 -27.56
CA SER A 22 -18.23 -4.51 -27.55
C SER A 22 -18.40 -3.00 -27.50
N PHE A 23 -17.61 -2.32 -26.67
CA PHE A 23 -17.57 -0.86 -26.74
C PHE A 23 -17.30 -0.41 -28.16
N GLY A 24 -16.33 -1.04 -28.81
CA GLY A 24 -15.98 -0.65 -30.16
C GLY A 24 -17.12 -0.84 -31.13
N THR A 25 -17.76 -2.00 -31.11
CA THR A 25 -18.82 -2.27 -32.06
C THR A 25 -20.13 -1.58 -31.70
N LEU A 26 -20.23 -0.98 -30.53
CA LEU A 26 -21.36 -0.09 -30.27
C LEU A 26 -21.08 1.30 -30.80
N LEU A 27 -19.95 1.89 -30.40
CA LEU A 27 -19.61 3.22 -30.89
C LEU A 27 -19.40 3.23 -32.39
N LYS A 28 -19.15 2.07 -33.00
CA LYS A 28 -19.07 2.00 -34.45
C LYS A 28 -20.44 1.97 -35.09
N SER A 29 -21.40 1.33 -34.44
CA SER A 29 -22.75 1.36 -34.97
C SER A 29 -23.37 2.74 -34.84
N CYS A 30 -23.04 3.45 -33.77
CA CYS A 30 -23.60 4.78 -33.59
C CYS A 30 -23.01 5.82 -34.52
N GLY A 31 -22.09 5.46 -35.40
CA GLY A 31 -21.59 6.33 -36.44
C GLY A 31 -20.14 6.73 -36.30
N LEU A 32 -19.54 6.59 -35.12
CA LEU A 32 -18.20 7.08 -34.90
C LEU A 32 -17.17 6.22 -35.64
N ASP A 33 -15.91 6.66 -35.57
CA ASP A 33 -14.77 5.94 -36.13
C ASP A 33 -13.87 5.54 -34.97
N VAL A 34 -13.82 4.26 -34.66
CA VAL A 34 -13.13 3.76 -33.49
C VAL A 34 -11.83 3.10 -33.91
N THR A 35 -10.78 3.29 -33.11
CA THR A 35 -9.54 2.54 -33.21
C THR A 35 -9.35 1.77 -31.92
N SER A 36 -8.21 1.10 -31.79
CA SER A 36 -7.96 0.33 -30.59
C SER A 36 -6.48 0.18 -30.38
N ILE A 37 -6.11 -0.03 -29.11
CA ILE A 37 -4.75 -0.33 -28.71
C ILE A 37 -4.83 -1.42 -27.66
N LYS A 38 -3.88 -2.35 -27.71
CA LYS A 38 -3.76 -3.34 -26.67
C LYS A 38 -2.41 -3.16 -26.02
N ILE A 39 -2.38 -3.12 -24.70
CA ILE A 39 -1.17 -2.86 -23.94
C ILE A 39 -0.81 -4.14 -23.22
N ASP A 40 0.27 -4.77 -23.63
CA ASP A 40 0.73 -5.98 -22.97
C ASP A 40 1.88 -5.63 -22.05
N PRO A 41 1.75 -5.77 -20.77
CA PRO A 41 2.85 -5.44 -19.88
C PRO A 41 3.98 -6.45 -19.85
N TYR A 42 4.08 -7.34 -20.82
CA TYR A 42 5.20 -8.25 -20.85
C TYR A 42 6.36 -7.66 -21.66
N ILE A 43 7.58 -8.10 -21.35
CA ILE A 43 8.78 -7.54 -21.98
C ILE A 43 9.08 -8.39 -23.20
N ASN A 44 8.36 -8.10 -24.27
CA ASN A 44 8.55 -8.81 -25.53
C ASN A 44 8.26 -7.84 -26.64
N ILE A 45 9.15 -7.75 -27.62
CA ILE A 45 8.92 -6.81 -28.71
C ILE A 45 7.65 -7.20 -29.46
N ASP A 46 7.48 -8.47 -29.76
CA ASP A 46 6.28 -8.96 -30.40
C ASP A 46 6.13 -10.44 -30.10
N ALA A 47 4.95 -10.98 -30.40
CA ALA A 47 4.65 -12.37 -30.12
C ALA A 47 5.26 -13.32 -31.14
N GLY A 48 6.11 -12.84 -32.04
CA GLY A 48 6.65 -13.65 -33.09
C GLY A 48 7.46 -14.85 -32.64
N THR A 49 7.70 -14.97 -31.33
CA THR A 49 8.41 -16.12 -30.78
C THR A 49 7.63 -16.76 -29.63
N PHE A 50 6.33 -16.51 -29.55
CA PHE A 50 5.54 -17.07 -28.46
C PHE A 50 5.08 -18.48 -28.79
N SER A 51 4.64 -19.17 -27.78
CA SER A 51 4.00 -20.45 -28.03
C SER A 51 2.49 -20.30 -27.92
N PRO A 52 1.72 -21.13 -28.61
CA PRO A 52 0.26 -21.06 -28.48
C PRO A 52 -0.21 -21.28 -27.06
N TYR A 53 0.48 -22.10 -26.28
CA TYR A 53 0.02 -22.38 -24.93
C TYR A 53 0.13 -21.18 -24.01
N GLU A 54 1.01 -20.22 -24.32
CA GLU A 54 1.18 -19.06 -23.45
C GLU A 54 -0.09 -18.22 -23.41
N HIS A 55 -0.47 -17.65 -24.55
CA HIS A 55 -1.67 -16.84 -24.65
C HIS A 55 -2.59 -17.23 -25.80
N GLY A 56 -2.09 -17.92 -26.82
CA GLY A 56 -2.95 -18.51 -27.82
C GLY A 56 -2.97 -17.85 -29.18
N GLU A 57 -2.54 -18.59 -30.20
CA GLU A 57 -2.79 -18.23 -31.60
C GLU A 57 -2.21 -16.86 -31.94
N VAL A 58 -0.87 -16.84 -31.99
CA VAL A 58 -0.15 -15.68 -32.50
C VAL A 58 -0.81 -15.19 -33.79
N TYR A 59 -1.18 -13.91 -33.81
CA TYR A 59 -1.87 -13.30 -34.93
C TYR A 59 -0.85 -12.77 -35.93
N VAL A 60 -1.34 -12.26 -37.06
CA VAL A 60 -0.46 -11.72 -38.09
C VAL A 60 -1.18 -10.56 -38.76
N LEU A 61 -0.54 -9.40 -38.77
CA LEU A 61 -1.13 -8.21 -39.34
C LEU A 61 -0.71 -8.07 -40.79
N ASP A 62 -1.16 -7.00 -41.43
CA ASP A 62 -0.93 -6.85 -42.87
C ASP A 62 0.53 -6.54 -43.16
N ASP A 63 1.17 -5.73 -42.32
CA ASP A 63 2.56 -5.39 -42.55
C ASP A 63 3.52 -6.48 -42.10
N GLY A 64 3.07 -7.38 -41.24
CA GLY A 64 3.87 -8.54 -40.90
C GLY A 64 4.28 -8.60 -39.45
N ALA A 65 3.48 -8.01 -38.58
CA ALA A 65 3.81 -7.94 -37.16
C ALA A 65 2.99 -8.98 -36.41
N GLU A 66 3.64 -10.05 -35.99
CA GLU A 66 2.98 -11.04 -35.15
C GLU A 66 2.61 -10.41 -33.82
N VAL A 67 1.32 -10.41 -33.51
CA VAL A 67 0.82 -9.69 -32.36
C VAL A 67 -0.03 -10.60 -31.49
N ASP A 68 -0.65 -10.04 -30.48
CA ASP A 68 -1.49 -10.79 -29.56
C ASP A 68 -2.76 -11.25 -30.26
N LEU A 69 -3.66 -11.86 -29.50
CA LEU A 69 -4.91 -12.35 -30.06
C LEU A 69 -6.01 -11.31 -29.97
N ASP A 70 -5.97 -10.45 -28.96
CA ASP A 70 -6.97 -9.38 -28.89
C ASP A 70 -6.85 -8.45 -30.08
N LEU A 71 -5.68 -8.35 -30.69
CA LEU A 71 -5.54 -7.60 -31.92
C LEU A 71 -6.34 -8.20 -33.06
N GLY A 72 -6.77 -9.45 -32.94
CA GLY A 72 -7.62 -10.04 -33.93
C GLY A 72 -9.06 -9.95 -33.52
N ASN A 73 -9.29 -10.01 -32.21
CA ASN A 73 -10.62 -9.74 -31.68
C ASN A 73 -11.12 -8.38 -32.16
N TYR A 74 -10.26 -7.37 -32.07
CA TYR A 74 -10.65 -6.03 -32.50
C TYR A 74 -11.01 -6.01 -33.97
N GLU A 75 -10.20 -6.65 -34.80
CA GLU A 75 -10.46 -6.63 -36.23
C GLU A 75 -11.76 -7.35 -36.54
N ARG A 76 -12.01 -8.49 -35.90
CA ARG A 76 -13.22 -9.25 -36.19
C ARG A 76 -14.47 -8.53 -35.72
N PHE A 77 -14.35 -7.66 -34.72
CA PHE A 77 -15.54 -6.95 -34.25
C PHE A 77 -15.71 -5.57 -34.87
N LEU A 78 -14.67 -4.97 -35.44
CA LEU A 78 -14.78 -3.62 -35.97
C LEU A 78 -14.55 -3.49 -37.46
N ASP A 79 -14.06 -4.54 -38.13
CA ASP A 79 -13.74 -4.48 -39.56
C ASP A 79 -12.71 -3.39 -39.86
N VAL A 80 -11.67 -3.30 -39.04
CA VAL A 80 -10.58 -2.37 -39.25
C VAL A 80 -9.33 -3.16 -39.57
N THR A 81 -8.27 -2.45 -39.95
CA THR A 81 -7.00 -3.06 -40.34
C THR A 81 -5.89 -2.44 -39.51
N LEU A 82 -5.67 -2.96 -38.32
CA LEU A 82 -4.74 -2.36 -37.38
C LEU A 82 -3.32 -2.47 -37.92
N HIS A 83 -2.40 -1.80 -37.23
CA HIS A 83 -1.00 -1.72 -37.66
C HIS A 83 -0.10 -2.30 -36.59
N ARG A 84 1.20 -2.25 -36.85
CA ARG A 84 2.15 -2.80 -35.89
C ARG A 84 2.14 -2.01 -34.59
N ASP A 85 1.94 -0.70 -34.67
CA ASP A 85 2.03 0.18 -33.52
C ASP A 85 0.78 0.17 -32.66
N ASN A 86 -0.22 -0.62 -32.99
CA ASN A 86 -1.39 -0.75 -32.16
C ASN A 86 -1.21 -1.77 -31.05
N ASN A 87 0.02 -2.10 -30.72
CA ASN A 87 0.30 -3.08 -29.67
C ASN A 87 1.52 -2.57 -28.91
N ILE A 88 1.28 -1.96 -27.77
CA ILE A 88 2.35 -1.49 -26.91
C ILE A 88 2.78 -2.63 -26.00
N THR A 89 4.08 -2.74 -25.77
CA THR A 89 4.61 -3.69 -24.82
C THR A 89 5.71 -2.99 -24.05
N THR A 90 5.93 -3.44 -22.81
CA THR A 90 6.99 -2.83 -22.01
C THR A 90 8.32 -2.85 -22.74
N GLY A 91 8.59 -3.92 -23.49
CA GLY A 91 9.82 -3.97 -24.24
C GLY A 91 9.94 -2.87 -25.27
N LYS A 92 8.88 -2.62 -26.02
CA LYS A 92 8.91 -1.57 -27.03
C LYS A 92 9.21 -0.22 -26.40
N ILE A 93 8.52 0.11 -25.31
CA ILE A 93 8.70 1.40 -24.66
C ILE A 93 10.12 1.54 -24.15
N TYR A 94 10.61 0.53 -23.43
CA TYR A 94 11.94 0.66 -22.84
C TYR A 94 13.01 0.71 -23.91
N LYS A 95 12.87 -0.05 -24.99
CA LYS A 95 13.87 0.00 -26.04
C LYS A 95 13.85 1.35 -26.73
N LEU A 96 12.67 1.91 -26.96
CA LEU A 96 12.58 3.23 -27.57
C LEU A 96 13.30 4.26 -26.71
N VAL A 97 12.99 4.27 -25.41
CA VAL A 97 13.58 5.28 -24.53
C VAL A 97 15.09 5.08 -24.41
N ILE A 98 15.55 3.84 -24.37
CA ILE A 98 16.99 3.60 -24.25
C ILE A 98 17.71 4.07 -25.50
N GLU A 99 17.16 3.79 -26.68
CA GLU A 99 17.79 4.27 -27.90
C GLU A 99 17.83 5.79 -27.94
N LYS A 100 16.75 6.44 -27.53
CA LYS A 100 16.74 7.90 -27.48
C LYS A 100 17.82 8.41 -26.55
N GLU A 101 17.92 7.83 -25.36
CA GLU A 101 18.94 8.24 -24.41
C GLU A 101 20.33 8.10 -25.00
N ARG A 102 20.63 6.93 -25.58
CA ARG A 102 21.97 6.71 -26.11
C ARG A 102 22.29 7.69 -27.23
N THR A 103 21.32 7.96 -28.10
CA THR A 103 21.60 8.91 -29.17
C THR A 103 21.62 10.35 -28.68
N GLY A 104 21.14 10.61 -27.47
CA GLY A 104 21.34 11.90 -26.85
C GLY A 104 20.19 12.88 -26.95
N GLU A 105 19.00 12.42 -27.32
CA GLU A 105 17.85 13.30 -27.44
C GLU A 105 17.27 13.68 -26.08
N TYR A 106 17.77 13.10 -25.00
CA TYR A 106 17.45 13.52 -23.65
C TYR A 106 18.59 14.31 -23.05
N LEU A 107 19.23 15.14 -23.88
CA LEU A 107 20.58 15.65 -23.66
C LEU A 107 20.81 16.08 -22.21
N GLY A 108 21.74 15.40 -21.55
CA GLY A 108 22.08 15.69 -20.17
C GLY A 108 20.91 15.76 -19.22
N LYS A 109 20.27 14.62 -18.95
CA LYS A 109 19.20 14.56 -17.97
C LYS A 109 19.10 13.14 -17.45
N THR A 110 18.59 13.00 -16.22
CA THR A 110 18.44 11.70 -15.59
C THR A 110 17.14 11.07 -16.06
N VAL A 111 17.24 10.21 -17.08
CA VAL A 111 16.06 9.54 -17.61
C VAL A 111 15.54 8.56 -16.57
N GLN A 112 14.39 8.85 -16.00
CA GLN A 112 13.81 7.98 -15.00
C GLN A 112 12.38 7.60 -15.39
N VAL A 113 11.83 6.63 -14.66
CA VAL A 113 10.52 6.09 -15.01
C VAL A 113 9.50 7.22 -15.10
N VAL A 114 9.24 7.90 -13.98
CA VAL A 114 8.49 9.14 -13.99
C VAL A 114 9.51 10.28 -14.06
N PRO A 115 9.45 11.14 -15.08
CA PRO A 115 8.38 11.15 -16.06
C PRO A 115 8.71 10.58 -17.43
N HIS A 116 9.88 10.00 -17.67
CA HIS A 116 10.27 9.79 -19.06
C HIS A 116 9.58 8.59 -19.68
N ILE A 117 9.48 7.48 -18.96
CA ILE A 117 8.78 6.32 -19.49
C ILE A 117 7.30 6.62 -19.65
N THR A 118 6.69 7.30 -18.67
CA THR A 118 5.27 7.59 -18.80
C THR A 118 4.99 8.65 -19.85
N ASP A 119 5.91 9.57 -20.09
CA ASP A 119 5.73 10.48 -21.21
C ASP A 119 5.87 9.76 -22.53
N ALA A 120 6.78 8.78 -22.61
CA ALA A 120 6.87 7.97 -23.81
C ALA A 120 5.57 7.22 -24.05
N ILE A 121 4.99 6.66 -23.00
CA ILE A 121 3.73 5.93 -23.13
C ILE A 121 2.62 6.84 -23.60
N GLN A 122 2.51 8.03 -23.01
CA GLN A 122 1.45 8.96 -23.40
C GLN A 122 1.63 9.44 -24.83
N GLU A 123 2.85 9.77 -25.23
CA GLU A 123 3.07 10.18 -26.61
C GLU A 123 2.80 9.04 -27.57
N TRP A 124 3.11 7.80 -27.18
CA TRP A 124 2.79 6.66 -28.03
C TRP A 124 1.28 6.54 -28.22
N VAL A 125 0.53 6.62 -27.13
CA VAL A 125 -0.90 6.44 -27.24
C VAL A 125 -1.52 7.55 -28.06
N GLU A 126 -1.06 8.78 -27.85
CA GLU A 126 -1.64 9.89 -28.61
C GLU A 126 -1.24 9.86 -30.08
N ARG A 127 -0.03 9.41 -30.40
CA ARG A 127 0.37 9.35 -31.79
C ARG A 127 -0.30 8.20 -32.51
N VAL A 128 -0.54 7.09 -31.82
CA VAL A 128 -1.17 5.95 -32.48
C VAL A 128 -2.66 6.18 -32.65
N ALA A 129 -3.31 6.78 -31.66
CA ALA A 129 -4.75 6.93 -31.75
C ALA A 129 -5.21 7.80 -32.91
N GLN A 130 -4.30 8.40 -33.67
CA GLN A 130 -4.68 9.24 -34.79
C GLN A 130 -4.22 8.69 -36.13
N THR A 131 -3.68 7.49 -36.17
CA THR A 131 -3.25 6.91 -37.43
C THR A 131 -4.47 6.36 -38.17
N PRO A 132 -4.75 6.80 -39.39
CA PRO A 132 -5.94 6.33 -40.10
C PRO A 132 -5.95 4.82 -40.22
N VAL A 133 -6.94 4.20 -39.60
CA VAL A 133 -6.97 2.75 -39.47
C VAL A 133 -7.96 2.09 -40.41
N GLN A 134 -8.83 2.85 -41.06
CA GLN A 134 -9.84 2.32 -41.96
C GLN A 134 -9.88 3.12 -43.24
N GLY A 135 -8.71 3.37 -43.82
CA GLY A 135 -8.64 4.16 -45.02
C GLY A 135 -8.08 5.55 -44.77
N SER A 136 -8.95 6.55 -44.75
CA SER A 136 -8.52 7.93 -44.54
C SER A 136 -9.34 8.62 -43.46
N SER A 137 -10.11 7.88 -42.68
CA SER A 137 -10.93 8.47 -41.63
C SER A 137 -10.10 8.63 -40.37
N LYS A 138 -9.86 9.86 -39.97
CA LYS A 138 -9.17 10.11 -38.71
C LYS A 138 -10.04 9.61 -37.57
N PRO A 139 -9.52 8.77 -36.68
CA PRO A 139 -10.34 8.17 -35.63
C PRO A 139 -10.94 9.23 -34.73
N GLN A 140 -11.92 8.81 -33.94
CA GLN A 140 -12.57 9.70 -32.99
C GLN A 140 -12.66 9.15 -31.58
N VAL A 141 -12.64 7.85 -31.38
CA VAL A 141 -12.55 7.23 -30.07
C VAL A 141 -11.46 6.17 -30.12
N CYS A 142 -10.74 6.01 -29.02
CA CYS A 142 -9.68 5.02 -28.95
C CYS A 142 -9.91 4.16 -27.72
N ILE A 143 -10.11 2.87 -27.94
CA ILE A 143 -10.37 1.93 -26.85
C ILE A 143 -9.04 1.33 -26.45
N VAL A 144 -8.40 1.90 -25.44
CA VAL A 144 -7.18 1.33 -24.90
C VAL A 144 -7.54 0.23 -23.92
N GLU A 145 -6.94 -0.93 -24.08
CA GLU A 145 -7.18 -2.05 -23.16
C GLU A 145 -5.87 -2.39 -22.47
N LEU A 146 -5.87 -2.36 -21.16
CA LEU A 146 -4.67 -2.61 -20.38
C LEU A 146 -4.67 -4.07 -19.95
N GLY A 147 -3.76 -4.85 -20.51
CA GLY A 147 -3.70 -6.25 -20.18
C GLY A 147 -3.30 -6.48 -18.73
N GLY A 148 -3.51 -7.70 -18.28
CA GLY A 148 -3.17 -8.03 -16.91
C GLY A 148 -4.18 -7.49 -15.94
N THR A 149 -3.93 -7.73 -14.66
CA THR A 149 -4.78 -7.28 -13.58
C THR A 149 -4.17 -6.07 -12.89
N ILE A 150 -5.02 -5.26 -12.26
CA ILE A 150 -4.55 -4.07 -11.57
C ILE A 150 -3.86 -4.49 -10.27
N GLY A 151 -2.59 -4.15 -10.16
CA GLY A 151 -1.85 -4.48 -8.96
C GLY A 151 -0.53 -5.14 -9.25
N ASP A 152 -0.35 -5.57 -10.50
CA ASP A 152 0.87 -6.24 -10.88
C ASP A 152 2.04 -5.25 -10.90
N ILE A 153 3.24 -5.79 -10.77
CA ILE A 153 4.43 -4.94 -10.81
C ILE A 153 4.72 -4.51 -12.24
N GLU A 154 4.34 -5.32 -13.21
CA GLU A 154 4.63 -4.99 -14.60
C GLU A 154 3.78 -3.86 -15.12
N GLY A 155 2.62 -3.66 -14.52
CA GLY A 155 1.70 -2.65 -15.01
C GLY A 155 1.63 -1.42 -14.14
N MET A 156 2.73 -1.08 -13.49
CA MET A 156 2.80 0.16 -12.73
C MET A 156 3.08 1.35 -13.64
N PRO A 157 4.05 1.27 -14.57
CA PRO A 157 4.23 2.38 -15.50
C PRO A 157 2.97 2.76 -16.23
N PHE A 158 2.17 1.79 -16.63
CA PHE A 158 0.99 2.12 -17.43
C PHE A 158 -0.11 2.73 -16.58
N VAL A 159 -0.33 2.22 -15.38
CA VAL A 159 -1.33 2.82 -14.52
C VAL A 159 -0.92 4.24 -14.14
N GLU A 160 0.37 4.47 -13.93
CA GLU A 160 0.81 5.83 -13.62
C GLU A 160 0.65 6.74 -14.83
N ALA A 161 1.02 6.27 -16.02
CA ALA A 161 0.89 7.09 -17.21
C ALA A 161 -0.56 7.45 -17.45
N PHE A 162 -1.49 6.55 -17.16
CA PHE A 162 -2.88 6.91 -17.37
C PHE A 162 -3.42 7.78 -16.25
N ARG A 163 -2.89 7.64 -15.03
CA ARG A 163 -3.25 8.55 -13.97
C ARG A 163 -2.90 9.98 -14.35
N GLN A 164 -1.78 10.17 -15.04
CA GLN A 164 -1.47 11.51 -15.52
C GLN A 164 -2.23 11.87 -16.78
N PHE A 165 -2.53 10.89 -17.63
CA PHE A 165 -3.26 11.15 -18.87
C PHE A 165 -4.64 11.71 -18.58
N GLN A 166 -5.30 11.21 -17.55
CA GLN A 166 -6.68 11.63 -17.31
C GLN A 166 -6.79 13.10 -16.95
N PHE A 167 -5.68 13.75 -16.60
CA PHE A 167 -5.64 15.19 -16.41
C PHE A 167 -5.03 15.92 -17.59
N ARG A 168 -4.02 15.33 -18.21
CA ARG A 168 -3.45 15.95 -19.40
C ARG A 168 -4.48 16.08 -20.52
N VAL A 169 -5.49 15.24 -20.55
CA VAL A 169 -6.40 15.22 -21.68
C VAL A 169 -7.81 15.61 -21.28
N LYS A 170 -7.94 16.52 -20.32
CA LYS A 170 -9.22 17.19 -20.09
C LYS A 170 -10.33 16.22 -19.73
N ARG A 171 -10.34 15.75 -18.47
CA ARG A 171 -11.06 14.59 -17.99
C ARG A 171 -12.42 14.33 -18.64
N GLU A 172 -13.07 15.37 -19.14
CA GLU A 172 -14.27 15.10 -19.94
C GLU A 172 -13.99 14.33 -21.22
N ASN A 173 -12.74 13.97 -21.49
CA ASN A 173 -12.36 13.20 -22.67
C ASN A 173 -11.70 11.88 -22.28
N PHE A 174 -12.17 11.23 -21.22
CA PHE A 174 -11.49 10.05 -20.72
C PHE A 174 -12.44 9.29 -19.80
N CYS A 175 -12.82 8.08 -20.18
CA CYS A 175 -13.62 7.20 -19.36
C CYS A 175 -12.72 6.16 -18.70
N LEU A 176 -13.33 5.20 -18.03
CA LEU A 176 -12.58 4.07 -17.49
C LEU A 176 -13.56 2.99 -17.10
N ALA A 177 -13.45 1.81 -17.71
CA ALA A 177 -14.28 0.67 -17.37
C ALA A 177 -13.43 -0.37 -16.68
N HIS A 178 -13.88 -0.86 -15.55
CA HIS A 178 -13.13 -1.80 -14.75
C HIS A 178 -13.89 -3.12 -14.72
N VAL A 179 -13.43 -4.10 -15.48
CA VAL A 179 -14.06 -5.40 -15.56
C VAL A 179 -13.60 -6.23 -14.37
N SER A 180 -14.55 -6.77 -13.61
CA SER A 180 -14.22 -7.51 -12.42
C SER A 180 -15.03 -8.80 -12.36
N LEU A 181 -14.59 -9.72 -11.51
CA LEU A 181 -15.19 -11.04 -11.39
C LEU A 181 -15.92 -11.17 -10.06
N VAL A 182 -17.11 -11.74 -10.11
CA VAL A 182 -17.92 -11.96 -8.92
C VAL A 182 -18.11 -13.46 -8.73
N PRO A 183 -17.26 -14.12 -7.96
CA PRO A 183 -17.38 -15.57 -7.83
C PRO A 183 -18.62 -15.96 -7.05
N LEU A 184 -19.00 -17.22 -7.22
CA LEU A 184 -20.16 -17.81 -6.54
C LEU A 184 -19.76 -19.20 -6.10
N PRO A 185 -19.10 -19.33 -4.96
CA PRO A 185 -18.63 -20.65 -4.54
C PRO A 185 -19.79 -21.59 -4.27
N LYS A 186 -19.66 -22.82 -4.79
CA LYS A 186 -20.75 -23.77 -4.67
C LYS A 186 -20.94 -24.21 -3.23
N ALA A 187 -19.89 -24.17 -2.42
CA ALA A 187 -20.00 -24.56 -1.02
C ALA A 187 -20.85 -23.57 -0.24
N THR A 188 -20.66 -22.27 -0.48
CA THR A 188 -21.40 -21.25 0.25
C THR A 188 -22.80 -21.07 -0.33
N GLY A 189 -22.89 -20.72 -1.59
CA GLY A 189 -24.15 -20.57 -2.27
C GLY A 189 -24.63 -19.15 -2.48
N GLU A 190 -23.76 -18.16 -2.36
CA GLU A 190 -24.13 -16.77 -2.55
C GLU A 190 -22.98 -16.05 -3.24
N PRO A 191 -23.27 -15.16 -4.17
CA PRO A 191 -22.19 -14.41 -4.82
C PRO A 191 -21.49 -13.51 -3.83
N LYS A 192 -20.18 -13.40 -3.99
CA LYS A 192 -19.33 -12.68 -3.04
C LYS A 192 -18.84 -11.40 -3.66
N THR A 193 -18.79 -10.32 -2.87
CA THR A 193 -18.39 -9.03 -3.40
C THR A 193 -17.02 -8.58 -2.94
N LYS A 194 -16.43 -9.26 -1.98
CA LYS A 194 -15.13 -8.83 -1.47
C LYS A 194 -14.05 -8.75 -2.54
N PRO A 195 -13.96 -9.66 -3.51
CA PRO A 195 -12.92 -9.49 -4.53
C PRO A 195 -13.05 -8.19 -5.32
N THR A 196 -14.26 -7.87 -5.79
CA THR A 196 -14.44 -6.64 -6.54
C THR A 196 -14.17 -5.43 -5.67
N GLN A 197 -14.59 -5.47 -4.40
CA GLN A 197 -14.30 -4.37 -3.50
C GLN A 197 -12.81 -4.16 -3.36
N SER A 198 -12.06 -5.25 -3.15
CA SER A 198 -10.63 -5.12 -2.96
C SER A 198 -9.95 -4.62 -4.22
N SER A 199 -10.39 -5.08 -5.38
CA SER A 199 -9.78 -4.62 -6.63
C SER A 199 -10.08 -3.16 -6.88
N VAL A 200 -11.31 -2.71 -6.60
CA VAL A 200 -11.64 -1.31 -6.80
C VAL A 200 -10.84 -0.43 -5.85
N ARG A 201 -10.65 -0.89 -4.60
CA ARG A 201 -9.84 -0.14 -3.67
C ARG A 201 -8.39 -0.05 -4.13
N GLU A 202 -7.84 -1.17 -4.63
CA GLU A 202 -6.47 -1.13 -5.12
C GLU A 202 -6.33 -0.22 -6.33
N LEU A 203 -7.38 -0.13 -7.15
CA LEU A 203 -7.34 0.78 -8.28
C LEU A 203 -7.45 2.23 -7.84
N ARG A 204 -8.18 2.50 -6.76
CA ARG A 204 -8.27 3.85 -6.22
C ARG A 204 -6.96 4.28 -5.58
N GLY A 205 -6.26 3.35 -4.93
CA GLY A 205 -4.94 3.65 -4.40
C GLY A 205 -3.92 4.04 -5.45
N CYS A 206 -4.26 3.93 -6.73
CA CYS A 206 -3.39 4.34 -7.81
C CYS A 206 -3.87 5.60 -8.49
N GLY A 207 -4.92 6.22 -7.96
CA GLY A 207 -5.38 7.48 -8.50
C GLY A 207 -6.62 7.38 -9.35
N LEU A 208 -6.69 6.36 -10.20
CA LEU A 208 -7.82 6.23 -11.11
C LEU A 208 -9.09 5.88 -10.34
N SER A 209 -10.23 6.22 -10.95
CA SER A 209 -11.52 5.94 -10.34
C SER A 209 -12.44 5.36 -11.41
N PRO A 210 -13.07 4.22 -11.14
CA PRO A 210 -13.86 3.54 -12.17
C PRO A 210 -15.10 4.32 -12.54
N ASP A 211 -15.20 4.69 -13.82
CA ASP A 211 -16.43 5.29 -14.32
C ASP A 211 -17.50 4.24 -14.59
N LEU A 212 -17.11 3.00 -14.86
CA LEU A 212 -18.02 1.88 -14.95
C LEU A 212 -17.42 0.72 -14.18
N ILE A 213 -18.27 -0.25 -13.86
CA ILE A 213 -17.80 -1.50 -13.27
C ILE A 213 -18.63 -2.61 -13.89
N VAL A 214 -18.00 -3.41 -14.73
CA VAL A 214 -18.66 -4.52 -15.38
C VAL A 214 -18.44 -5.76 -14.52
N CYS A 215 -19.50 -6.26 -13.90
CA CYS A 215 -19.41 -7.41 -13.01
C CYS A 215 -19.66 -8.68 -13.79
N ARG A 216 -18.60 -9.44 -14.03
CA ARG A 216 -18.67 -10.68 -14.80
C ARG A 216 -18.84 -11.85 -13.85
N SER A 217 -19.99 -12.50 -13.91
CA SER A 217 -20.28 -13.66 -13.09
C SER A 217 -20.71 -14.82 -13.99
N GLU A 218 -21.05 -15.94 -13.36
CA GLU A 218 -21.46 -17.12 -14.10
C GLU A 218 -22.96 -17.17 -14.36
N LYS A 219 -23.78 -16.82 -13.38
CA LYS A 219 -25.22 -16.74 -13.53
C LYS A 219 -25.66 -15.33 -13.14
N PRO A 220 -26.80 -14.87 -13.64
CA PRO A 220 -27.21 -13.49 -13.35
C PRO A 220 -27.35 -13.25 -11.86
N ILE A 221 -26.66 -12.24 -11.37
CA ILE A 221 -26.73 -11.89 -9.96
C ILE A 221 -27.97 -11.06 -9.73
N GLY A 222 -28.55 -11.19 -8.55
CA GLY A 222 -29.77 -10.48 -8.21
C GLY A 222 -29.56 -8.99 -8.06
N LEU A 223 -30.48 -8.33 -7.34
CA LEU A 223 -30.32 -6.91 -7.09
C LEU A 223 -29.62 -6.62 -5.78
N GLU A 224 -29.67 -7.55 -4.81
CA GLU A 224 -28.94 -7.35 -3.57
C GLU A 224 -27.47 -7.12 -3.83
N VAL A 225 -26.87 -7.94 -4.69
CA VAL A 225 -25.44 -7.84 -4.92
C VAL A 225 -25.10 -6.59 -5.73
N LYS A 226 -26.00 -6.16 -6.61
CA LYS A 226 -25.77 -4.90 -7.30
C LYS A 226 -25.79 -3.74 -6.33
N GLU A 227 -26.72 -3.74 -5.36
CA GLU A 227 -26.70 -2.69 -4.36
C GLU A 227 -25.44 -2.75 -3.51
N LYS A 228 -25.01 -3.96 -3.14
CA LYS A 228 -23.79 -4.06 -2.35
C LYS A 228 -22.59 -3.52 -3.10
N ILE A 229 -22.47 -3.85 -4.39
CA ILE A 229 -21.38 -3.30 -5.20
C ILE A 229 -21.48 -1.79 -5.23
N SER A 230 -22.66 -1.26 -5.55
CA SER A 230 -22.80 0.18 -5.69
C SER A 230 -22.43 0.90 -4.41
N ASN A 231 -22.86 0.39 -3.27
CA ASN A 231 -22.52 1.02 -2.00
C ASN A 231 -21.02 0.90 -1.72
N PHE A 232 -20.53 -0.32 -1.59
CA PHE A 232 -19.16 -0.54 -1.15
C PHE A 232 -18.11 -0.19 -2.19
N CYS A 233 -18.50 0.30 -3.37
CA CYS A 233 -17.54 0.83 -4.31
C CYS A 233 -17.87 2.24 -4.77
N HIS A 234 -18.95 2.84 -4.27
CA HIS A 234 -19.25 4.25 -4.48
C HIS A 234 -19.36 4.58 -5.97
N VAL A 235 -20.32 3.90 -6.61
CA VAL A 235 -20.74 4.22 -7.96
C VAL A 235 -22.25 4.09 -8.02
N GLY A 236 -22.86 4.92 -8.87
CA GLY A 236 -24.29 4.93 -9.01
C GLY A 236 -24.81 3.58 -9.49
N PRO A 237 -25.95 3.15 -8.96
CA PRO A 237 -26.46 1.81 -9.31
C PRO A 237 -26.84 1.66 -10.76
N ASP A 238 -26.65 2.68 -11.59
CA ASP A 238 -26.86 2.57 -13.02
C ASP A 238 -25.56 2.49 -13.80
N GLN A 239 -24.42 2.61 -13.14
CA GLN A 239 -23.12 2.43 -13.78
C GLN A 239 -22.42 1.22 -13.18
N VAL A 240 -23.17 0.13 -12.98
CA VAL A 240 -22.62 -1.15 -12.61
C VAL A 240 -23.31 -2.18 -13.49
N ILE A 241 -22.59 -2.75 -14.43
CA ILE A 241 -23.16 -3.66 -15.40
C ILE A 241 -22.89 -5.10 -14.98
N CYS A 242 -23.82 -5.98 -15.32
CA CYS A 242 -23.68 -7.40 -15.04
C CYS A 242 -23.75 -8.16 -16.36
N ILE A 243 -22.67 -8.87 -16.68
CA ILE A 243 -22.57 -9.66 -17.90
C ILE A 243 -22.24 -11.08 -17.47
N HIS A 244 -23.23 -11.97 -17.53
CA HIS A 244 -22.99 -13.35 -17.18
C HIS A 244 -22.44 -14.10 -18.39
N ASP A 245 -22.23 -15.40 -18.23
CA ASP A 245 -21.68 -16.22 -19.29
C ASP A 245 -22.76 -16.49 -20.33
N LEU A 246 -22.74 -15.74 -21.42
CA LEU A 246 -23.74 -15.91 -22.46
C LEU A 246 -23.41 -17.12 -23.33
N ASN A 247 -24.30 -17.42 -24.27
CA ASN A 247 -24.06 -18.55 -25.16
C ASN A 247 -22.94 -18.25 -26.13
N SER A 248 -23.11 -17.24 -26.97
CA SER A 248 -22.08 -16.76 -27.87
C SER A 248 -21.81 -15.30 -27.58
N ILE A 249 -20.60 -14.87 -27.90
CA ILE A 249 -20.21 -13.49 -27.59
C ILE A 249 -20.85 -12.47 -28.49
N TYR A 250 -21.61 -12.89 -29.50
CA TYR A 250 -22.40 -11.91 -30.24
C TYR A 250 -23.55 -11.37 -29.41
N HIS A 251 -23.71 -11.84 -28.18
CA HIS A 251 -24.74 -11.32 -27.29
C HIS A 251 -24.25 -10.23 -26.38
N VAL A 252 -22.93 -10.08 -26.22
CA VAL A 252 -22.38 -9.13 -25.26
C VAL A 252 -22.63 -7.69 -25.71
N PRO A 253 -22.44 -7.34 -26.99
CA PRO A 253 -22.85 -6.00 -27.41
C PRO A 253 -24.28 -5.67 -27.07
N LEU A 254 -25.22 -6.57 -27.38
CA LEU A 254 -26.61 -6.29 -27.10
C LEU A 254 -26.91 -6.24 -25.62
N LEU A 255 -26.32 -7.15 -24.84
CA LEU A 255 -26.54 -7.15 -23.41
C LEU A 255 -26.04 -5.87 -22.76
N MET A 256 -24.94 -5.32 -23.26
CA MET A 256 -24.50 -4.04 -22.74
C MET A 256 -25.40 -2.92 -23.22
N GLU A 257 -25.80 -2.95 -24.49
CA GLU A 257 -26.59 -1.86 -25.03
C GLU A 257 -27.94 -1.73 -24.34
N GLN A 258 -28.55 -2.86 -23.97
CA GLN A 258 -29.80 -2.80 -23.22
C GLN A 258 -29.60 -2.36 -21.78
N ASN A 259 -28.37 -2.28 -21.30
CA ASN A 259 -28.06 -1.71 -20.01
C ASN A 259 -27.63 -0.26 -20.11
N GLY A 260 -27.91 0.39 -21.24
CA GLY A 260 -27.71 1.81 -21.36
C GLY A 260 -26.27 2.28 -21.39
N VAL A 261 -25.34 1.41 -21.78
CA VAL A 261 -23.95 1.83 -21.92
C VAL A 261 -23.72 2.66 -23.17
N ILE A 262 -24.75 2.89 -23.97
CA ILE A 262 -24.67 3.94 -24.98
C ILE A 262 -25.10 5.27 -24.40
N GLU A 263 -26.19 5.28 -23.64
CA GLU A 263 -26.64 6.50 -22.99
C GLU A 263 -25.59 7.04 -22.04
N TYR A 264 -25.06 6.17 -21.19
CA TYR A 264 -24.06 6.61 -20.22
C TYR A 264 -22.83 7.17 -20.92
N LEU A 265 -22.38 6.51 -21.98
CA LEU A 265 -21.18 7.00 -22.65
C LEU A 265 -21.45 8.31 -23.36
N ASN A 266 -22.61 8.44 -24.03
CA ASN A 266 -22.89 9.69 -24.70
C ASN A 266 -23.09 10.84 -23.72
N GLU A 267 -23.44 10.54 -22.48
CA GLU A 267 -23.52 11.58 -21.47
C GLU A 267 -22.16 11.89 -20.85
N ARG A 268 -21.29 10.89 -20.73
CA ARG A 268 -20.04 11.05 -20.01
C ARG A 268 -18.90 11.56 -20.88
N LEU A 269 -18.86 11.18 -22.15
CA LEU A 269 -17.82 11.66 -23.05
C LEU A 269 -18.31 12.76 -23.99
N GLN A 270 -19.60 13.06 -23.99
CA GLN A 270 -20.18 14.09 -24.85
C GLN A 270 -19.89 13.79 -26.33
N LEU A 271 -20.43 12.66 -26.79
CA LEU A 271 -20.12 12.16 -28.11
C LEU A 271 -21.04 12.70 -29.19
N ASN A 272 -22.19 13.26 -28.83
CA ASN A 272 -23.16 13.78 -29.79
C ASN A 272 -23.70 12.66 -30.69
N ILE A 273 -24.18 11.61 -30.05
CA ILE A 273 -24.76 10.47 -30.75
C ILE A 273 -26.26 10.70 -30.89
N ASP A 274 -26.76 10.57 -32.11
CA ASP A 274 -28.19 10.77 -32.38
C ASP A 274 -28.92 9.46 -32.12
N MET A 275 -29.62 9.40 -30.99
CA MET A 275 -30.33 8.17 -30.64
C MET A 275 -31.53 7.93 -31.53
N SER A 276 -32.17 9.00 -32.03
CA SER A 276 -33.29 8.83 -32.96
C SER A 276 -32.85 8.24 -34.29
N LYS A 277 -31.55 8.05 -34.51
CA LYS A 277 -31.04 7.37 -35.68
C LYS A 277 -30.26 6.11 -35.35
N ARG A 278 -29.67 6.01 -34.15
CA ARG A 278 -28.88 4.84 -33.79
C ARG A 278 -29.71 3.58 -33.61
N THR A 279 -31.03 3.64 -33.74
CA THR A 279 -31.87 2.48 -33.48
C THR A 279 -31.63 1.40 -34.53
N LYS A 280 -31.80 1.75 -35.80
CA LYS A 280 -31.68 0.77 -36.89
C LYS A 280 -30.27 0.77 -37.48
N CYS A 281 -29.31 0.52 -36.60
CA CYS A 281 -27.94 0.28 -37.05
C CYS A 281 -27.34 -0.98 -36.44
N LEU A 282 -27.66 -1.28 -35.20
CA LEU A 282 -27.21 -2.52 -34.56
C LEU A 282 -28.19 -3.65 -34.86
N GLN A 283 -28.32 -3.96 -36.14
CA GLN A 283 -29.26 -4.96 -36.61
C GLN A 283 -28.60 -6.23 -37.10
N GLN A 284 -27.47 -6.12 -37.80
CA GLN A 284 -26.73 -7.31 -38.17
C GLN A 284 -26.34 -8.14 -36.97
N TRP A 285 -26.04 -7.51 -35.84
CA TRP A 285 -25.70 -8.25 -34.65
C TRP A 285 -26.89 -8.92 -33.99
N ARG A 286 -28.08 -8.30 -34.01
CA ARG A 286 -29.26 -9.03 -33.55
C ARG A 286 -29.53 -10.22 -34.44
N ASP A 287 -29.41 -10.04 -35.75
CA ASP A 287 -29.61 -11.14 -36.67
C ASP A 287 -28.64 -12.28 -36.38
N LEU A 288 -27.36 -11.95 -36.20
CA LEU A 288 -26.36 -12.97 -35.91
C LEU A 288 -26.64 -13.66 -34.58
N ALA A 289 -26.97 -12.88 -33.55
CA ALA A 289 -27.20 -13.48 -32.25
C ALA A 289 -28.41 -14.40 -32.26
N ARG A 290 -29.38 -14.13 -33.13
CA ARG A 290 -30.52 -15.04 -33.22
C ARG A 290 -30.19 -16.27 -34.06
N ARG A 291 -29.45 -16.10 -35.14
CA ARG A 291 -29.00 -17.25 -35.91
C ARG A 291 -28.10 -18.14 -35.08
N THR A 292 -27.44 -17.60 -34.07
CA THR A 292 -26.65 -18.44 -33.17
C THR A 292 -27.51 -19.39 -32.37
N GLU A 293 -28.78 -19.07 -32.15
CA GLU A 293 -29.65 -19.95 -31.37
C GLU A 293 -30.56 -20.80 -32.23
N THR A 294 -30.92 -20.32 -33.43
CA THR A 294 -31.92 -20.98 -34.25
C THR A 294 -31.31 -21.83 -35.37
N VAL A 295 -30.21 -22.54 -35.07
CA VAL A 295 -29.66 -23.52 -36.00
C VAL A 295 -29.64 -24.89 -35.33
N ARG A 296 -30.22 -25.88 -36.00
CA ARG A 296 -30.18 -27.27 -35.54
C ARG A 296 -29.87 -28.14 -36.76
N ARG A 297 -28.58 -28.31 -37.04
CA ARG A 297 -28.19 -29.22 -38.12
C ARG A 297 -27.00 -30.11 -37.80
N GLU A 298 -26.12 -29.72 -36.87
CA GLU A 298 -25.06 -30.59 -36.35
C GLU A 298 -24.14 -31.08 -37.47
N VAL A 299 -23.38 -30.13 -38.02
CA VAL A 299 -22.23 -30.45 -38.85
C VAL A 299 -21.01 -30.58 -37.95
N CYS A 300 -20.28 -31.68 -38.07
CA CYS A 300 -19.17 -32.00 -37.18
C CYS A 300 -17.88 -31.99 -37.99
N ILE A 301 -16.91 -31.20 -37.53
CA ILE A 301 -15.64 -31.01 -38.21
C ILE A 301 -14.51 -31.50 -37.31
N ALA A 302 -13.48 -32.07 -37.92
CA ALA A 302 -12.33 -32.59 -37.18
C ALA A 302 -11.18 -31.61 -37.27
N VAL A 303 -10.59 -31.29 -36.13
CA VAL A 303 -9.43 -30.43 -36.04
C VAL A 303 -8.29 -31.28 -35.50
N VAL A 304 -7.38 -31.69 -36.38
CA VAL A 304 -6.26 -32.55 -36.00
C VAL A 304 -5.04 -31.65 -35.86
N GLY A 305 -4.82 -31.16 -34.64
CA GLY A 305 -3.70 -30.30 -34.33
C GLY A 305 -2.91 -30.82 -33.15
N LYS A 306 -1.88 -30.06 -32.80
CA LYS A 306 -0.96 -30.48 -31.75
C LYS A 306 -1.32 -29.93 -30.39
N TYR A 307 -1.70 -28.66 -30.30
CA TYR A 307 -1.87 -27.97 -29.02
C TYR A 307 -3.29 -28.07 -28.48
N THR A 308 -4.01 -29.14 -28.81
CA THR A 308 -5.44 -29.24 -28.50
C THR A 308 -5.67 -29.58 -27.03
N LYS A 309 -5.12 -28.74 -26.17
CA LYS A 309 -5.32 -28.87 -24.73
C LYS A 309 -6.00 -27.65 -24.12
N PHE A 310 -5.61 -26.45 -24.54
CA PHE A 310 -6.25 -25.21 -24.12
C PHE A 310 -7.02 -24.66 -25.31
N THR A 311 -8.31 -24.41 -25.11
CA THR A 311 -9.16 -24.05 -26.24
C THR A 311 -9.02 -22.59 -26.63
N ASP A 312 -7.77 -22.14 -26.76
CA ASP A 312 -7.47 -20.85 -27.34
C ASP A 312 -6.28 -20.91 -28.28
N SER A 313 -5.65 -22.07 -28.44
CA SER A 313 -4.53 -22.19 -29.36
C SER A 313 -4.97 -22.09 -30.81
N TYR A 314 -6.26 -22.26 -31.08
CA TYR A 314 -6.77 -22.19 -32.44
C TYR A 314 -7.89 -21.17 -32.57
N ALA A 315 -7.92 -20.15 -31.71
CA ALA A 315 -9.00 -19.19 -31.68
C ALA A 315 -9.40 -18.73 -33.07
N SER A 316 -8.42 -18.42 -33.91
CA SER A 316 -8.74 -17.94 -35.26
C SER A 316 -9.41 -19.03 -36.08
N VAL A 317 -8.91 -20.26 -35.98
CA VAL A 317 -9.48 -21.36 -36.76
C VAL A 317 -10.91 -21.61 -36.33
N VAL A 318 -11.14 -21.67 -35.03
CA VAL A 318 -12.48 -21.95 -34.52
C VAL A 318 -13.43 -20.83 -34.90
N LYS A 319 -13.01 -19.59 -34.74
CA LYS A 319 -13.90 -18.49 -35.06
C LYS A 319 -14.06 -18.28 -36.56
N ALA A 320 -13.22 -18.90 -37.38
CA ALA A 320 -13.45 -18.88 -38.82
C ALA A 320 -14.31 -20.04 -39.27
N LEU A 321 -14.33 -21.14 -38.52
CA LEU A 321 -15.28 -22.21 -38.82
C LEU A 321 -16.68 -21.81 -38.39
N GLN A 322 -16.81 -21.15 -37.25
CA GLN A 322 -18.13 -20.78 -36.76
C GLN A 322 -18.80 -19.77 -37.69
N HIS A 323 -18.01 -18.84 -38.25
CA HIS A 323 -18.58 -17.89 -39.18
C HIS A 323 -19.17 -18.57 -40.39
N ALA A 324 -18.43 -19.51 -40.99
CA ALA A 324 -18.96 -20.23 -42.15
C ALA A 324 -20.18 -21.06 -41.78
N ALA A 325 -20.12 -21.78 -40.66
CA ALA A 325 -21.25 -22.60 -40.26
C ALA A 325 -22.49 -21.75 -40.02
N LEU A 326 -22.33 -20.54 -39.48
CA LEU A 326 -23.47 -19.66 -39.31
C LEU A 326 -23.96 -19.12 -40.64
N ALA A 327 -23.05 -18.90 -41.59
CA ALA A 327 -23.48 -18.39 -42.88
C ALA A 327 -24.21 -19.44 -43.70
N VAL A 328 -23.91 -20.72 -43.50
CA VAL A 328 -24.61 -21.80 -44.18
C VAL A 328 -25.89 -22.19 -43.44
N ASN A 329 -26.07 -21.71 -42.21
CA ASN A 329 -27.22 -22.02 -41.37
C ASN A 329 -27.19 -23.44 -40.84
N ARG A 330 -26.00 -23.96 -40.56
CA ARG A 330 -25.83 -25.22 -39.86
C ARG A 330 -25.22 -24.96 -38.49
N LYS A 331 -25.29 -25.95 -37.62
CA LYS A 331 -24.81 -25.83 -36.25
C LYS A 331 -23.50 -26.56 -36.11
N LEU A 332 -22.44 -25.84 -35.78
CA LEU A 332 -21.12 -26.43 -35.72
C LEU A 332 -20.98 -27.34 -34.51
N GLU A 333 -20.12 -28.35 -34.66
CA GLU A 333 -19.79 -29.24 -33.55
C GLU A 333 -18.34 -29.67 -33.75
N LEU A 334 -17.43 -28.98 -33.07
CA LEU A 334 -16.02 -29.24 -33.28
C LEU A 334 -15.55 -30.42 -32.43
N VAL A 335 -14.69 -31.25 -33.03
CA VAL A 335 -13.98 -32.28 -32.30
C VAL A 335 -12.49 -32.00 -32.43
N PHE A 336 -11.79 -32.07 -31.31
CA PHE A 336 -10.36 -31.78 -31.27
C PHE A 336 -9.60 -33.09 -31.17
N ILE A 337 -8.79 -33.37 -32.19
CA ILE A 337 -8.06 -34.62 -32.30
C ILE A 337 -6.58 -34.32 -32.24
N GLU A 338 -5.89 -34.93 -31.28
CA GLU A 338 -4.44 -34.82 -31.26
C GLU A 338 -3.85 -35.52 -32.48
N SER A 339 -2.77 -34.96 -33.01
CA SER A 339 -2.12 -35.57 -34.15
C SER A 339 -1.07 -36.59 -33.73
N CYS A 340 -0.73 -36.65 -32.45
CA CYS A 340 0.21 -37.67 -31.97
C CYS A 340 -0.49 -38.94 -31.53
N LEU A 341 -1.76 -38.87 -31.16
CA LEU A 341 -2.54 -40.09 -30.91
C LEU A 341 -3.11 -40.63 -32.21
N LEU A 342 -2.25 -40.71 -33.23
CA LEU A 342 -2.60 -41.29 -34.51
C LEU A 342 -1.47 -42.11 -35.12
N GLU A 343 -0.32 -42.19 -34.45
CA GLU A 343 0.81 -42.98 -34.90
C GLU A 343 0.89 -44.26 -34.09
N GLU A 344 1.56 -45.26 -34.68
CA GLU A 344 1.68 -46.56 -34.03
C GLU A 344 2.39 -46.48 -32.69
N GLU A 345 3.09 -45.37 -32.43
CA GLU A 345 3.84 -45.23 -31.18
C GLU A 345 2.91 -45.27 -29.97
N THR A 346 1.69 -44.77 -30.11
CA THR A 346 0.71 -44.95 -29.05
C THR A 346 -0.07 -46.25 -29.20
N LEU A 347 -0.15 -46.79 -30.42
CA LEU A 347 -0.72 -48.13 -30.59
C LEU A 347 0.02 -49.14 -29.74
N HIS A 348 1.34 -48.99 -29.62
CA HIS A 348 2.12 -49.85 -28.75
C HIS A 348 2.01 -49.48 -27.28
N SER A 349 1.55 -48.26 -26.97
CA SER A 349 1.48 -47.80 -25.58
C SER A 349 0.07 -47.63 -25.06
N GLU A 350 -0.83 -47.06 -25.85
CA GLU A 350 -2.22 -46.85 -25.43
C GLU A 350 -3.16 -47.11 -26.59
N PRO A 351 -3.41 -48.38 -26.90
CA PRO A 351 -4.34 -48.70 -27.98
C PRO A 351 -5.75 -48.21 -27.72
N SER A 352 -6.16 -48.11 -26.46
CA SER A 352 -7.49 -47.59 -26.13
C SER A 352 -7.66 -46.18 -26.68
N LYS A 353 -6.78 -45.26 -26.26
CA LYS A 353 -6.86 -43.90 -26.76
C LYS A 353 -6.60 -43.83 -28.25
N TYR A 354 -5.69 -44.67 -28.75
CA TYR A 354 -5.44 -44.70 -30.20
C TYR A 354 -6.73 -44.95 -30.96
N HIS A 355 -7.45 -46.01 -30.60
CA HIS A 355 -8.69 -46.34 -31.29
C HIS A 355 -9.76 -45.30 -31.04
N LYS A 356 -9.81 -44.71 -29.84
CA LYS A 356 -10.82 -43.70 -29.58
C LYS A 356 -10.64 -42.49 -30.49
N GLU A 357 -9.40 -41.98 -30.58
CA GLU A 357 -9.15 -40.84 -31.46
C GLU A 357 -9.38 -41.20 -32.91
N TRP A 358 -8.97 -42.39 -33.34
CA TRP A 358 -9.19 -42.76 -34.73
C TRP A 358 -10.68 -42.89 -35.02
N GLN A 359 -11.48 -43.34 -34.05
CA GLN A 359 -12.92 -43.39 -34.26
C GLN A 359 -13.51 -41.99 -34.37
N LYS A 360 -13.11 -41.09 -33.47
CA LYS A 360 -13.56 -39.70 -33.56
C LYS A 360 -13.24 -39.11 -34.91
N LEU A 361 -12.05 -39.37 -35.43
CA LEU A 361 -11.70 -38.90 -36.76
C LEU A 361 -12.54 -39.59 -37.83
N CYS A 362 -12.94 -40.83 -37.58
CA CYS A 362 -13.69 -41.58 -38.59
C CYS A 362 -15.09 -41.02 -38.75
N ASP A 363 -15.82 -40.83 -37.65
CA ASP A 363 -17.21 -40.39 -37.75
C ASP A 363 -17.27 -38.86 -37.64
N SER A 364 -16.79 -38.21 -38.70
CA SER A 364 -16.78 -36.75 -38.74
C SER A 364 -16.87 -36.31 -40.19
N HIS A 365 -17.80 -35.40 -40.47
CA HIS A 365 -18.10 -35.05 -41.84
C HIS A 365 -16.95 -34.33 -42.54
N GLY A 366 -15.97 -33.83 -41.80
CA GLY A 366 -14.91 -33.07 -42.43
C GLY A 366 -13.65 -33.08 -41.59
N ILE A 367 -12.54 -32.80 -42.26
CA ILE A 367 -11.23 -32.82 -41.62
C ILE A 367 -10.55 -31.48 -41.88
N LEU A 368 -9.83 -30.98 -40.88
CA LEU A 368 -9.11 -29.74 -40.99
C LEU A 368 -7.75 -29.87 -40.34
N VAL A 369 -6.68 -29.66 -41.11
CA VAL A 369 -5.33 -29.74 -40.60
C VAL A 369 -4.77 -28.33 -40.42
N PRO A 370 -4.65 -27.84 -39.18
CA PRO A 370 -4.15 -26.47 -38.99
C PRO A 370 -2.67 -26.38 -39.26
N GLY A 371 -2.11 -25.18 -39.10
CA GLY A 371 -0.68 -24.98 -39.15
C GLY A 371 -0.02 -25.31 -37.83
N GLY A 372 1.25 -24.95 -37.74
CA GLY A 372 2.00 -25.19 -36.53
C GLY A 372 3.49 -25.16 -36.82
N PHE A 373 4.26 -25.46 -35.78
CA PHE A 373 5.71 -25.42 -35.86
C PHE A 373 6.30 -26.62 -35.15
N GLY A 374 7.33 -27.19 -35.74
CA GLY A 374 8.07 -28.28 -35.14
C GLY A 374 7.89 -29.59 -35.88
N SER A 375 8.33 -30.66 -35.24
CA SER A 375 8.24 -31.99 -35.81
C SER A 375 7.32 -32.93 -35.04
N ARG A 376 6.96 -32.59 -33.80
CA ARG A 376 6.03 -33.42 -33.05
C ARG A 376 4.69 -33.48 -33.77
N GLY A 377 4.10 -34.68 -33.80
CA GLY A 377 2.81 -34.86 -34.43
C GLY A 377 2.75 -34.55 -35.90
N MET A 378 3.90 -34.41 -36.57
CA MET A 378 3.87 -34.12 -37.99
C MET A 378 3.47 -35.34 -38.81
N GLU A 379 3.75 -36.54 -38.32
CA GLU A 379 3.38 -37.74 -39.07
C GLU A 379 1.89 -38.08 -38.91
N GLY A 380 1.29 -37.72 -37.78
CA GLY A 380 -0.13 -37.91 -37.62
C GLY A 380 -0.92 -37.12 -38.65
N LYS A 381 -0.43 -35.93 -39.00
CA LYS A 381 -1.07 -35.16 -40.06
C LYS A 381 -0.96 -35.89 -41.39
N ILE A 382 0.19 -36.55 -41.65
CA ILE A 382 0.31 -37.34 -42.87
C ILE A 382 -0.70 -38.48 -42.87
N ARG A 383 -0.85 -39.14 -41.72
CA ARG A 383 -1.84 -40.20 -41.60
C ARG A 383 -3.24 -39.69 -41.91
N ALA A 384 -3.59 -38.52 -41.37
CA ALA A 384 -4.92 -37.98 -41.59
C ALA A 384 -5.13 -37.60 -43.04
N CYS A 385 -4.12 -37.00 -43.68
CA CYS A 385 -4.24 -36.67 -45.10
C CYS A 385 -4.42 -37.94 -45.93
N GLN A 386 -3.69 -39.00 -45.59
CA GLN A 386 -3.83 -40.27 -46.31
C GLN A 386 -5.24 -40.83 -46.15
N TRP A 387 -5.76 -40.82 -44.91
CA TRP A 387 -7.08 -41.35 -44.66
C TRP A 387 -8.15 -40.57 -45.42
N ALA A 388 -8.07 -39.25 -45.37
CA ALA A 388 -9.05 -38.42 -46.06
C ALA A 388 -8.87 -38.45 -47.56
N ARG A 389 -7.71 -38.89 -48.06
CA ARG A 389 -7.52 -39.05 -49.49
C ARG A 389 -8.06 -40.37 -49.99
N GLU A 390 -7.93 -41.43 -49.20
CA GLU A 390 -8.40 -42.75 -49.61
C GLU A 390 -9.81 -43.04 -49.13
N ASN A 391 -10.46 -42.12 -48.42
CA ASN A 391 -11.83 -42.32 -47.98
C ASN A 391 -12.80 -41.31 -48.55
N GLN A 392 -12.35 -40.42 -49.43
CA GLN A 392 -13.19 -39.39 -50.03
C GLN A 392 -13.90 -38.56 -48.94
N LYS A 393 -13.09 -37.89 -48.13
CA LYS A 393 -13.57 -37.05 -47.05
C LYS A 393 -12.97 -35.66 -47.20
N PRO A 394 -13.77 -34.60 -47.12
CA PRO A 394 -13.23 -33.26 -47.37
C PRO A 394 -12.15 -32.88 -46.37
N LEU A 395 -11.19 -32.10 -46.83
CA LEU A 395 -10.04 -31.73 -46.01
C LEU A 395 -9.52 -30.38 -46.44
N LEU A 396 -9.02 -29.60 -45.48
CA LEU A 396 -8.45 -28.29 -45.73
C LEU A 396 -7.15 -28.14 -44.97
N GLY A 397 -6.12 -27.68 -45.64
CA GLY A 397 -4.81 -27.49 -45.03
C GLY A 397 -4.34 -26.06 -45.15
N ILE A 398 -3.83 -25.53 -44.04
CA ILE A 398 -3.48 -24.13 -43.95
C ILE A 398 -2.01 -24.04 -43.58
N CYS A 399 -1.14 -23.86 -44.58
CA CYS A 399 0.25 -23.44 -44.43
C CYS A 399 1.11 -24.54 -43.83
N LEU A 400 0.47 -25.59 -43.33
CA LEU A 400 1.15 -26.82 -42.95
C LEU A 400 0.44 -28.04 -43.49
N GLY A 401 -0.84 -27.95 -43.79
CA GLY A 401 -1.48 -28.98 -44.57
C GLY A 401 -0.95 -29.03 -45.98
N LEU A 402 -0.62 -27.87 -46.55
CA LEU A 402 -0.01 -27.87 -47.88
C LEU A 402 1.34 -28.58 -47.87
N GLN A 403 1.95 -28.73 -46.70
CA GLN A 403 3.17 -29.52 -46.61
C GLN A 403 2.87 -30.98 -46.30
N ALA A 404 2.05 -31.23 -45.27
CA ALA A 404 1.74 -32.57 -44.83
C ALA A 404 0.85 -33.33 -45.81
N ALA A 405 0.35 -32.68 -46.85
CA ALA A 405 -0.40 -33.35 -47.90
C ALA A 405 0.45 -33.65 -49.11
N VAL A 406 1.32 -32.72 -49.51
CA VAL A 406 2.28 -33.02 -50.56
C VAL A 406 3.20 -34.15 -50.11
N ILE A 407 3.61 -34.13 -48.84
CA ILE A 407 4.43 -35.20 -48.29
C ILE A 407 3.74 -36.54 -48.47
N GLU A 408 2.49 -36.63 -48.01
CA GLU A 408 1.73 -37.87 -48.17
C GLU A 408 1.63 -38.24 -49.64
N PHE A 409 0.98 -37.39 -50.44
CA PHE A 409 0.82 -37.65 -51.88
C PHE A 409 2.07 -38.24 -52.50
N ALA A 410 3.22 -37.59 -52.31
CA ALA A 410 4.47 -38.12 -52.83
C ALA A 410 4.75 -39.52 -52.27
N ARG A 411 4.74 -39.65 -50.95
CA ARG A 411 5.18 -40.90 -50.32
C ARG A 411 4.30 -42.07 -50.73
N ASN A 412 2.98 -41.89 -50.75
CA ASN A 412 2.03 -42.97 -50.95
C ASN A 412 1.35 -42.92 -52.31
N LYS A 413 1.91 -42.19 -53.27
CA LYS A 413 1.49 -42.31 -54.67
C LYS A 413 2.65 -42.37 -55.65
N LEU A 414 3.87 -42.06 -55.24
CA LEU A 414 5.04 -42.27 -56.07
C LEU A 414 6.13 -43.04 -55.34
N GLY A 415 5.87 -43.48 -54.11
CA GLY A 415 6.75 -44.39 -53.41
C GLY A 415 8.00 -43.80 -52.81
N LEU A 416 8.19 -42.49 -52.88
CA LEU A 416 9.40 -41.88 -52.35
C LEU A 416 9.29 -41.89 -50.82
N LYS A 417 9.60 -43.04 -50.23
CA LYS A 417 9.63 -43.15 -48.78
C LYS A 417 10.56 -42.12 -48.15
N ASP A 418 11.58 -41.68 -48.88
CA ASP A 418 12.51 -40.67 -48.39
C ASP A 418 11.91 -39.27 -48.33
N ALA A 419 10.68 -39.08 -48.83
CA ALA A 419 10.08 -37.75 -48.82
C ALA A 419 9.89 -37.26 -47.39
N ASN A 420 10.27 -36.00 -47.17
CA ASN A 420 10.11 -35.36 -45.86
C ASN A 420 10.38 -33.87 -46.04
N THR A 421 10.35 -33.15 -44.92
CA THR A 421 10.61 -31.73 -44.88
C THR A 421 12.02 -31.48 -44.37
N THR A 422 12.70 -30.49 -44.96
CA THR A 422 14.05 -30.16 -44.53
C THR A 422 14.15 -29.93 -43.03
N GLU A 423 13.06 -29.55 -42.37
CA GLU A 423 13.09 -29.46 -40.91
C GLU A 423 13.10 -30.85 -40.28
N ILE A 424 12.25 -31.75 -40.77
CA ILE A 424 12.08 -33.04 -40.12
C ILE A 424 13.36 -33.87 -40.23
N ASP A 425 13.86 -34.04 -41.45
CA ASP A 425 15.08 -34.82 -41.71
C ASP A 425 15.97 -34.00 -42.63
N PRO A 426 17.00 -33.34 -42.11
CA PRO A 426 17.86 -32.52 -42.97
C PRO A 426 18.70 -33.33 -43.92
N ASN A 427 19.00 -34.59 -43.60
CA ASN A 427 19.89 -35.43 -44.40
C ASN A 427 19.14 -36.25 -45.43
N THR A 428 17.91 -35.87 -45.76
CA THR A 428 17.14 -36.64 -46.73
C THR A 428 17.66 -36.41 -48.14
N ALA A 429 17.66 -37.46 -48.94
CA ALA A 429 17.95 -37.33 -50.37
C ALA A 429 16.71 -36.96 -51.17
N ASN A 430 15.52 -37.07 -50.57
CA ASN A 430 14.26 -36.66 -51.18
C ASN A 430 13.67 -35.57 -50.31
N ALA A 431 13.99 -34.32 -50.64
CA ALA A 431 13.49 -33.16 -49.91
C ALA A 431 12.32 -32.60 -50.71
N LEU A 432 11.11 -33.05 -50.37
CA LEU A 432 9.93 -32.62 -51.11
C LEU A 432 9.61 -31.16 -50.86
N VAL A 433 10.00 -30.62 -49.71
CA VAL A 433 9.81 -29.22 -49.38
C VAL A 433 11.10 -28.68 -48.78
N ILE A 434 11.62 -27.62 -49.38
CA ILE A 434 12.90 -27.04 -48.99
C ILE A 434 12.67 -25.60 -48.56
N ASP A 435 13.51 -25.13 -47.64
CA ASP A 435 13.42 -23.76 -47.19
C ASP A 435 13.75 -22.80 -48.33
N MET A 436 13.46 -21.52 -48.12
CA MET A 436 13.90 -20.46 -49.01
C MET A 436 14.34 -19.25 -48.20
N PRO A 437 15.33 -19.41 -47.30
CA PRO A 437 15.86 -18.27 -46.54
C PRO A 437 17.11 -17.65 -47.19
N GLU A 438 16.89 -16.94 -48.31
CA GLU A 438 17.97 -16.25 -49.01
C GLU A 438 17.97 -14.75 -48.76
N HIS A 439 17.30 -14.30 -47.71
CA HIS A 439 17.09 -12.88 -47.44
C HIS A 439 18.39 -12.12 -47.21
N HIS A 440 19.03 -12.41 -46.08
CA HIS A 440 20.28 -11.81 -45.61
C HIS A 440 20.07 -10.34 -45.23
N THR A 441 18.99 -9.72 -45.70
CA THR A 441 18.50 -8.48 -45.09
C THR A 441 16.98 -8.35 -45.17
N GLY A 442 16.26 -9.34 -45.71
CA GLY A 442 14.81 -9.30 -45.78
C GLY A 442 14.20 -8.88 -47.10
N GLN A 443 15.00 -8.62 -48.14
CA GLN A 443 14.44 -8.11 -49.40
C GLN A 443 14.03 -9.25 -50.32
N LEU A 444 14.75 -10.36 -50.28
CA LEU A 444 14.34 -11.56 -51.01
C LEU A 444 13.20 -12.22 -50.24
N GLY A 445 12.74 -13.37 -50.72
CA GLY A 445 11.77 -14.15 -49.97
C GLY A 445 12.33 -14.45 -48.60
N GLY A 446 13.38 -15.25 -48.56
CA GLY A 446 14.23 -15.29 -47.38
C GLY A 446 13.53 -15.72 -46.12
N THR A 447 13.48 -14.82 -45.15
CA THR A 447 12.91 -15.11 -43.84
C THR A 447 11.40 -15.30 -43.98
N MET A 448 10.77 -15.66 -42.86
CA MET A 448 9.34 -15.97 -42.83
C MET A 448 8.56 -14.95 -43.65
N ARG A 449 7.85 -15.44 -44.66
CA ARG A 449 7.20 -14.55 -45.61
C ARG A 449 6.03 -13.86 -44.94
N LEU A 450 6.33 -13.00 -43.96
CA LEU A 450 5.30 -12.47 -43.09
C LEU A 450 4.51 -11.36 -43.76
N GLY A 451 3.27 -11.18 -43.31
CA GLY A 451 2.43 -10.15 -43.85
C GLY A 451 1.58 -10.64 -44.99
N LYS A 452 0.98 -9.69 -45.69
CA LYS A 452 0.14 -10.03 -46.82
C LYS A 452 0.91 -9.89 -48.12
N ARG A 453 0.70 -10.84 -49.02
CA ARG A 453 1.39 -10.86 -50.29
C ARG A 453 0.39 -11.00 -51.42
N ILE A 454 0.86 -11.25 -52.63
CA ILE A 454 0.00 -11.40 -53.80
C ILE A 454 0.00 -12.86 -54.22
N THR A 455 -1.19 -13.39 -54.49
CA THR A 455 -1.37 -14.76 -54.97
C THR A 455 -2.28 -14.74 -56.18
N VAL A 456 -1.73 -15.03 -57.35
CA VAL A 456 -2.49 -15.07 -58.60
C VAL A 456 -2.80 -16.52 -58.92
N PHE A 457 -3.99 -16.76 -59.46
CA PHE A 457 -4.38 -18.10 -59.86
C PHE A 457 -3.87 -18.41 -61.25
N SER A 458 -3.23 -19.57 -61.41
CA SER A 458 -2.91 -20.04 -62.74
C SER A 458 -4.19 -20.46 -63.44
N ASP A 459 -4.06 -20.86 -64.70
CA ASP A 459 -5.23 -21.08 -65.53
C ASP A 459 -5.81 -22.47 -65.27
N GLY A 460 -7.13 -22.57 -65.42
CA GLY A 460 -7.82 -23.82 -65.22
C GLY A 460 -8.97 -23.72 -64.25
N PRO A 461 -10.01 -24.54 -64.45
CA PRO A 461 -11.17 -24.52 -63.54
C PRO A 461 -10.79 -25.03 -62.17
N SER A 462 -11.12 -24.25 -61.14
CA SER A 462 -10.76 -24.59 -59.78
C SER A 462 -11.89 -24.25 -58.84
N VAL A 463 -12.20 -25.17 -57.94
CA VAL A 463 -13.30 -24.97 -57.00
C VAL A 463 -13.01 -23.81 -56.06
N ILE A 464 -11.78 -23.74 -55.54
CA ILE A 464 -11.45 -22.66 -54.61
C ILE A 464 -11.47 -21.32 -55.33
N ARG A 465 -11.02 -21.29 -56.59
CA ARG A 465 -11.07 -20.06 -57.37
C ARG A 465 -12.51 -19.62 -57.57
N GLN A 466 -13.40 -20.55 -57.91
CA GLN A 466 -14.81 -20.22 -58.02
C GLN A 466 -15.35 -19.71 -56.68
N LEU A 467 -14.88 -20.30 -55.59
CA LEU A 467 -15.34 -19.90 -54.26
C LEU A 467 -14.98 -18.45 -53.99
N TYR A 468 -13.75 -18.06 -54.28
CA TYR A 468 -13.34 -16.67 -54.06
C TYR A 468 -14.11 -15.68 -54.93
N GLY A 469 -14.92 -16.16 -55.87
CA GLY A 469 -15.58 -15.31 -56.82
C GLY A 469 -14.89 -15.21 -58.17
N ASN A 470 -14.00 -16.15 -58.49
CA ASN A 470 -13.14 -16.11 -59.66
C ASN A 470 -12.50 -14.73 -59.88
N PRO A 471 -11.66 -14.28 -58.96
CA PRO A 471 -10.81 -13.12 -59.23
C PRO A 471 -9.46 -13.59 -59.74
N LYS A 472 -8.64 -12.62 -60.14
CA LYS A 472 -7.32 -12.98 -60.65
C LYS A 472 -6.31 -13.16 -59.52
N SER A 473 -6.40 -12.32 -58.48
CA SER A 473 -5.45 -12.41 -57.38
C SER A 473 -6.14 -12.08 -56.07
N VAL A 474 -5.69 -12.73 -55.01
CA VAL A 474 -6.16 -12.46 -53.65
C VAL A 474 -4.95 -12.33 -52.75
N GLN A 475 -5.08 -11.47 -51.75
CA GLN A 475 -4.01 -11.21 -50.79
C GLN A 475 -4.37 -11.84 -49.46
N GLU A 476 -3.58 -12.80 -49.03
CA GLU A 476 -3.74 -13.41 -47.72
C GLU A 476 -2.44 -13.24 -46.94
N ARG A 477 -2.42 -13.74 -45.72
CA ARG A 477 -1.34 -13.45 -44.78
C ARG A 477 -0.51 -14.71 -44.55
N HIS A 478 0.73 -14.70 -45.03
CA HIS A 478 1.63 -15.85 -44.92
C HIS A 478 2.49 -15.76 -43.68
N ARG A 479 2.80 -16.91 -43.11
CA ARG A 479 3.74 -17.02 -42.00
C ARG A 479 4.62 -18.25 -42.19
N HIS A 480 5.13 -18.43 -43.41
CA HIS A 480 5.89 -19.61 -43.77
C HIS A 480 7.22 -19.23 -44.39
N ARG A 481 8.20 -20.12 -44.25
CA ARG A 481 9.49 -19.98 -44.91
C ARG A 481 9.78 -21.07 -45.94
N TYR A 482 9.25 -22.27 -45.73
CA TYR A 482 9.50 -23.38 -46.62
C TYR A 482 8.71 -23.22 -47.92
N GLU A 483 8.77 -24.24 -48.76
CA GLU A 483 8.09 -24.24 -50.05
C GLU A 483 8.25 -25.61 -50.67
N VAL A 484 7.37 -25.90 -51.63
CA VAL A 484 7.45 -27.16 -52.36
C VAL A 484 8.69 -27.17 -53.22
N ASN A 485 9.39 -28.29 -53.22
CA ASN A 485 10.62 -28.42 -54.01
C ASN A 485 10.28 -28.26 -55.50
N PRO A 486 10.92 -27.32 -56.21
CA PRO A 486 10.57 -27.08 -57.60
C PRO A 486 11.05 -28.13 -58.59
N LYS A 487 11.56 -29.27 -58.12
CA LYS A 487 11.92 -30.36 -59.02
C LYS A 487 11.00 -31.56 -58.89
N TYR A 488 10.17 -31.62 -57.85
CA TYR A 488 9.09 -32.59 -57.76
C TYR A 488 7.78 -32.05 -58.32
N VAL A 489 7.80 -30.87 -58.92
CA VAL A 489 6.56 -30.22 -59.34
C VAL A 489 5.85 -31.06 -60.39
N HIS A 490 6.53 -31.38 -61.49
CA HIS A 490 5.90 -32.19 -62.53
C HIS A 490 5.70 -33.62 -62.08
N LEU A 491 6.58 -34.12 -61.20
CA LEU A 491 6.45 -35.48 -60.69
C LEU A 491 5.16 -35.64 -59.89
N LEU A 492 4.76 -34.60 -59.16
CA LEU A 492 3.47 -34.64 -58.48
C LEU A 492 2.33 -34.15 -59.36
N GLU A 493 2.64 -33.46 -60.46
CA GLU A 493 1.57 -33.00 -61.34
C GLU A 493 1.09 -34.08 -62.30
N GLU A 494 1.93 -35.06 -62.65
CA GLU A 494 1.40 -36.09 -63.54
C GLU A 494 0.70 -37.14 -62.69
N GLN A 495 -0.13 -36.67 -61.76
CA GLN A 495 -0.84 -37.52 -60.82
C GLN A 495 -2.09 -36.74 -60.39
N GLY A 496 -2.71 -37.17 -59.30
CA GLY A 496 -3.94 -36.55 -58.88
C GLY A 496 -3.79 -35.20 -58.17
N MET A 497 -2.65 -34.53 -58.34
CA MET A 497 -2.41 -33.25 -57.69
C MET A 497 -2.34 -32.14 -58.73
N ARG A 498 -2.78 -30.96 -58.33
CA ARG A 498 -2.84 -29.78 -59.19
C ARG A 498 -2.08 -28.63 -58.52
N PHE A 499 -2.01 -27.50 -59.23
CA PHE A 499 -1.37 -26.30 -58.69
C PHE A 499 -2.04 -25.11 -59.37
N VAL A 500 -2.94 -24.44 -58.65
CA VAL A 500 -3.79 -23.41 -59.23
C VAL A 500 -3.32 -22.01 -58.88
N GLY A 501 -2.98 -21.76 -57.63
CA GLY A 501 -2.66 -20.41 -57.16
C GLY A 501 -1.21 -20.28 -56.78
N THR A 502 -0.62 -19.15 -57.12
CA THR A 502 0.78 -18.87 -56.80
C THR A 502 1.03 -17.38 -56.91
N ASP A 503 2.29 -16.98 -56.74
CA ASP A 503 2.68 -15.59 -56.76
C ASP A 503 3.05 -15.17 -58.18
N VAL A 504 3.67 -14.00 -58.32
CA VAL A 504 4.02 -13.49 -59.63
C VAL A 504 5.27 -14.14 -60.20
N ASP A 505 6.20 -14.58 -59.35
CA ASP A 505 7.40 -15.25 -59.84
C ASP A 505 7.14 -16.67 -60.32
N LYS A 506 6.06 -17.30 -59.85
CA LYS A 506 5.68 -18.66 -60.23
C LYS A 506 6.67 -19.71 -59.75
N THR A 507 7.43 -19.43 -58.69
CA THR A 507 8.24 -20.44 -58.05
C THR A 507 7.83 -20.67 -56.61
N ARG A 508 6.61 -20.26 -56.25
CA ARG A 508 6.06 -20.48 -54.91
C ARG A 508 4.64 -21.02 -55.11
N MET A 509 4.52 -22.33 -55.24
CA MET A 509 3.21 -22.96 -55.31
C MET A 509 2.56 -22.88 -53.94
N GLU A 510 1.36 -22.31 -53.88
CA GLU A 510 0.71 -22.12 -52.60
C GLU A 510 -0.74 -22.54 -52.54
N ILE A 511 -1.33 -23.04 -53.63
CA ILE A 511 -2.67 -23.58 -53.57
C ILE A 511 -2.73 -24.89 -54.34
N ILE A 512 -2.77 -26.00 -53.62
CA ILE A 512 -2.91 -27.33 -54.21
C ILE A 512 -4.36 -27.75 -54.12
N GLU A 513 -4.79 -28.58 -55.07
CA GLU A 513 -6.19 -28.97 -55.14
C GLU A 513 -6.27 -30.30 -55.88
N LEU A 514 -6.44 -31.39 -55.14
CA LEU A 514 -6.46 -32.72 -55.74
C LEU A 514 -7.58 -32.84 -56.76
N SER A 515 -7.42 -33.79 -57.68
CA SER A 515 -8.42 -34.08 -58.68
C SER A 515 -9.13 -35.39 -58.32
N GLY A 516 -10.42 -35.44 -58.63
CA GLY A 516 -11.25 -36.59 -58.30
C GLY A 516 -11.82 -36.54 -56.90
N HIS A 517 -11.04 -36.06 -55.94
CA HIS A 517 -11.53 -35.89 -54.59
C HIS A 517 -12.61 -34.81 -54.56
N PRO A 518 -13.65 -34.98 -53.74
CA PRO A 518 -14.66 -33.92 -53.64
C PRO A 518 -14.09 -32.60 -53.18
N TYR A 519 -13.24 -32.61 -52.15
CA TYR A 519 -12.67 -31.37 -51.62
C TYR A 519 -11.35 -31.72 -50.92
N PHE A 520 -10.24 -31.41 -51.56
CA PHE A 520 -8.92 -31.58 -50.95
C PHE A 520 -8.06 -30.35 -51.19
N VAL A 521 -8.62 -29.18 -50.89
CA VAL A 521 -7.85 -27.95 -50.99
C VAL A 521 -6.89 -27.88 -49.82
N ALA A 522 -5.73 -27.28 -50.06
CA ALA A 522 -4.77 -26.97 -49.02
C ALA A 522 -3.99 -25.74 -49.48
N THR A 523 -3.81 -24.79 -48.58
CA THR A 523 -3.23 -23.50 -48.93
C THR A 523 -2.03 -23.21 -48.05
N GLN A 524 -1.12 -22.41 -48.59
CA GLN A 524 0.12 -22.07 -47.90
C GLN A 524 -0.04 -20.84 -47.01
N TYR A 525 -1.07 -20.04 -47.20
CA TYR A 525 -1.29 -18.88 -46.37
C TYR A 525 -2.17 -19.25 -45.19
N HIS A 526 -2.68 -18.25 -44.47
CA HIS A 526 -3.57 -18.43 -43.34
C HIS A 526 -4.90 -17.76 -43.66
N PRO A 527 -5.84 -18.44 -44.32
CA PRO A 527 -7.09 -17.79 -44.69
C PRO A 527 -7.97 -17.44 -43.51
N GLU A 528 -7.62 -17.87 -42.30
CA GLU A 528 -8.46 -17.64 -41.14
C GLU A 528 -8.32 -16.25 -40.57
N TYR A 529 -7.24 -15.54 -40.90
CA TYR A 529 -7.02 -14.22 -40.34
C TYR A 529 -7.89 -13.17 -40.99
N LEU A 530 -8.45 -13.45 -42.16
CA LEU A 530 -9.24 -12.47 -42.89
C LEU A 530 -10.74 -12.75 -42.82
N SER A 531 -11.16 -13.65 -41.92
CA SER A 531 -12.57 -13.94 -41.77
C SER A 531 -13.22 -12.93 -40.84
N ARG A 532 -14.46 -12.57 -41.14
CA ARG A 532 -15.24 -11.65 -40.35
C ARG A 532 -16.63 -12.22 -40.16
N PRO A 533 -17.33 -11.83 -39.09
CA PRO A 533 -18.61 -12.50 -38.80
C PRO A 533 -19.64 -12.36 -39.89
N LEU A 534 -19.62 -11.26 -40.63
CA LEU A 534 -20.55 -11.05 -41.73
C LEU A 534 -19.88 -11.23 -43.09
N LYS A 535 -18.74 -11.92 -43.12
CA LYS A 535 -17.98 -12.14 -44.34
C LYS A 535 -17.03 -13.31 -44.10
N PRO A 536 -17.52 -14.53 -44.17
CA PRO A 536 -16.67 -15.69 -43.88
C PRO A 536 -15.59 -15.88 -44.92
N SER A 537 -14.70 -16.82 -44.64
CA SER A 537 -13.57 -17.04 -45.54
C SER A 537 -13.91 -18.13 -46.55
N PRO A 538 -13.50 -17.97 -47.81
CA PRO A 538 -13.91 -18.89 -48.86
C PRO A 538 -13.43 -20.31 -48.63
N PRO A 539 -12.18 -20.54 -48.19
CA PRO A 539 -11.78 -21.94 -47.95
C PRO A 539 -12.62 -22.63 -46.88
N PHE A 540 -12.89 -21.96 -45.76
CA PHE A 540 -13.70 -22.60 -44.73
C PHE A 540 -15.14 -22.77 -45.19
N LEU A 541 -15.66 -21.81 -45.94
CA LEU A 541 -16.99 -21.95 -46.50
C LEU A 541 -17.07 -23.17 -47.40
N GLY A 542 -16.08 -23.36 -48.26
CA GLY A 542 -16.05 -24.53 -49.12
C GLY A 542 -15.93 -25.82 -48.33
N LEU A 543 -15.10 -25.81 -47.30
CA LEU A 543 -14.98 -27.00 -46.46
C LEU A 543 -16.32 -27.38 -45.86
N ILE A 544 -17.01 -26.41 -45.27
CA ILE A 544 -18.30 -26.71 -44.63
C ILE A 544 -19.30 -27.20 -45.66
N LEU A 545 -19.37 -26.53 -46.81
CA LEU A 545 -20.34 -26.92 -47.83
C LEU A 545 -20.07 -28.33 -48.32
N ALA A 546 -18.84 -28.62 -48.73
CA ALA A 546 -18.51 -29.96 -49.18
C ALA A 546 -18.62 -30.98 -48.05
N SER A 547 -18.62 -30.54 -46.81
CA SER A 547 -18.75 -31.46 -45.69
C SER A 547 -20.20 -31.86 -45.47
N VAL A 548 -21.12 -30.92 -45.62
CA VAL A 548 -22.53 -31.22 -45.43
C VAL A 548 -23.14 -31.58 -46.79
N ASP A 549 -22.30 -31.65 -47.81
CA ASP A 549 -22.69 -32.04 -49.17
C ASP A 549 -23.73 -31.07 -49.74
N ARG A 550 -23.30 -29.82 -49.89
CA ARG A 550 -24.07 -28.82 -50.62
C ARG A 550 -23.20 -27.98 -51.52
N LEU A 551 -21.97 -28.42 -51.80
CA LEU A 551 -21.00 -27.56 -52.45
C LEU A 551 -21.42 -27.23 -53.88
N ASN A 552 -21.76 -28.26 -54.67
CA ASN A 552 -22.15 -28.02 -56.05
C ASN A 552 -23.41 -27.17 -56.13
N GLN A 553 -24.38 -27.45 -55.26
CA GLN A 553 -25.61 -26.66 -55.25
C GLN A 553 -25.32 -25.20 -54.92
N TYR A 554 -24.41 -24.94 -53.99
CA TYR A 554 -24.02 -23.56 -53.71
C TYR A 554 -23.31 -22.94 -54.91
N ILE A 555 -22.49 -23.73 -55.60
CA ILE A 555 -21.76 -23.22 -56.76
C ILE A 555 -22.74 -22.77 -57.84
N GLN A 556 -23.75 -23.58 -58.11
CA GLN A 556 -24.75 -23.22 -59.10
C GLN A 556 -25.60 -22.06 -58.58
N MET B 1 2.73 -21.37 25.33
CA MET B 1 2.03 -22.37 24.54
C MET B 1 2.49 -22.32 23.11
N LYS B 2 1.61 -22.73 22.20
CA LYS B 2 1.87 -22.66 20.77
C LYS B 2 0.59 -22.24 20.07
N TYR B 3 0.69 -21.25 19.21
CA TYR B 3 -0.46 -20.62 18.60
C TYR B 3 -0.48 -20.93 17.12
N ILE B 4 -1.68 -20.97 16.54
CA ILE B 4 -1.84 -21.19 15.10
C ILE B 4 -2.86 -20.17 14.62
N LEU B 5 -2.39 -19.03 14.13
CA LEU B 5 -3.29 -18.10 13.50
C LEU B 5 -3.78 -18.70 12.19
N VAL B 6 -5.06 -18.49 11.87
CA VAL B 6 -5.66 -18.98 10.64
C VAL B 6 -6.35 -17.80 9.98
N THR B 7 -5.63 -17.09 9.12
CA THR B 7 -6.18 -15.93 8.45
C THR B 7 -6.97 -16.37 7.22
N GLY B 8 -7.49 -15.41 6.48
CA GLY B 8 -8.39 -15.73 5.39
C GLY B 8 -8.04 -14.99 4.13
N GLY B 9 -8.38 -15.60 3.00
CA GLY B 9 -7.86 -15.14 1.73
C GLY B 9 -8.77 -14.25 0.91
N VAL B 10 -9.23 -14.78 -0.21
CA VAL B 10 -9.90 -13.95 -1.20
C VAL B 10 -11.25 -13.48 -0.68
N ILE B 11 -12.02 -14.39 -0.07
CA ILE B 11 -13.38 -14.10 0.37
C ILE B 11 -13.56 -14.59 1.79
N SER B 12 -14.70 -14.22 2.36
CA SER B 12 -15.14 -14.75 3.65
C SER B 12 -16.21 -15.80 3.40
N GLY B 13 -16.05 -16.96 4.00
CA GLY B 13 -16.80 -18.13 3.64
C GLY B 13 -16.01 -19.14 2.88
N VAL B 14 -14.68 -19.07 2.91
CA VAL B 14 -13.86 -19.99 2.15
C VAL B 14 -13.65 -21.30 2.90
N GLY B 15 -13.68 -21.27 4.23
CA GLY B 15 -13.42 -22.49 4.97
C GLY B 15 -12.49 -22.36 6.16
N LYS B 16 -12.24 -21.13 6.62
CA LYS B 16 -11.41 -20.94 7.80
C LYS B 16 -11.91 -21.75 8.97
N GLY B 17 -13.22 -21.78 9.18
CA GLY B 17 -13.75 -22.46 10.35
C GLY B 17 -13.51 -23.95 10.31
N VAL B 18 -13.75 -24.58 9.15
CA VAL B 18 -13.54 -26.01 9.04
C VAL B 18 -12.05 -26.35 9.10
N ILE B 19 -11.20 -25.51 8.52
CA ILE B 19 -9.77 -25.77 8.58
C ILE B 19 -9.27 -25.66 10.02
N ALA B 20 -9.72 -24.64 10.75
CA ALA B 20 -9.33 -24.51 12.14
C ALA B 20 -9.83 -25.68 12.98
N SER B 21 -11.09 -26.06 12.82
CA SER B 21 -11.59 -27.22 13.55
C SER B 21 -10.84 -28.49 13.17
N SER B 22 -10.35 -28.58 11.95
CA SER B 22 -9.60 -29.77 11.56
C SER B 22 -8.22 -29.79 12.21
N PHE B 23 -7.53 -28.65 12.23
CA PHE B 23 -6.31 -28.55 13.02
C PHE B 23 -6.57 -28.99 14.45
N GLY B 24 -7.67 -28.52 15.02
CA GLY B 24 -7.98 -28.86 16.39
C GLY B 24 -8.20 -30.34 16.59
N THR B 25 -9.00 -30.96 15.73
CA THR B 25 -9.30 -32.37 15.90
C THR B 25 -8.17 -33.28 15.44
N LEU B 26 -7.15 -32.74 14.80
CA LEU B 26 -5.94 -33.53 14.58
C LEU B 26 -5.03 -33.46 15.80
N LEU B 27 -4.70 -32.24 16.24
CA LEU B 27 -3.85 -32.11 17.41
C LEU B 27 -4.50 -32.68 18.66
N LYS B 28 -5.83 -32.84 18.65
CA LYS B 28 -6.50 -33.49 19.76
C LYS B 28 -6.37 -34.99 19.68
N SER B 29 -6.38 -35.55 18.48
CA SER B 29 -6.17 -36.98 18.36
C SER B 29 -4.74 -37.35 18.69
N CYS B 30 -3.79 -36.49 18.36
CA CYS B 30 -2.40 -36.80 18.65
C CYS B 30 -2.05 -36.69 20.13
N GLY B 31 -3.00 -36.35 20.99
CA GLY B 31 -2.80 -36.38 22.42
C GLY B 31 -2.84 -35.02 23.10
N LEU B 32 -2.66 -33.93 22.36
CA LEU B 32 -2.55 -32.62 22.98
C LEU B 32 -3.89 -32.16 23.54
N ASP B 33 -3.86 -31.01 24.21
CA ASP B 33 -5.05 -30.35 24.74
C ASP B 33 -5.19 -29.01 24.02
N VAL B 34 -6.19 -28.91 23.16
CA VAL B 34 -6.36 -27.76 22.29
C VAL B 34 -7.48 -26.88 22.81
N THR B 35 -7.31 -25.57 22.72
CA THR B 35 -8.37 -24.60 22.93
C THR B 35 -8.57 -23.84 21.62
N SER B 36 -9.43 -22.83 21.66
CA SER B 36 -9.69 -22.07 20.45
C SER B 36 -10.18 -20.69 20.81
N ILE B 37 -9.96 -19.76 19.88
CA ILE B 37 -10.46 -18.40 19.97
C ILE B 37 -10.96 -18.02 18.59
N LYS B 38 -12.06 -17.29 18.55
CA LYS B 38 -12.54 -16.72 17.30
C LYS B 38 -12.52 -15.22 17.45
N ILE B 39 -11.96 -14.55 16.46
CA ILE B 39 -11.79 -13.10 16.50
C ILE B 39 -12.71 -12.52 15.45
N ASP B 40 -13.75 -11.83 15.89
CA ASP B 40 -14.66 -11.18 14.97
C ASP B 40 -14.33 -9.70 14.90
N PRO B 41 -13.89 -9.19 13.79
CA PRO B 41 -13.57 -7.77 13.71
C PRO B 41 -14.77 -6.85 13.65
N TYR B 42 -15.96 -7.31 13.99
CA TYR B 42 -17.11 -6.40 14.02
C TYR B 42 -17.26 -5.77 15.40
N ILE B 43 -17.88 -4.59 15.43
CA ILE B 43 -18.00 -3.82 16.68
C ILE B 43 -19.32 -4.23 17.31
N ASN B 44 -19.29 -5.36 18.00
CA ASN B 44 -20.47 -5.86 18.68
C ASN B 44 -19.99 -6.62 19.90
N ILE B 45 -20.58 -6.32 21.06
CA ILE B 45 -20.13 -7.00 22.26
C ILE B 45 -20.39 -8.50 22.14
N ASP B 46 -21.56 -8.87 21.67
CA ASP B 46 -21.89 -10.27 21.44
C ASP B 46 -23.01 -10.35 20.40
N ALA B 47 -23.24 -11.55 19.89
CA ALA B 47 -24.24 -11.76 18.86
C ALA B 47 -25.66 -11.80 19.42
N GLY B 48 -25.86 -11.48 20.69
CA GLY B 48 -27.15 -11.59 21.32
C GLY B 48 -28.24 -10.74 20.70
N THR B 49 -27.88 -9.89 19.73
CA THR B 49 -28.87 -9.08 19.02
C THR B 49 -28.73 -9.23 17.51
N PHE B 50 -28.09 -10.29 17.04
CA PHE B 50 -27.90 -10.48 15.61
C PHE B 50 -29.12 -11.13 14.98
N SER B 51 -29.18 -11.05 13.68
CA SER B 51 -30.19 -11.82 12.98
C SER B 51 -29.57 -13.06 12.36
N PRO B 52 -30.34 -14.12 12.16
CA PRO B 52 -29.79 -15.31 11.52
C PRO B 52 -29.27 -15.03 10.12
N TYR B 53 -29.87 -14.10 9.39
CA TYR B 53 -29.43 -13.84 8.03
C TYR B 53 -28.05 -13.22 7.96
N GLU B 54 -27.61 -12.54 9.04
CA GLU B 54 -26.30 -11.89 9.02
C GLU B 54 -25.18 -12.91 8.89
N HIS B 55 -25.04 -13.77 9.90
CA HIS B 55 -24.02 -14.80 9.89
C HIS B 55 -24.55 -16.20 10.21
N GLY B 56 -25.71 -16.31 10.85
CA GLY B 56 -26.36 -17.60 10.98
C GLY B 56 -26.34 -18.25 12.34
N GLU B 57 -27.52 -18.43 12.93
CA GLU B 57 -27.70 -19.32 14.08
C GLU B 57 -26.82 -18.89 15.26
N VAL B 58 -27.22 -17.76 15.85
CA VAL B 58 -26.64 -17.31 17.11
C VAL B 58 -26.54 -18.49 18.08
N TYR B 59 -25.34 -18.74 18.57
CA TYR B 59 -25.05 -19.85 19.47
C TYR B 59 -25.30 -19.43 20.91
N VAL B 60 -25.17 -20.38 21.83
CA VAL B 60 -25.38 -20.11 23.25
C VAL B 60 -24.43 -20.97 24.05
N LEU B 61 -23.62 -20.35 24.89
CA LEU B 61 -22.64 -21.08 25.69
C LEU B 61 -23.24 -21.42 27.04
N ASP B 62 -22.44 -22.06 27.88
CA ASP B 62 -22.96 -22.56 29.15
C ASP B 62 -23.24 -21.43 30.11
N ASP B 63 -22.39 -20.40 30.13
CA ASP B 63 -22.60 -19.29 31.04
C ASP B 63 -23.65 -18.31 30.54
N GLY B 64 -23.94 -18.33 29.25
CA GLY B 64 -25.04 -17.54 28.74
C GLY B 64 -24.63 -16.47 27.76
N ALA B 65 -23.54 -16.69 27.06
CA ALA B 65 -23.00 -15.70 26.14
C ALA B 65 -23.36 -16.10 24.71
N GLU B 66 -24.30 -15.40 24.12
CA GLU B 66 -24.63 -15.62 22.73
C GLU B 66 -23.44 -15.24 21.87
N VAL B 67 -22.93 -16.20 21.10
CA VAL B 67 -21.69 -16.01 20.37
C VAL B 67 -21.88 -16.37 18.91
N ASP B 68 -20.79 -16.37 18.16
CA ASP B 68 -20.82 -16.69 16.75
C ASP B 68 -21.12 -18.17 16.54
N LEU B 69 -21.08 -18.61 15.29
CA LEU B 69 -21.36 -20.00 14.97
C LEU B 69 -20.09 -20.84 14.98
N ASP B 70 -18.96 -20.25 14.64
CA ASP B 70 -17.71 -21.00 14.72
C ASP B 70 -17.41 -21.43 16.14
N LEU B 71 -17.92 -20.71 17.13
CA LEU B 71 -17.81 -21.16 18.51
C LEU B 71 -18.55 -22.45 18.76
N GLY B 72 -19.45 -22.85 17.87
CA GLY B 72 -20.12 -24.12 18.00
C GLY B 72 -19.44 -25.15 17.14
N ASN B 73 -18.90 -24.70 16.01
CA ASN B 73 -18.06 -25.57 15.21
C ASN B 73 -16.92 -26.16 16.05
N TYR B 74 -16.27 -25.30 16.83
CA TYR B 74 -15.16 -25.77 17.67
C TYR B 74 -15.64 -26.81 18.66
N GLU B 75 -16.77 -26.56 19.31
CA GLU B 75 -17.25 -27.50 20.31
C GLU B 75 -17.61 -28.83 19.67
N ARG B 76 -18.27 -28.79 18.51
CA ARG B 76 -18.68 -30.03 17.86
C ARG B 76 -17.49 -30.83 17.36
N PHE B 77 -16.37 -30.18 17.07
CA PHE B 77 -15.22 -30.93 16.58
C PHE B 77 -14.22 -31.29 17.68
N LEU B 78 -14.24 -30.64 18.83
CA LEU B 78 -13.25 -30.91 19.87
C LEU B 78 -13.81 -31.44 21.17
N ASP B 79 -15.13 -31.42 21.36
CA ASP B 79 -15.75 -31.84 22.61
C ASP B 79 -15.24 -31.04 23.80
N VAL B 80 -15.14 -29.72 23.63
CA VAL B 80 -14.74 -28.82 24.70
C VAL B 80 -15.93 -27.95 25.06
N THR B 81 -15.78 -27.18 26.13
CA THR B 81 -16.84 -26.32 26.64
C THR B 81 -16.30 -24.89 26.76
N LEU B 82 -16.34 -24.15 25.67
CA LEU B 82 -15.72 -22.84 25.63
C LEU B 82 -16.46 -21.88 26.56
N HIS B 83 -15.87 -20.70 26.74
CA HIS B 83 -16.39 -19.70 27.67
C HIS B 83 -16.73 -18.43 26.92
N ARG B 84 -17.17 -17.43 27.66
CA ARG B 84 -17.54 -16.16 27.04
C ARG B 84 -16.34 -15.48 26.44
N ASP B 85 -15.18 -15.60 27.06
CA ASP B 85 -13.97 -14.90 26.66
C ASP B 85 -13.27 -15.55 25.49
N ASN B 86 -13.79 -16.63 24.94
CA ASN B 86 -13.21 -17.24 23.77
C ASN B 86 -13.70 -16.60 22.49
N ASN B 87 -14.22 -15.39 22.56
CA ASN B 87 -14.72 -14.69 21.39
C ASN B 87 -14.34 -13.23 21.54
N ILE B 88 -13.28 -12.83 20.87
CA ILE B 88 -12.85 -11.44 20.87
C ILE B 88 -13.59 -10.69 19.79
N THR B 89 -13.99 -9.46 20.08
CA THR B 89 -14.58 -8.59 19.09
C THR B 89 -13.99 -7.21 19.29
N THR B 90 -13.95 -6.43 18.21
CA THR B 90 -13.41 -5.08 18.32
C THR B 90 -14.12 -4.29 19.41
N GLY B 91 -15.42 -4.51 19.57
CA GLY B 91 -16.14 -3.81 20.61
C GLY B 91 -15.64 -4.15 22.00
N LYS B 92 -15.41 -5.42 22.26
CA LYS B 92 -14.91 -5.84 23.57
C LYS B 92 -13.58 -5.17 23.89
N ILE B 93 -12.66 -5.20 22.93
CA ILE B 93 -11.33 -4.64 23.15
C ILE B 93 -11.43 -3.15 23.40
N TYR B 94 -12.15 -2.43 22.55
CA TYR B 94 -12.20 -0.98 22.70
C TYR B 94 -12.91 -0.58 23.97
N LYS B 95 -13.96 -1.29 24.36
CA LYS B 95 -14.64 -0.95 25.60
C LYS B 95 -13.74 -1.22 26.80
N LEU B 96 -13.00 -2.32 26.77
CA LEU B 96 -12.07 -2.61 27.86
C LEU B 96 -11.05 -1.49 28.00
N VAL B 97 -10.42 -1.11 26.89
CA VAL B 97 -9.37 -0.10 26.94
C VAL B 97 -9.94 1.26 27.36
N ILE B 98 -11.14 1.59 26.91
CA ILE B 98 -11.72 2.88 27.27
C ILE B 98 -12.04 2.91 28.76
N GLU B 99 -12.59 1.83 29.31
CA GLU B 99 -12.85 1.80 30.74
C GLU B 99 -11.57 1.92 31.54
N LYS B 100 -10.52 1.23 31.10
CA LYS B 100 -9.24 1.34 31.79
C LYS B 100 -8.74 2.77 31.77
N GLU B 101 -8.80 3.41 30.60
CA GLU B 101 -8.35 4.79 30.49
C GLU B 101 -9.13 5.70 31.43
N ARG B 102 -10.46 5.59 31.42
CA ARG B 102 -11.27 6.47 32.26
C ARG B 102 -10.97 6.25 33.73
N THR B 103 -10.80 5.00 34.15
CA THR B 103 -10.49 4.77 35.55
C THR B 103 -9.05 5.13 35.90
N GLY B 104 -8.20 5.33 34.91
CA GLY B 104 -6.89 5.90 35.15
C GLY B 104 -5.74 4.92 35.25
N GLU B 105 -5.94 3.67 34.84
CA GLU B 105 -4.87 2.68 34.89
C GLU B 105 -3.82 2.87 33.81
N TYR B 106 -4.04 3.81 32.89
CA TYR B 106 -3.04 4.23 31.93
C TYR B 106 -2.45 5.57 32.32
N LEU B 107 -2.26 5.76 33.63
CA LEU B 107 -2.13 7.08 34.26
C LEU B 107 -1.24 8.02 33.45
N GLY B 108 -1.84 9.11 32.98
CA GLY B 108 -1.13 10.10 32.21
C GLY B 108 -0.34 9.57 31.04
N LYS B 109 -1.02 9.08 30.00
CA LYS B 109 -0.37 8.64 28.79
C LYS B 109 -1.36 8.72 27.64
N THR B 110 -0.83 8.88 26.43
CA THR B 110 -1.66 8.98 25.23
C THR B 110 -2.01 7.58 24.76
N VAL B 111 -3.18 7.10 25.15
CA VAL B 111 -3.63 5.77 24.76
C VAL B 111 -3.90 5.78 23.25
N GLN B 112 -3.08 5.08 22.50
CA GLN B 112 -3.25 5.01 21.05
C GLN B 112 -3.32 3.56 20.60
N VAL B 113 -3.70 3.39 19.33
CA VAL B 113 -3.91 2.04 18.80
C VAL B 113 -2.67 1.19 19.02
N VAL B 114 -1.56 1.56 18.40
CA VAL B 114 -0.26 0.99 18.72
C VAL B 114 0.39 1.91 19.75
N PRO B 115 0.74 1.41 20.94
CA PRO B 115 0.67 0.00 21.27
C PRO B 115 -0.47 -0.43 22.16
N HIS B 116 -1.42 0.42 22.53
CA HIS B 116 -2.28 0.05 23.65
C HIS B 116 -3.37 -0.94 23.25
N ILE B 117 -4.01 -0.73 22.11
CA ILE B 117 -5.01 -1.68 21.66
C ILE B 117 -4.37 -3.02 21.33
N THR B 118 -3.21 -3.01 20.67
CA THR B 118 -2.59 -4.29 20.34
C THR B 118 -2.02 -4.98 21.56
N ASP B 119 -1.59 -4.24 22.58
CA ASP B 119 -1.20 -4.90 23.81
C ASP B 119 -2.40 -5.48 24.53
N ALA B 120 -3.54 -4.79 24.47
CA ALA B 120 -4.76 -5.37 25.03
C ALA B 120 -5.12 -6.66 24.31
N ILE B 121 -5.00 -6.68 22.99
CA ILE B 121 -5.32 -7.88 22.22
C ILE B 121 -4.38 -9.02 22.58
N GLN B 122 -3.08 -8.74 22.68
CA GLN B 122 -2.13 -9.79 23.02
C GLN B 122 -2.34 -10.31 24.42
N GLU B 123 -2.58 -9.43 25.39
CA GLU B 123 -2.85 -9.90 26.74
C GLU B 123 -4.14 -10.69 26.80
N TRP B 124 -5.14 -10.31 26.02
CA TRP B 124 -6.38 -11.08 25.96
C TRP B 124 -6.11 -12.48 25.44
N VAL B 125 -5.38 -12.59 24.34
CA VAL B 125 -5.15 -13.90 23.76
C VAL B 125 -4.34 -14.76 24.69
N GLU B 126 -3.32 -14.18 25.33
CA GLU B 126 -2.50 -14.99 26.23
C GLU B 126 -3.24 -15.38 27.51
N ARG B 127 -4.12 -14.51 28.02
CA ARG B 127 -4.86 -14.86 29.21
C ARG B 127 -5.94 -15.88 28.93
N VAL B 128 -6.54 -15.82 27.75
CA VAL B 128 -7.61 -16.77 27.43
C VAL B 128 -7.04 -18.12 27.08
N ALA B 129 -5.92 -18.16 26.35
CA ALA B 129 -5.40 -19.44 25.91
C ALA B 129 -4.98 -20.35 27.05
N GLN B 130 -5.04 -19.90 28.30
CA GLN B 130 -4.65 -20.73 29.43
C GLN B 130 -5.81 -21.04 30.37
N THR B 131 -7.02 -20.67 30.02
CA THR B 131 -8.16 -20.97 30.87
C THR B 131 -8.58 -22.42 30.68
N PRO B 132 -8.60 -23.24 31.72
CA PRO B 132 -8.94 -24.65 31.56
C PRO B 132 -10.29 -24.82 30.89
N VAL B 133 -10.28 -25.41 29.70
CA VAL B 133 -11.47 -25.47 28.86
C VAL B 133 -12.13 -26.84 28.87
N GLN B 134 -11.48 -27.86 29.39
CA GLN B 134 -12.00 -29.22 29.41
C GLN B 134 -11.81 -29.84 30.78
N GLY B 135 -12.17 -29.10 31.82
CA GLY B 135 -12.00 -29.58 33.17
C GLY B 135 -10.86 -28.88 33.88
N SER B 136 -9.73 -29.56 34.02
CA SER B 136 -8.58 -28.99 34.71
C SER B 136 -7.30 -29.12 33.90
N SER B 137 -7.40 -29.44 32.62
CA SER B 137 -6.22 -29.60 31.78
C SER B 137 -5.82 -28.24 31.22
N LYS B 138 -4.67 -27.75 31.63
CA LYS B 138 -4.15 -26.52 31.06
C LYS B 138 -3.86 -26.73 29.58
N PRO B 139 -4.39 -25.89 28.70
CA PRO B 139 -4.23 -26.13 27.26
C PRO B 139 -2.77 -26.12 26.85
N GLN B 140 -2.52 -26.61 25.63
CA GLN B 140 -1.18 -26.64 25.09
C GLN B 140 -1.06 -26.04 23.70
N VAL B 141 -2.11 -26.02 22.91
CA VAL B 141 -2.15 -25.33 21.62
C VAL B 141 -3.41 -24.48 21.58
N CYS B 142 -3.32 -23.32 20.95
CA CYS B 142 -4.46 -22.43 20.82
C CYS B 142 -4.64 -22.08 19.36
N ILE B 143 -5.79 -22.44 18.80
CA ILE B 143 -6.08 -22.19 17.39
C ILE B 143 -6.84 -20.87 17.33
N VAL B 144 -6.12 -19.79 17.10
CA VAL B 144 -6.76 -18.50 16.89
C VAL B 144 -7.20 -18.40 15.45
N GLU B 145 -8.46 -18.03 15.23
CA GLU B 145 -8.98 -17.85 13.88
C GLU B 145 -9.39 -16.40 13.71
N LEU B 146 -8.84 -15.76 12.71
CA LEU B 146 -9.09 -14.34 12.47
C LEU B 146 -10.18 -14.22 11.42
N GLY B 147 -11.35 -13.77 11.83
CA GLY B 147 -12.45 -13.64 10.90
C GLY B 147 -12.18 -12.59 9.84
N GLY B 148 -12.99 -12.62 8.80
CA GLY B 148 -12.83 -11.68 7.72
C GLY B 148 -11.66 -12.03 6.82
N THR B 149 -11.43 -11.19 5.83
CA THR B 149 -10.35 -11.37 4.88
C THR B 149 -9.22 -10.41 5.20
N ILE B 150 -8.01 -10.78 4.78
CA ILE B 150 -6.84 -9.95 5.03
C ILE B 150 -6.88 -8.74 4.10
N GLY B 151 -6.92 -7.56 4.70
CA GLY B 151 -6.95 -6.35 3.91
C GLY B 151 -8.03 -5.40 4.34
N ASP B 152 -8.95 -5.89 5.15
CA ASP B 152 -10.05 -5.06 5.61
C ASP B 152 -9.55 -4.00 6.59
N ILE B 153 -10.32 -2.93 6.70
CA ILE B 153 -9.95 -1.87 7.64
C ILE B 153 -10.25 -2.29 9.07
N GLU B 154 -11.23 -3.16 9.26
CA GLU B 154 -11.59 -3.58 10.60
C GLU B 154 -10.56 -4.49 11.22
N GLY B 155 -9.80 -5.19 10.39
CA GLY B 155 -8.86 -6.17 10.90
C GLY B 155 -7.42 -5.71 10.81
N MET B 156 -7.19 -4.41 10.93
CA MET B 156 -5.83 -3.90 10.99
C MET B 156 -5.25 -4.03 12.40
N PRO B 157 -6.00 -3.65 13.45
CA PRO B 157 -5.45 -3.88 14.80
C PRO B 157 -5.04 -5.32 15.04
N PHE B 158 -5.80 -6.28 14.54
CA PHE B 158 -5.50 -7.67 14.84
C PHE B 158 -4.30 -8.16 14.05
N VAL B 159 -4.19 -7.78 12.79
CA VAL B 159 -3.02 -8.18 12.01
C VAL B 159 -1.77 -7.55 12.59
N GLU B 160 -1.86 -6.31 13.07
CA GLU B 160 -0.69 -5.68 13.69
C GLU B 160 -0.35 -6.36 15.01
N ALA B 161 -1.34 -6.66 15.83
CA ALA B 161 -1.08 -7.32 17.10
C ALA B 161 -0.43 -8.66 16.88
N PHE B 162 -0.81 -9.38 15.83
CA PHE B 162 -0.18 -10.67 15.61
C PHE B 162 1.19 -10.52 14.97
N ARG B 163 1.40 -9.48 14.18
CA ARG B 163 2.73 -9.20 13.67
C ARG B 163 3.71 -8.99 14.82
N GLN B 164 3.26 -8.35 15.89
CA GLN B 164 4.13 -8.23 17.05
C GLN B 164 4.16 -9.49 17.89
N PHE B 165 3.06 -10.23 17.94
CA PHE B 165 3.00 -11.47 18.72
C PHE B 165 4.01 -12.48 18.22
N GLN B 166 4.19 -12.58 16.91
CA GLN B 166 5.06 -13.61 16.38
C GLN B 166 6.51 -13.44 16.80
N PHE B 167 6.89 -12.26 17.29
CA PHE B 167 8.20 -12.04 17.88
C PHE B 167 8.18 -12.05 19.39
N ARG B 168 7.12 -11.53 19.99
CA ARG B 168 7.00 -11.59 21.44
C ARG B 168 6.96 -13.02 21.95
N VAL B 169 6.52 -13.97 21.14
CA VAL B 169 6.32 -15.32 21.63
C VAL B 169 7.25 -16.32 20.96
N LYS B 170 8.46 -15.88 20.61
CA LYS B 170 9.50 -16.84 20.25
C LYS B 170 9.15 -17.68 19.04
N ARG B 171 9.25 -17.09 17.85
CA ARG B 171 8.65 -17.55 16.60
C ARG B 171 8.58 -19.07 16.43
N GLU B 172 9.46 -19.82 17.07
CA GLU B 172 9.27 -21.26 17.06
C GLU B 172 7.99 -21.71 17.78
N ASN B 173 7.21 -20.79 18.31
CA ASN B 173 5.95 -21.09 18.99
C ASN B 173 4.77 -20.42 18.30
N PHE B 174 4.77 -20.34 16.97
CA PHE B 174 3.75 -19.58 16.28
C PHE B 174 3.75 -20.00 14.81
N CYS B 175 2.66 -20.60 14.35
CA CYS B 175 2.47 -20.94 12.95
C CYS B 175 1.57 -19.90 12.30
N LEU B 176 1.19 -20.15 11.06
CA LEU B 176 0.20 -19.31 10.38
C LEU B 176 -0.28 -20.04 9.15
N ALA B 177 -1.58 -20.32 9.07
CA ALA B 177 -2.18 -20.95 7.91
C ALA B 177 -3.06 -19.94 7.21
N HIS B 178 -2.88 -19.80 5.91
CA HIS B 178 -3.61 -18.81 5.14
C HIS B 178 -4.50 -19.54 4.15
N VAL B 179 -5.79 -19.59 4.44
CA VAL B 179 -6.76 -20.25 3.60
C VAL B 179 -7.14 -19.32 2.45
N SER B 180 -7.02 -19.80 1.22
CA SER B 180 -7.28 -18.97 0.06
C SER B 180 -8.13 -19.73 -0.94
N LEU B 181 -8.72 -18.98 -1.87
CA LEU B 181 -9.63 -19.53 -2.87
C LEU B 181 -8.99 -19.51 -4.24
N VAL B 182 -9.14 -20.60 -4.98
CA VAL B 182 -8.62 -20.72 -6.33
C VAL B 182 -9.78 -20.89 -7.29
N PRO B 183 -10.30 -19.82 -7.87
CA PRO B 183 -11.46 -19.95 -8.74
C PRO B 183 -11.12 -20.67 -10.03
N LEU B 184 -12.16 -21.16 -10.68
CA LEU B 184 -12.05 -21.86 -11.96
C LEU B 184 -13.19 -21.39 -12.83
N PRO B 185 -13.04 -20.26 -13.51
CA PRO B 185 -14.16 -19.73 -14.30
C PRO B 185 -14.52 -20.66 -15.43
N LYS B 186 -15.83 -20.89 -15.59
CA LYS B 186 -16.28 -21.84 -16.61
C LYS B 186 -16.02 -21.31 -18.01
N ALA B 187 -15.97 -20.00 -18.18
CA ALA B 187 -15.71 -19.43 -19.50
C ALA B 187 -14.29 -19.70 -19.95
N THR B 188 -13.31 -19.57 -19.04
CA THR B 188 -11.92 -19.78 -19.39
C THR B 188 -11.58 -21.28 -19.43
N GLY B 189 -11.76 -21.95 -18.31
CA GLY B 189 -11.53 -23.37 -18.23
C GLY B 189 -10.24 -23.80 -17.55
N GLU B 190 -9.60 -22.92 -16.80
CA GLU B 190 -8.36 -23.24 -16.12
C GLU B 190 -8.36 -22.55 -14.77
N PRO B 191 -7.88 -23.20 -13.72
CA PRO B 191 -7.81 -22.54 -12.41
C PRO B 191 -6.84 -21.38 -12.45
N LYS B 192 -7.20 -20.32 -11.74
CA LYS B 192 -6.45 -19.07 -11.77
C LYS B 192 -5.74 -18.87 -10.45
N THR B 193 -4.51 -18.35 -10.50
CA THR B 193 -3.72 -18.19 -9.30
C THR B 193 -3.55 -16.75 -8.87
N LYS B 194 -3.92 -15.81 -9.72
CA LYS B 194 -3.73 -14.40 -9.37
C LYS B 194 -4.41 -14.00 -8.07
N PRO B 195 -5.62 -14.46 -7.74
CA PRO B 195 -6.20 -14.06 -6.45
C PRO B 195 -5.35 -14.48 -5.25
N THR B 196 -4.91 -15.73 -5.22
CA THR B 196 -4.09 -16.18 -4.11
C THR B 196 -2.77 -15.43 -4.07
N GLN B 197 -2.17 -15.17 -5.23
CA GLN B 197 -0.94 -14.40 -5.26
C GLN B 197 -1.14 -13.02 -4.66
N SER B 198 -2.22 -12.34 -5.06
CA SER B 198 -2.46 -11.00 -4.56
C SER B 198 -2.74 -11.00 -3.07
N SER B 199 -3.48 -12.00 -2.58
CA SER B 199 -3.76 -12.06 -1.16
C SER B 199 -2.51 -12.35 -0.35
N VAL B 200 -1.65 -13.24 -0.84
CA VAL B 200 -0.42 -13.53 -0.13
C VAL B 200 0.49 -12.31 -0.10
N ARG B 201 0.54 -11.56 -1.20
CA ARG B 201 1.32 -10.34 -1.22
C ARG B 201 0.78 -9.32 -0.24
N GLU B 202 -0.54 -9.16 -0.19
CA GLU B 202 -1.12 -8.22 0.77
C GLU B 202 -0.86 -8.64 2.20
N LEU B 203 -0.80 -9.95 2.45
CA LEU B 203 -0.48 -10.42 3.79
C LEU B 203 0.98 -10.20 4.12
N ARG B 204 1.87 -10.28 3.13
CA ARG B 204 3.28 -9.99 3.35
C ARG B 204 3.52 -8.52 3.61
N GLY B 205 2.77 -7.65 2.93
CA GLY B 205 2.86 -6.23 3.21
C GLY B 205 2.46 -5.83 4.61
N CYS B 206 1.95 -6.77 5.40
CA CYS B 206 1.61 -6.53 6.79
C CYS B 206 2.57 -7.20 7.74
N GLY B 207 3.63 -7.81 7.22
CA GLY B 207 4.65 -8.39 8.08
C GLY B 207 4.58 -9.89 8.18
N LEU B 208 3.38 -10.44 8.29
CA LEU B 208 3.23 -11.87 8.47
C LEU B 208 3.62 -12.62 7.20
N SER B 209 4.00 -13.88 7.37
CA SER B 209 4.39 -14.72 6.25
C SER B 209 3.73 -16.08 6.41
N PRO B 210 3.05 -16.57 5.38
CA PRO B 210 2.27 -17.81 5.51
C PRO B 210 3.17 -19.01 5.69
N ASP B 211 3.00 -19.72 6.81
CA ASP B 211 3.69 -20.98 7.00
C ASP B 211 2.99 -22.11 6.25
N LEU B 212 1.69 -21.99 6.00
CA LEU B 212 0.95 -22.90 5.14
C LEU B 212 0.08 -22.08 4.22
N ILE B 213 -0.38 -22.71 3.15
CA ILE B 213 -1.35 -22.10 2.26
C ILE B 213 -2.32 -23.19 1.85
N VAL B 214 -3.54 -23.12 2.36
CA VAL B 214 -4.57 -24.09 2.03
C VAL B 214 -5.36 -23.56 0.85
N CYS B 215 -5.23 -24.19 -0.30
CA CYS B 215 -5.88 -23.75 -1.53
C CYS B 215 -7.23 -24.43 -1.65
N ARG B 216 -8.30 -23.68 -1.43
CA ARG B 216 -9.66 -24.21 -1.47
C ARG B 216 -10.23 -23.96 -2.86
N SER B 217 -10.49 -25.03 -3.59
CA SER B 217 -11.07 -24.95 -4.92
C SER B 217 -12.30 -25.84 -4.98
N GLU B 218 -12.92 -25.90 -6.16
CA GLU B 218 -14.12 -26.70 -6.34
C GLU B 218 -13.82 -28.13 -6.77
N LYS B 219 -12.88 -28.33 -7.68
CA LYS B 219 -12.44 -29.65 -8.10
C LYS B 219 -10.93 -29.74 -7.88
N PRO B 220 -10.40 -30.94 -7.73
CA PRO B 220 -8.97 -31.06 -7.43
C PRO B 220 -8.12 -30.43 -8.51
N ILE B 221 -7.25 -29.53 -8.11
CA ILE B 221 -6.35 -28.86 -9.05
C ILE B 221 -5.17 -29.76 -9.31
N GLY B 222 -4.64 -29.68 -10.52
CA GLY B 222 -3.52 -30.53 -10.92
C GLY B 222 -2.24 -30.17 -10.21
N LEU B 223 -1.11 -30.56 -10.80
CA LEU B 223 0.18 -30.21 -10.22
C LEU B 223 0.75 -28.93 -10.80
N GLU B 224 0.36 -28.56 -12.03
CA GLU B 224 0.81 -27.30 -12.59
C GLU B 224 0.47 -26.14 -11.68
N VAL B 225 -0.77 -26.10 -11.19
CA VAL B 225 -1.20 -24.97 -10.38
C VAL B 225 -0.55 -25.00 -9.00
N LYS B 226 -0.26 -26.19 -8.48
CA LYS B 226 0.48 -26.25 -7.23
C LYS B 226 1.88 -25.71 -7.40
N GLU B 227 2.55 -26.03 -8.52
CA GLU B 227 3.86 -25.44 -8.77
C GLU B 227 3.77 -23.94 -8.94
N LYS B 228 2.75 -23.46 -9.65
CA LYS B 228 2.61 -22.02 -9.82
C LYS B 228 2.43 -21.32 -8.49
N ILE B 229 1.59 -21.88 -7.61
CA ILE B 229 1.41 -21.30 -6.28
C ILE B 229 2.72 -21.30 -5.54
N SER B 230 3.41 -22.45 -5.51
CA SER B 230 4.64 -22.55 -4.74
C SER B 230 5.67 -21.54 -5.22
N ASN B 231 5.82 -21.38 -6.53
CA ASN B 231 6.78 -20.41 -7.04
C ASN B 231 6.33 -18.99 -6.71
N PHE B 232 5.19 -18.57 -7.22
CA PHE B 232 4.77 -17.18 -7.12
C PHE B 232 4.34 -16.77 -5.72
N CYS B 233 4.41 -17.66 -4.73
CA CYS B 233 4.20 -17.27 -3.36
C CYS B 233 5.33 -17.68 -2.44
N HIS B 234 6.37 -18.33 -2.95
CA HIS B 234 7.59 -18.60 -2.21
C HIS B 234 7.31 -19.42 -0.95
N VAL B 235 6.75 -20.61 -1.18
CA VAL B 235 6.61 -21.62 -0.15
C VAL B 235 6.92 -22.97 -0.78
N GLY B 236 7.47 -23.86 0.03
CA GLY B 236 7.85 -25.17 -0.43
C GLY B 236 6.65 -25.95 -0.94
N PRO B 237 6.83 -26.69 -2.03
CA PRO B 237 5.68 -27.40 -2.63
C PRO B 237 5.08 -28.46 -1.74
N ASP B 238 5.57 -28.64 -0.52
CA ASP B 238 4.95 -29.54 0.44
C ASP B 238 4.19 -28.81 1.52
N GLN B 239 4.22 -27.49 1.54
CA GLN B 239 3.42 -26.69 2.46
C GLN B 239 2.41 -25.86 1.68
N VAL B 240 1.77 -26.49 0.69
CA VAL B 240 0.64 -25.91 -0.02
C VAL B 240 -0.39 -27.02 -0.13
N ILE B 241 -1.48 -26.90 0.60
CA ILE B 241 -2.49 -27.93 0.67
C ILE B 241 -3.65 -27.59 -0.26
N CYS B 242 -4.27 -28.62 -0.82
CA CYS B 242 -5.43 -28.45 -1.68
C CYS B 242 -6.60 -29.21 -1.08
N ILE B 243 -7.66 -28.49 -0.75
CA ILE B 243 -8.87 -29.06 -0.16
C ILE B 243 -10.02 -28.66 -1.06
N HIS B 244 -10.52 -29.60 -1.86
CA HIS B 244 -11.65 -29.30 -2.72
C HIS B 244 -12.95 -29.47 -1.94
N ASP B 245 -14.07 -29.30 -2.62
CA ASP B 245 -15.37 -29.41 -1.99
C ASP B 245 -15.70 -30.88 -1.77
N LEU B 246 -15.50 -31.35 -0.54
CA LEU B 246 -15.77 -32.75 -0.24
C LEU B 246 -17.26 -32.97 -0.04
N ASN B 247 -17.64 -34.23 0.18
CA ASN B 247 -19.05 -34.55 0.39
C ASN B 247 -19.51 -34.03 1.75
N SER B 248 -18.92 -34.53 2.82
CA SER B 248 -19.18 -34.06 4.16
C SER B 248 -17.88 -33.59 4.78
N ILE B 249 -17.99 -32.67 5.73
CA ILE B 249 -16.80 -32.08 6.33
C ILE B 249 -16.09 -33.02 7.28
N TYR B 250 -16.63 -34.21 7.54
CA TYR B 250 -15.84 -35.19 8.26
C TYR B 250 -14.70 -35.74 7.44
N HIS B 251 -14.56 -35.30 6.19
CA HIS B 251 -13.45 -35.72 5.35
C HIS B 251 -12.29 -34.76 5.40
N VAL B 252 -12.48 -33.54 5.87
CA VAL B 252 -11.44 -32.52 5.84
C VAL B 252 -10.30 -32.87 6.80
N PRO B 253 -10.56 -33.31 8.03
CA PRO B 253 -9.46 -33.79 8.86
C PRO B 253 -8.61 -34.84 8.18
N LEU B 254 -9.23 -35.86 7.59
CA LEU B 254 -8.46 -36.91 6.95
C LEU B 254 -7.73 -36.42 5.72
N LEU B 255 -8.38 -35.58 4.90
CA LEU B 255 -7.74 -35.07 3.72
C LEU B 255 -6.52 -34.23 4.06
N MET B 256 -6.57 -33.49 5.16
CA MET B 256 -5.39 -32.76 5.57
C MET B 256 -4.34 -33.71 6.14
N GLU B 257 -4.76 -34.69 6.93
CA GLU B 257 -3.80 -35.58 7.57
C GLU B 257 -3.01 -36.38 6.56
N GLN B 258 -3.66 -36.80 5.47
CA GLN B 258 -2.93 -37.51 4.42
C GLN B 258 -2.03 -36.59 3.62
N ASN B 259 -2.13 -35.28 3.78
CA ASN B 259 -1.20 -34.34 3.20
C ASN B 259 -0.12 -33.92 4.17
N GLY B 260 0.06 -34.68 5.24
CA GLY B 260 1.19 -34.47 6.13
C GLY B 260 1.16 -33.21 6.96
N VAL B 261 -0.03 -32.66 7.20
CA VAL B 261 -0.13 -31.50 8.08
C VAL B 261 0.01 -31.86 9.55
N ILE B 262 0.19 -33.14 9.86
CA ILE B 262 0.67 -33.50 11.19
C ILE B 262 2.18 -33.50 11.23
N GLU B 263 2.82 -34.07 10.21
CA GLU B 263 4.28 -34.06 10.14
C GLU B 263 4.81 -32.63 10.11
N TYR B 264 4.24 -31.80 9.22
CA TYR B 264 4.72 -30.44 9.10
C TYR B 264 4.55 -29.68 10.42
N LEU B 265 3.42 -29.86 11.09
CA LEU B 265 3.21 -29.13 12.33
C LEU B 265 4.15 -29.63 13.42
N ASN B 266 4.33 -30.95 13.53
CA ASN B 266 5.23 -31.45 14.55
C ASN B 266 6.67 -31.06 14.29
N GLU B 267 7.02 -30.76 13.05
CA GLU B 267 8.36 -30.26 12.76
C GLU B 267 8.47 -28.75 12.98
N ARG B 268 7.39 -28.01 12.74
CA ARG B 268 7.45 -26.56 12.78
C ARG B 268 7.20 -25.97 14.16
N LEU B 269 6.34 -26.59 14.96
CA LEU B 269 6.09 -26.11 16.31
C LEU B 269 6.80 -26.93 17.38
N GLN B 270 7.45 -28.03 17.01
CA GLN B 270 8.16 -28.89 17.95
C GLN B 270 7.22 -29.39 19.05
N LEU B 271 6.22 -30.16 18.63
CA LEU B 271 5.16 -30.59 19.52
C LEU B 271 5.47 -31.88 20.25
N ASN B 272 6.44 -32.66 19.78
CA ASN B 272 6.79 -33.94 20.39
C ASN B 272 5.62 -34.93 20.31
N ILE B 273 5.11 -35.10 19.10
CA ILE B 273 4.01 -36.02 18.83
C ILE B 273 4.61 -37.38 18.45
N ASP B 274 4.15 -38.42 19.12
CA ASP B 274 4.64 -39.78 18.85
C ASP B 274 3.83 -40.37 17.70
N MET B 275 4.44 -40.42 16.52
CA MET B 275 3.73 -40.93 15.36
C MET B 275 3.51 -42.44 15.43
N SER B 276 4.43 -43.16 16.09
CA SER B 276 4.24 -44.60 16.27
C SER B 276 3.06 -44.92 17.18
N LYS B 277 2.42 -43.92 17.77
CA LYS B 277 1.21 -44.10 18.55
C LYS B 277 0.02 -43.35 17.98
N ARG B 278 0.24 -42.26 17.25
CA ARG B 278 -0.86 -41.47 16.70
C ARG B 278 -1.63 -42.18 15.60
N THR B 279 -1.23 -43.38 15.20
CA THR B 279 -1.89 -44.05 14.09
C THR B 279 -3.32 -44.44 14.45
N LYS B 280 -3.48 -45.19 15.54
CA LYS B 280 -4.80 -45.70 15.93
C LYS B 280 -5.45 -44.77 16.95
N CYS B 281 -5.60 -43.52 16.54
CA CYS B 281 -6.40 -42.58 17.32
C CYS B 281 -7.42 -41.84 16.47
N LEU B 282 -7.09 -41.50 15.23
CA LEU B 282 -8.03 -40.88 14.31
C LEU B 282 -8.83 -41.96 13.58
N GLN B 283 -9.58 -42.73 14.37
CA GLN B 283 -10.36 -43.85 13.85
C GLN B 283 -11.86 -43.59 13.86
N GLN B 284 -12.38 -42.96 14.90
CA GLN B 284 -13.78 -42.58 14.90
C GLN B 284 -14.12 -41.70 13.72
N TRP B 285 -13.22 -40.84 13.29
CA TRP B 285 -13.48 -39.99 12.13
C TRP B 285 -13.43 -40.75 10.82
N ARG B 286 -12.55 -41.74 10.66
CA ARG B 286 -12.64 -42.58 9.48
C ARG B 286 -13.96 -43.34 9.45
N ASP B 287 -14.36 -43.88 10.60
CA ASP B 287 -15.63 -44.58 10.68
C ASP B 287 -16.78 -43.67 10.28
N LEU B 288 -16.80 -42.45 10.82
CA LEU B 288 -17.87 -41.51 10.50
C LEU B 288 -17.85 -41.13 9.03
N ALA B 289 -16.66 -40.86 8.48
CA ALA B 289 -16.59 -40.45 7.09
C ALA B 289 -17.02 -41.56 6.16
N ARG B 290 -16.86 -42.82 6.56
CA ARG B 290 -17.34 -43.91 5.72
C ARG B 290 -18.84 -44.11 5.89
N ARG B 291 -19.35 -44.01 7.12
CA ARG B 291 -20.79 -44.08 7.31
C ARG B 291 -21.50 -42.94 6.59
N THR B 292 -20.81 -41.84 6.35
CA THR B 292 -21.41 -40.76 5.56
C THR B 292 -21.66 -41.16 4.12
N GLU B 293 -20.91 -42.13 3.60
CA GLU B 293 -21.10 -42.55 2.22
C GLU B 293 -21.91 -43.83 2.09
N THR B 294 -21.87 -44.70 3.10
CA THR B 294 -22.48 -46.02 3.00
C THR B 294 -23.84 -46.10 3.67
N VAL B 295 -24.67 -45.06 3.55
CA VAL B 295 -26.05 -45.10 4.00
C VAL B 295 -26.97 -44.84 2.81
N ARG B 296 -27.93 -45.74 2.59
CA ARG B 296 -28.96 -45.57 1.57
C ARG B 296 -30.30 -45.96 2.19
N ARG B 297 -30.95 -45.00 2.85
CA ARG B 297 -32.28 -45.26 3.38
C ARG B 297 -33.27 -44.13 3.17
N GLU B 298 -32.82 -42.88 3.00
CA GLU B 298 -33.68 -41.76 2.61
C GLU B 298 -34.83 -41.55 3.60
N VAL B 299 -34.46 -41.11 4.79
CA VAL B 299 -35.41 -40.54 5.73
C VAL B 299 -35.52 -39.05 5.47
N CYS B 300 -36.75 -38.55 5.31
CA CYS B 300 -36.99 -37.17 4.92
C CYS B 300 -37.69 -36.45 6.06
N ILE B 301 -37.11 -35.33 6.50
CA ILE B 301 -37.60 -34.56 7.63
C ILE B 301 -38.00 -33.17 7.15
N ALA B 302 -39.04 -32.62 7.74
CA ALA B 302 -39.54 -31.29 7.38
C ALA B 302 -39.07 -30.27 8.40
N VAL B 303 -38.50 -29.18 7.92
CA VAL B 303 -38.07 -28.07 8.76
C VAL B 303 -38.92 -26.87 8.38
N VAL B 304 -39.90 -26.55 9.22
CA VAL B 304 -40.83 -25.45 8.95
C VAL B 304 -40.35 -24.26 9.78
N GLY B 305 -39.51 -23.44 9.17
CA GLY B 305 -38.97 -22.26 9.82
C GLY B 305 -39.18 -21.02 8.97
N LYS B 306 -38.68 -19.90 9.50
CA LYS B 306 -38.90 -18.61 8.85
C LYS B 306 -37.77 -18.21 7.93
N TYR B 307 -36.53 -18.42 8.34
CA TYR B 307 -35.36 -17.89 7.64
C TYR B 307 -34.81 -18.85 6.60
N THR B 308 -35.65 -19.71 6.03
CA THR B 308 -35.18 -20.79 5.17
C THR B 308 -34.82 -20.29 3.77
N LYS B 309 -33.90 -19.32 3.75
CA LYS B 309 -33.38 -18.79 2.50
C LYS B 309 -31.88 -18.99 2.36
N PHE B 310 -31.12 -18.79 3.44
CA PHE B 310 -29.69 -19.05 3.48
C PHE B 310 -29.47 -20.27 4.35
N THR B 311 -28.78 -21.27 3.80
CA THR B 311 -28.67 -22.55 4.50
C THR B 311 -27.61 -22.52 5.59
N ASP B 312 -27.64 -21.48 6.41
CA ASP B 312 -26.85 -21.42 7.63
C ASP B 312 -27.63 -20.86 8.79
N SER B 313 -28.89 -20.48 8.60
CA SER B 313 -29.70 -19.97 9.69
C SER B 313 -30.07 -21.06 10.68
N TYR B 314 -29.94 -22.32 10.28
CA TYR B 314 -30.28 -23.44 11.15
C TYR B 314 -29.11 -24.41 11.31
N ALA B 315 -27.89 -23.93 11.14
CA ALA B 315 -26.71 -24.80 11.16
C ALA B 315 -26.75 -25.80 12.30
N SER B 316 -27.11 -25.35 13.49
CA SER B 316 -27.15 -26.27 14.64
C SER B 316 -28.23 -27.32 14.46
N VAL B 317 -29.40 -26.92 13.98
CA VAL B 317 -30.50 -27.88 13.79
C VAL B 317 -30.11 -28.92 12.76
N VAL B 318 -29.58 -28.47 11.64
CA VAL B 318 -29.21 -29.39 10.57
C VAL B 318 -28.11 -30.34 11.03
N LYS B 319 -27.10 -29.81 11.70
CA LYS B 319 -26.01 -30.67 12.13
C LYS B 319 -26.38 -31.54 13.32
N ALA B 320 -27.50 -31.26 13.98
CA ALA B 320 -28.00 -32.17 15.00
C ALA B 320 -28.93 -33.22 14.43
N LEU B 321 -29.58 -32.93 13.30
CA LEU B 321 -30.34 -33.97 12.62
C LEU B 321 -29.40 -34.95 11.92
N GLN B 322 -28.33 -34.45 11.32
CA GLN B 322 -27.43 -35.32 10.59
C GLN B 322 -26.72 -36.29 11.54
N HIS B 323 -26.38 -35.83 12.74
CA HIS B 323 -25.77 -36.72 13.71
C HIS B 323 -26.67 -37.88 14.06
N ALA B 324 -27.94 -37.60 14.35
CA ALA B 324 -28.87 -38.68 14.67
C ALA B 324 -29.08 -39.61 13.48
N ALA B 325 -29.27 -39.05 12.29
CA ALA B 325 -29.48 -39.89 11.12
C ALA B 325 -28.28 -40.78 10.85
N LEU B 326 -27.07 -40.29 11.11
CA LEU B 326 -25.89 -41.14 10.95
C LEU B 326 -25.82 -42.18 12.04
N ALA B 327 -26.28 -41.86 13.24
CA ALA B 327 -26.24 -42.84 14.32
C ALA B 327 -27.25 -43.95 14.14
N VAL B 328 -28.37 -43.66 13.47
CA VAL B 328 -29.37 -44.69 13.16
C VAL B 328 -29.03 -45.45 11.89
N ASN B 329 -28.06 -44.96 11.12
CA ASN B 329 -27.65 -45.56 9.85
C ASN B 329 -28.68 -45.36 8.74
N ARG B 330 -29.37 -44.23 8.75
CA ARG B 330 -30.22 -43.82 7.65
C ARG B 330 -29.63 -42.59 6.98
N LYS B 331 -30.12 -42.28 5.80
CA LYS B 331 -29.60 -41.18 5.00
C LYS B 331 -30.57 -40.02 5.06
N LEU B 332 -30.12 -38.90 5.58
CA LEU B 332 -31.00 -37.76 5.77
C LEU B 332 -31.34 -37.10 4.46
N GLU B 333 -32.53 -36.50 4.41
CA GLU B 333 -32.95 -35.72 3.25
C GLU B 333 -33.84 -34.59 3.77
N LEU B 334 -33.24 -33.43 3.97
CA LEU B 334 -33.97 -32.32 4.57
C LEU B 334 -34.78 -31.57 3.52
N VAL B 335 -35.99 -31.18 3.91
CA VAL B 335 -36.81 -30.27 3.12
C VAL B 335 -37.05 -29.03 3.96
N PHE B 336 -36.88 -27.87 3.35
CA PHE B 336 -37.03 -26.59 4.04
C PHE B 336 -38.36 -25.97 3.62
N ILE B 337 -39.25 -25.80 4.59
CA ILE B 337 -40.59 -25.30 4.34
C ILE B 337 -40.75 -23.97 5.05
N GLU B 338 -41.10 -22.94 4.29
CA GLU B 338 -41.42 -21.66 4.92
C GLU B 338 -42.70 -21.81 5.74
N SER B 339 -42.74 -21.10 6.86
CA SER B 339 -43.94 -21.14 7.69
C SER B 339 -44.95 -20.10 7.29
N CYS B 340 -44.59 -19.17 6.41
CA CYS B 340 -45.56 -18.19 5.93
C CYS B 340 -46.27 -18.65 4.67
N LEU B 341 -45.69 -19.56 3.90
CA LEU B 341 -46.41 -20.19 2.79
C LEU B 341 -47.23 -21.37 3.29
N LEU B 342 -47.96 -21.13 4.38
CA LEU B 342 -48.88 -22.12 4.94
C LEU B 342 -50.17 -21.50 5.45
N GLU B 343 -50.31 -20.18 5.35
CA GLU B 343 -51.51 -19.47 5.77
C GLU B 343 -52.32 -19.08 4.55
N GLU B 344 -53.62 -18.86 4.77
CA GLU B 344 -54.52 -18.52 3.67
C GLU B 344 -54.12 -17.23 2.97
N GLU B 345 -53.26 -16.43 3.60
CA GLU B 345 -52.86 -15.15 3.01
C GLU B 345 -52.13 -15.35 1.70
N THR B 346 -51.39 -16.44 1.55
CA THR B 346 -50.83 -16.77 0.26
C THR B 346 -51.78 -17.61 -0.58
N LEU B 347 -52.72 -18.32 0.05
CA LEU B 347 -53.77 -18.99 -0.71
C LEU B 347 -54.52 -17.99 -1.57
N HIS B 348 -54.74 -16.78 -1.06
CA HIS B 348 -55.37 -15.73 -1.84
C HIS B 348 -54.42 -15.07 -2.82
N SER B 349 -53.10 -15.23 -2.65
CA SER B 349 -52.13 -14.57 -3.50
C SER B 349 -51.34 -15.53 -4.40
N GLU B 350 -50.90 -16.66 -3.88
CA GLU B 350 -50.13 -17.64 -4.65
C GLU B 350 -50.55 -19.04 -4.27
N PRO B 351 -51.70 -19.50 -4.76
CA PRO B 351 -52.14 -20.87 -4.46
C PRO B 351 -51.19 -21.92 -4.99
N SER B 352 -50.48 -21.64 -6.08
CA SER B 352 -49.49 -22.59 -6.60
C SER B 352 -48.44 -22.92 -5.55
N LYS B 353 -47.75 -21.89 -5.05
CA LYS B 353 -46.74 -22.12 -4.04
C LYS B 353 -47.36 -22.63 -2.75
N TYR B 354 -48.56 -22.15 -2.42
CA TYR B 354 -49.25 -22.65 -1.22
C TYR B 354 -49.38 -24.16 -1.28
N HIS B 355 -49.94 -24.68 -2.38
CA HIS B 355 -50.14 -26.12 -2.50
C HIS B 355 -48.82 -26.85 -2.61
N LYS B 356 -47.81 -26.26 -3.26
CA LYS B 356 -46.53 -26.93 -3.36
C LYS B 356 -45.90 -27.15 -1.99
N GLU B 357 -45.87 -26.09 -1.17
CA GLU B 357 -45.31 -26.23 0.17
C GLU B 357 -46.14 -27.18 1.02
N TRP B 358 -47.47 -27.11 0.92
CA TRP B 358 -48.27 -28.02 1.71
C TRP B 358 -48.07 -29.46 1.28
N GLN B 359 -47.83 -29.70 -0.02
CA GLN B 359 -47.52 -31.05 -0.47
C GLN B 359 -46.18 -31.53 0.08
N LYS B 360 -45.16 -30.68 0.00
CA LYS B 360 -43.86 -31.02 0.57
C LYS B 360 -43.99 -31.38 2.03
N LEU B 361 -44.78 -30.62 2.78
CA LEU B 361 -45.02 -30.95 4.18
C LEU B 361 -45.79 -32.25 4.32
N CYS B 362 -46.65 -32.56 3.35
CA CYS B 362 -47.47 -33.75 3.45
C CYS B 362 -46.64 -35.01 3.29
N ASP B 363 -45.82 -35.08 2.24
CA ASP B 363 -45.06 -36.30 1.97
C ASP B 363 -43.68 -36.21 2.63
N SER B 364 -43.68 -36.27 3.95
CA SER B 364 -42.44 -36.18 4.72
C SER B 364 -42.62 -36.96 6.01
N HIS B 365 -41.67 -37.84 6.30
CA HIS B 365 -41.83 -38.76 7.41
C HIS B 365 -41.83 -38.06 8.77
N GLY B 366 -41.39 -36.82 8.85
CA GLY B 366 -41.30 -36.16 10.13
C GLY B 366 -41.35 -34.66 10.00
N ILE B 367 -41.70 -34.01 11.10
CA ILE B 367 -41.85 -32.56 11.13
C ILE B 367 -41.00 -32.01 12.26
N LEU B 368 -40.38 -30.86 12.03
CA LEU B 368 -39.56 -30.21 13.03
C LEU B 368 -39.82 -28.71 13.01
N VAL B 369 -40.27 -28.17 14.14
CA VAL B 369 -40.53 -26.75 14.25
C VAL B 369 -39.41 -26.08 15.04
N PRO B 370 -38.52 -25.33 14.38
CA PRO B 370 -37.41 -24.71 15.11
C PRO B 370 -37.87 -23.55 15.97
N GLY B 371 -36.93 -22.91 16.67
CA GLY B 371 -37.22 -21.69 17.38
C GLY B 371 -37.16 -20.49 16.47
N GLY B 372 -37.19 -19.31 17.10
CA GLY B 372 -37.14 -18.08 16.35
C GLY B 372 -37.67 -16.93 17.18
N PHE B 373 -37.73 -15.77 16.55
CA PHE B 373 -38.16 -14.56 17.21
C PHE B 373 -39.09 -13.76 16.31
N GLY B 374 -40.13 -13.20 16.90
CA GLY B 374 -41.05 -12.34 16.19
C GLY B 374 -42.43 -12.95 16.04
N SER B 375 -43.23 -12.32 15.19
CA SER B 375 -44.59 -12.77 14.93
C SER B 375 -44.81 -13.25 13.51
N ARG B 376 -43.91 -12.91 12.57
CA ARG B 376 -44.04 -13.40 11.21
C ARG B 376 -43.99 -14.93 11.19
N GLY B 377 -44.87 -15.53 10.38
CA GLY B 377 -44.89 -16.97 10.25
C GLY B 377 -45.20 -17.73 11.52
N MET B 378 -45.69 -17.07 12.56
CA MET B 378 -46.01 -17.77 13.79
C MET B 378 -47.27 -18.61 13.64
N GLU B 379 -48.20 -18.20 12.79
CA GLU B 379 -49.43 -18.97 12.61
C GLU B 379 -49.21 -20.20 11.72
N GLY B 380 -48.27 -20.13 10.79
CA GLY B 380 -47.94 -21.31 10.00
C GLY B 380 -47.44 -22.44 10.87
N LYS B 381 -46.70 -22.12 11.92
CA LYS B 381 -46.28 -23.14 12.86
C LYS B 381 -47.48 -23.76 13.57
N ILE B 382 -48.49 -22.94 13.90
CA ILE B 382 -49.70 -23.49 14.49
C ILE B 382 -50.38 -24.44 13.52
N ARG B 383 -50.45 -24.05 12.25
CA ARG B 383 -51.02 -24.91 11.23
C ARG B 383 -50.29 -26.24 11.16
N ALA B 384 -48.96 -26.20 11.18
CA ALA B 384 -48.18 -27.42 11.08
C ALA B 384 -48.37 -28.30 12.30
N CYS B 385 -48.41 -27.71 13.50
CA CYS B 385 -48.67 -28.50 14.70
C CYS B 385 -50.05 -29.14 14.64
N GLN B 386 -51.05 -28.41 14.14
CA GLN B 386 -52.38 -28.98 14.01
C GLN B 386 -52.39 -30.15 13.04
N TRP B 387 -51.73 -29.99 11.89
CA TRP B 387 -51.70 -31.04 10.89
C TRP B 387 -51.01 -32.29 11.44
N ALA B 388 -49.86 -32.11 12.07
CA ALA B 388 -49.14 -33.24 12.63
C ALA B 388 -49.83 -33.84 13.84
N ARG B 389 -50.75 -33.11 14.47
CA ARG B 389 -51.52 -33.67 15.57
C ARG B 389 -52.71 -34.48 15.08
N GLU B 390 -53.34 -34.03 14.00
CA GLU B 390 -54.51 -34.73 13.47
C GLU B 390 -54.15 -35.73 12.39
N ASN B 391 -52.87 -35.88 12.03
CA ASN B 391 -52.46 -36.86 11.04
C ASN B 391 -51.53 -37.92 11.60
N GLN B 392 -51.25 -37.91 12.90
CA GLN B 392 -50.34 -38.87 13.53
C GLN B 392 -48.99 -38.88 12.82
N LYS B 393 -48.31 -37.74 12.86
CA LYS B 393 -47.01 -37.56 12.24
C LYS B 393 -46.05 -37.02 13.29
N PRO B 394 -44.86 -37.60 13.43
CA PRO B 394 -43.97 -37.18 14.52
C PRO B 394 -43.55 -35.72 14.37
N LEU B 395 -43.35 -35.07 15.50
CA LEU B 395 -43.04 -33.64 15.52
C LEU B 395 -42.19 -33.32 16.73
N LEU B 396 -41.28 -32.36 16.58
CA LEU B 396 -40.42 -31.90 17.65
C LEU B 396 -40.37 -30.38 17.67
N GLY B 397 -40.54 -29.80 18.83
CA GLY B 397 -40.53 -28.35 18.98
C GLY B 397 -39.48 -27.91 19.98
N ILE B 398 -38.73 -26.88 19.59
CA ILE B 398 -37.58 -26.44 20.36
C ILE B 398 -37.79 -24.97 20.72
N CYS B 399 -38.30 -24.71 21.92
CA CYS B 399 -38.28 -23.41 22.58
C CYS B 399 -39.25 -22.44 21.91
N LEU B 400 -39.77 -22.81 20.76
CA LEU B 400 -40.88 -22.12 20.13
C LEU B 400 -41.94 -23.07 19.65
N GLY B 401 -41.60 -24.33 19.40
CA GLY B 401 -42.62 -25.34 19.23
C GLY B 401 -43.39 -25.58 20.51
N LEU B 402 -42.72 -25.50 21.65
CA LEU B 402 -43.43 -25.63 22.92
C LEU B 402 -44.45 -24.51 23.11
N GLN B 403 -44.29 -23.41 22.38
CA GLN B 403 -45.30 -22.36 22.41
C GLN B 403 -46.34 -22.57 21.32
N ALA B 404 -45.90 -22.78 20.08
CA ALA B 404 -46.79 -22.92 18.94
C ALA B 404 -47.58 -24.22 18.96
N ALA B 405 -47.29 -25.13 19.89
CA ALA B 405 -48.07 -26.34 20.05
C ALA B 405 -49.07 -26.23 21.18
N VAL B 406 -48.68 -25.62 22.30
CA VAL B 406 -49.66 -25.33 23.35
C VAL B 406 -50.72 -24.38 22.81
N ILE B 407 -50.31 -23.39 22.01
CA ILE B 407 -51.26 -22.48 21.39
C ILE B 407 -52.29 -23.26 20.58
N GLU B 408 -51.81 -24.11 19.68
CA GLU B 408 -52.72 -24.94 18.88
C GLU B 408 -53.61 -25.77 19.78
N PHE B 409 -53.01 -26.68 20.56
CA PHE B 409 -53.75 -27.55 21.46
C PHE B 409 -54.89 -26.81 22.15
N ALA B 410 -54.59 -25.68 22.80
CA ALA B 410 -55.64 -24.90 23.43
C ALA B 410 -56.70 -24.47 22.42
N ARG B 411 -56.28 -23.82 21.34
CA ARG B 411 -57.24 -23.22 20.41
C ARG B 411 -58.16 -24.26 19.79
N ASN B 412 -57.61 -25.40 19.36
CA ASN B 412 -58.35 -26.39 18.60
C ASN B 412 -58.66 -27.65 19.40
N LYS B 413 -58.57 -27.60 20.72
CA LYS B 413 -59.11 -28.66 21.57
C LYS B 413 -59.91 -28.15 22.75
N LEU B 414 -59.83 -26.88 23.08
CA LEU B 414 -60.70 -26.29 24.09
C LEU B 414 -61.40 -25.03 23.59
N GLY B 415 -61.20 -24.67 22.32
CA GLY B 415 -61.97 -23.62 21.69
C GLY B 415 -61.59 -22.21 22.03
N LEU B 416 -60.54 -21.99 22.81
CA LEU B 416 -60.16 -20.63 23.19
C LEU B 416 -59.51 -19.97 21.96
N LYS B 417 -60.37 -19.48 21.06
CA LYS B 417 -59.89 -18.75 19.91
C LYS B 417 -59.02 -17.56 20.31
N ASP B 418 -59.23 -17.01 21.50
CA ASP B 418 -58.45 -15.90 22.00
C ASP B 418 -57.03 -16.29 22.42
N ALA B 419 -56.70 -17.59 22.40
CA ALA B 419 -55.36 -18.02 22.81
C ALA B 419 -54.31 -17.44 21.88
N ASN B 420 -53.24 -16.92 22.48
CA ASN B 420 -52.11 -16.37 21.75
C ASN B 420 -50.98 -16.13 22.72
N THR B 421 -49.89 -15.55 22.20
CA THR B 421 -48.72 -15.21 22.99
C THR B 421 -48.72 -13.72 23.28
N THR B 422 -48.30 -13.36 24.50
CA THR B 422 -48.25 -11.96 24.89
C THR B 422 -47.47 -11.11 23.89
N GLU B 423 -46.56 -11.70 23.13
CA GLU B 423 -45.90 -10.95 22.06
C GLU B 423 -46.84 -10.71 20.89
N ILE B 424 -47.57 -11.75 20.48
CA ILE B 424 -48.37 -11.66 19.27
C ILE B 424 -49.52 -10.66 19.46
N ASP B 425 -50.31 -10.85 20.51
CA ASP B 425 -51.44 -9.97 20.82
C ASP B 425 -51.38 -9.60 22.29
N PRO B 426 -50.89 -8.41 22.62
CA PRO B 426 -50.79 -8.04 24.05
C PRO B 426 -52.13 -7.84 24.72
N ASN B 427 -53.18 -7.50 23.97
CA ASN B 427 -54.49 -7.19 24.52
C ASN B 427 -55.40 -8.40 24.60
N THR B 428 -54.84 -9.60 24.55
CA THR B 428 -55.66 -10.81 24.60
C THR B 428 -56.19 -11.04 26.01
N ALA B 429 -57.42 -11.51 26.10
CA ALA B 429 -57.96 -11.96 27.38
C ALA B 429 -57.60 -13.40 27.67
N ASN B 430 -57.11 -14.14 26.68
CA ASN B 430 -56.62 -15.50 26.85
C ASN B 430 -55.15 -15.51 26.49
N ALA B 431 -54.29 -15.32 27.49
CA ALA B 431 -52.84 -15.31 27.30
C ALA B 431 -52.34 -16.69 27.72
N LEU B 432 -52.23 -17.59 26.74
CA LEU B 432 -51.81 -18.95 27.05
C LEU B 432 -50.35 -19.01 27.45
N VAL B 433 -49.54 -18.06 26.99
CA VAL B 433 -48.13 -17.98 27.36
C VAL B 433 -47.81 -16.53 27.69
N ILE B 434 -47.29 -16.30 28.89
CA ILE B 434 -47.00 -14.96 29.40
C ILE B 434 -45.52 -14.85 29.69
N ASP B 435 -45.00 -13.64 29.56
CA ASP B 435 -43.59 -13.41 29.85
C ASP B 435 -43.32 -13.63 31.34
N MET B 436 -42.05 -13.69 31.69
CA MET B 436 -41.62 -13.67 33.09
C MET B 436 -40.37 -12.81 33.24
N PRO B 437 -40.45 -11.52 32.87
CA PRO B 437 -39.31 -10.61 33.07
C PRO B 437 -39.40 -9.82 34.38
N GLU B 438 -39.18 -10.51 35.50
CA GLU B 438 -39.19 -9.88 36.82
C GLU B 438 -37.79 -9.66 37.38
N HIS B 439 -36.77 -9.68 36.52
CA HIS B 439 -35.38 -9.64 36.93
C HIS B 439 -35.01 -8.35 37.66
N HIS B 440 -34.99 -7.26 36.91
CA HIS B 440 -34.66 -5.90 37.35
C HIS B 440 -33.17 -5.79 37.70
N THR B 441 -32.50 -6.92 37.93
CA THR B 441 -31.04 -6.96 37.89
C THR B 441 -30.51 -8.31 37.40
N GLY B 442 -31.36 -9.26 37.03
CA GLY B 442 -30.93 -10.55 36.52
C GLY B 442 -30.92 -11.71 37.50
N GLN B 443 -31.35 -11.51 38.75
CA GLN B 443 -31.25 -12.59 39.74
C GLN B 443 -32.48 -13.48 39.72
N LEU B 444 -33.65 -12.91 39.43
CA LEU B 444 -34.85 -13.71 39.22
C LEU B 444 -34.77 -14.35 37.84
N GLY B 445 -35.83 -15.07 37.46
CA GLY B 445 -35.92 -15.58 36.10
C GLY B 445 -35.78 -14.44 35.13
N GLY B 446 -36.77 -13.56 35.12
CA GLY B 446 -36.59 -12.24 34.54
C GLY B 446 -36.24 -12.25 33.07
N THR B 447 -35.05 -11.75 32.75
CA THR B 447 -34.61 -11.62 31.38
C THR B 447 -34.38 -13.00 30.78
N MET B 448 -34.05 -13.01 29.48
CA MET B 448 -33.88 -14.25 28.73
C MET B 448 -33.10 -15.27 29.56
N ARG B 449 -33.72 -16.42 29.80
CA ARG B 449 -33.14 -17.39 30.71
C ARG B 449 -31.92 -18.03 30.07
N LEU B 450 -30.87 -17.23 29.86
CA LEU B 450 -29.75 -17.65 29.04
C LEU B 450 -28.83 -18.60 29.79
N GLY B 451 -28.13 -19.43 29.03
CA GLY B 451 -27.20 -20.36 29.62
C GLY B 451 -27.84 -21.70 29.91
N LYS B 452 -27.11 -22.50 30.68
CA LYS B 452 -27.61 -23.82 31.04
C LYS B 452 -28.25 -23.78 32.42
N ARG B 453 -29.37 -24.47 32.55
CA ARG B 453 -30.12 -24.50 33.79
C ARG B 453 -30.39 -25.95 34.19
N ILE B 454 -31.23 -26.15 35.18
CA ILE B 454 -31.58 -27.49 35.66
C ILE B 454 -33.01 -27.79 35.25
N THR B 455 -33.22 -28.99 34.72
CA THR B 455 -34.55 -29.48 34.34
C THR B 455 -34.75 -30.86 34.90
N VAL B 456 -35.64 -30.99 35.89
CA VAL B 456 -35.95 -32.27 36.51
C VAL B 456 -37.24 -32.80 35.92
N PHE B 457 -37.31 -34.11 35.73
CA PHE B 457 -38.52 -34.73 35.21
C PHE B 457 -39.50 -35.00 36.34
N SER B 458 -40.75 -34.61 36.14
CA SER B 458 -41.79 -35.02 37.06
C SER B 458 -42.06 -36.50 36.87
N ASP B 459 -42.95 -37.04 37.69
CA ASP B 459 -43.14 -38.48 37.75
C ASP B 459 -44.06 -38.95 36.63
N GLY B 460 -43.80 -40.17 36.15
CA GLY B 460 -44.61 -40.75 35.10
C GLY B 460 -43.79 -41.26 33.94
N PRO B 461 -44.27 -42.31 33.27
CA PRO B 461 -43.53 -42.86 32.12
C PRO B 461 -43.53 -41.88 30.96
N SER B 462 -42.35 -41.61 30.43
CA SER B 462 -42.20 -40.64 29.35
C SER B 462 -41.18 -41.13 28.34
N VAL B 463 -41.53 -41.01 27.07
CA VAL B 463 -40.65 -41.49 26.01
C VAL B 463 -39.36 -40.69 25.98
N ILE B 464 -39.45 -39.36 26.11
CA ILE B 464 -38.24 -38.54 26.07
C ILE B 464 -37.37 -38.83 27.28
N ARG B 465 -37.99 -39.06 28.44
CA ARG B 465 -37.21 -39.42 29.62
C ARG B 465 -36.49 -40.73 29.42
N GLN B 466 -37.16 -41.73 28.85
CA GLN B 466 -36.50 -42.98 28.54
C GLN B 466 -35.37 -42.76 27.55
N LEU B 467 -35.57 -41.84 26.60
CA LEU B 467 -34.55 -41.55 25.60
C LEU B 467 -33.29 -41.01 26.25
N TYR B 468 -33.44 -40.06 27.17
CA TYR B 468 -32.27 -39.51 27.86
C TYR B 468 -31.54 -40.54 28.71
N GLY B 469 -32.09 -41.74 28.86
CA GLY B 469 -31.54 -42.73 29.75
C GLY B 469 -32.21 -42.79 31.11
N ASN B 470 -33.41 -42.25 31.25
CA ASN B 470 -34.11 -42.07 32.52
C ASN B 470 -33.20 -41.55 33.63
N PRO B 471 -32.68 -40.33 33.48
CA PRO B 471 -32.03 -39.66 34.61
C PRO B 471 -33.06 -38.77 35.32
N LYS B 472 -32.62 -38.20 36.44
CA LYS B 472 -33.53 -37.33 37.18
C LYS B 472 -33.53 -35.91 36.63
N SER B 473 -32.36 -35.41 36.21
CA SER B 473 -32.28 -34.06 35.71
C SER B 473 -31.25 -33.98 34.59
N VAL B 474 -31.52 -33.10 33.63
CA VAL B 474 -30.60 -32.82 32.54
C VAL B 474 -30.48 -31.31 32.39
N GLN B 475 -29.30 -30.87 32.01
CA GLN B 475 -29.00 -29.45 31.83
C GLN B 475 -28.90 -29.14 30.34
N GLU B 476 -29.80 -28.31 29.86
CA GLU B 476 -29.75 -27.83 28.49
C GLU B 476 -29.67 -26.31 28.49
N ARG B 477 -29.62 -25.72 27.32
CA ARG B 477 -29.31 -24.30 27.17
C ARG B 477 -30.55 -23.56 26.70
N HIS B 478 -31.11 -22.72 27.58
CA HIS B 478 -32.33 -21.96 27.29
C HIS B 478 -32.00 -20.60 26.72
N ARG B 479 -32.86 -20.12 25.85
CA ARG B 479 -32.80 -18.76 25.31
C ARG B 479 -34.19 -18.18 25.20
N HIS B 480 -34.99 -18.35 26.25
CA HIS B 480 -36.39 -17.95 26.26
C HIS B 480 -36.70 -17.08 27.46
N ARG B 481 -37.71 -16.22 27.31
CA ARG B 481 -38.24 -15.42 28.40
C ARG B 481 -39.67 -15.75 28.76
N TYR B 482 -40.47 -16.19 27.79
CA TYR B 482 -41.87 -16.49 28.02
C TYR B 482 -42.02 -17.81 28.79
N GLU B 483 -43.26 -18.24 28.94
CA GLU B 483 -43.58 -19.47 29.66
C GLU B 483 -45.07 -19.73 29.52
N VAL B 484 -45.44 -20.99 29.76
CA VAL B 484 -46.85 -21.37 29.72
C VAL B 484 -47.57 -20.72 30.89
N ASN B 485 -48.76 -20.19 30.62
CA ASN B 485 -49.54 -19.53 31.65
C ASN B 485 -49.91 -20.54 32.73
N PRO B 486 -49.57 -20.28 34.00
CA PRO B 486 -49.82 -21.26 35.06
C PRO B 486 -51.27 -21.41 35.48
N LYS B 487 -52.21 -20.81 34.76
CA LYS B 487 -53.63 -21.02 35.06
C LYS B 487 -54.35 -21.83 33.99
N TYR B 488 -53.73 -22.03 32.82
CA TYR B 488 -54.22 -22.99 31.84
C TYR B 488 -53.58 -24.36 32.00
N VAL B 489 -52.81 -24.56 33.07
CA VAL B 489 -52.05 -25.81 33.20
C VAL B 489 -52.99 -27.00 33.31
N HIS B 490 -53.91 -26.97 34.27
CA HIS B 490 -54.84 -28.09 34.41
C HIS B 490 -55.84 -28.13 33.28
N LEU B 491 -56.18 -26.96 32.71
CA LEU B 491 -57.11 -26.92 31.59
C LEU B 491 -56.54 -27.65 30.37
N LEU B 492 -55.23 -27.56 30.17
CA LEU B 492 -54.61 -28.34 29.10
C LEU B 492 -54.20 -29.73 29.56
N GLU B 493 -54.14 -29.97 30.87
CA GLU B 493 -53.77 -31.30 31.35
C GLU B 493 -54.95 -32.26 31.36
N GLU B 494 -56.19 -31.78 31.48
CA GLU B 494 -57.29 -32.74 31.44
C GLU B 494 -57.65 -32.99 29.97
N GLN B 495 -56.62 -33.23 29.16
CA GLN B 495 -56.76 -33.42 27.73
C GLN B 495 -55.54 -34.24 27.28
N GLY B 496 -55.29 -34.26 25.98
CA GLY B 496 -54.21 -35.08 25.47
C GLY B 496 -52.81 -34.51 25.65
N MET B 497 -52.63 -33.56 26.58
CA MET B 497 -51.34 -32.94 26.82
C MET B 497 -50.82 -33.33 28.19
N ARG B 498 -49.50 -33.43 28.30
CA ARG B 498 -48.81 -33.83 29.52
C ARG B 498 -47.77 -32.77 29.88
N PHE B 499 -47.10 -32.98 31.02
CA PHE B 499 -46.03 -32.08 31.46
C PHE B 499 -45.08 -32.92 32.30
N VAL B 500 -43.94 -33.30 31.72
CA VAL B 500 -43.03 -34.25 32.33
C VAL B 500 -41.82 -33.58 32.95
N GLY B 501 -41.19 -32.65 32.25
CA GLY B 501 -39.94 -32.06 32.69
C GLY B 501 -40.10 -30.60 33.05
N THR B 502 -39.44 -30.18 34.11
CA THR B 502 -39.48 -28.80 34.57
C THR B 502 -38.31 -28.54 35.49
N ASP B 503 -38.28 -27.34 36.07
CA ASP B 503 -37.19 -26.92 36.93
C ASP B 503 -37.51 -27.28 38.38
N VAL B 504 -36.74 -26.73 39.32
CA VAL B 504 -36.93 -27.05 40.72
C VAL B 504 -38.10 -26.30 41.34
N ASP B 505 -38.41 -25.10 40.84
CA ASP B 505 -39.54 -24.34 41.37
C ASP B 505 -40.89 -24.90 40.93
N LYS B 506 -40.92 -25.64 39.82
CA LYS B 506 -42.14 -26.25 39.28
C LYS B 506 -43.15 -25.22 38.79
N THR B 507 -42.71 -24.02 38.43
CA THR B 507 -43.57 -23.06 37.75
C THR B 507 -43.06 -22.71 36.36
N ARG B 508 -42.20 -23.58 35.80
CA ARG B 508 -41.69 -23.40 34.45
C ARG B 508 -41.80 -24.76 33.75
N MET B 509 -42.96 -25.01 33.16
CA MET B 509 -43.15 -26.22 32.37
C MET B 509 -42.32 -26.10 31.09
N GLU B 510 -41.44 -27.08 30.85
CA GLU B 510 -40.58 -26.98 29.70
C GLU B 510 -40.48 -28.24 28.86
N ILE B 511 -41.18 -29.32 29.21
CA ILE B 511 -41.23 -30.49 28.35
C ILE B 511 -42.66 -31.01 28.27
N ILE B 512 -43.31 -30.76 27.15
CA ILE B 512 -44.66 -31.26 26.89
C ILE B 512 -44.55 -32.50 26.02
N GLU B 513 -45.52 -33.40 26.16
CA GLU B 513 -45.48 -34.67 25.46
C GLU B 513 -46.91 -35.19 25.34
N LEU B 514 -47.50 -35.04 24.16
CA LEU B 514 -48.88 -35.44 23.95
C LEU B 514 -49.06 -36.93 24.22
N SER B 515 -50.31 -37.31 24.51
CA SER B 515 -50.67 -38.69 24.74
C SER B 515 -51.44 -39.21 23.53
N GLY B 516 -51.23 -40.49 23.21
CA GLY B 516 -51.84 -41.12 22.06
C GLY B 516 -51.06 -40.91 20.77
N HIS B 517 -50.49 -39.72 20.60
CA HIS B 517 -49.66 -39.47 19.44
C HIS B 517 -48.39 -40.31 19.52
N PRO B 518 -47.89 -40.82 18.38
CA PRO B 518 -46.63 -41.57 18.43
C PRO B 518 -45.47 -40.76 18.96
N TYR B 519 -45.32 -39.51 18.51
CA TYR B 519 -44.20 -38.68 18.95
C TYR B 519 -44.62 -37.22 18.76
N PHE B 520 -44.94 -36.55 19.86
CA PHE B 520 -45.24 -35.12 19.84
C PHE B 520 -44.52 -34.41 20.98
N VAL B 521 -43.22 -34.67 21.11
CA VAL B 521 -42.43 -33.97 22.10
C VAL B 521 -42.18 -32.55 21.63
N ALA B 522 -42.10 -31.63 22.59
CA ALA B 522 -41.70 -30.26 22.33
C ALA B 522 -41.06 -29.73 23.59
N THR B 523 -39.91 -29.07 23.45
CA THR B 523 -39.12 -28.66 24.60
C THR B 523 -38.87 -27.17 24.55
N GLN B 524 -38.67 -26.59 25.74
CA GLN B 524 -38.46 -25.16 25.88
C GLN B 524 -36.99 -24.77 25.74
N TYR B 525 -36.07 -25.71 25.86
CA TYR B 525 -34.67 -25.40 25.71
C TYR B 525 -34.25 -25.61 24.27
N HIS B 526 -32.94 -25.62 24.01
CA HIS B 526 -32.38 -25.84 22.68
C HIS B 526 -31.52 -27.11 22.73
N PRO B 527 -32.11 -28.29 22.52
CA PRO B 527 -31.32 -29.52 22.62
C PRO B 527 -30.28 -29.67 21.54
N GLU B 528 -30.26 -28.79 20.54
CA GLU B 528 -29.35 -28.93 19.42
C GLU B 528 -27.95 -28.43 19.73
N TYR B 529 -27.80 -27.62 20.77
CA TYR B 529 -26.50 -27.06 21.08
C TYR B 529 -25.59 -28.06 21.76
N LEU B 530 -26.14 -29.15 22.29
CA LEU B 530 -25.35 -30.13 23.02
C LEU B 530 -25.12 -31.41 22.22
N SER B 531 -25.41 -31.39 20.92
CA SER B 531 -25.18 -32.55 20.08
C SER B 531 -23.73 -32.59 19.61
N ARG B 532 -23.18 -33.79 19.52
CA ARG B 532 -21.83 -34.00 19.05
C ARG B 532 -21.83 -35.15 18.06
N PRO B 533 -20.86 -35.21 17.15
CA PRO B 533 -20.94 -36.20 16.08
C PRO B 533 -20.95 -37.63 16.57
N LEU B 534 -20.30 -37.91 17.70
CA LEU B 534 -20.29 -39.25 18.27
C LEU B 534 -21.19 -39.36 19.49
N LYS B 535 -22.14 -38.43 19.63
CA LYS B 535 -23.05 -38.39 20.77
C LYS B 535 -24.24 -37.53 20.39
N PRO B 536 -25.19 -38.07 19.63
CA PRO B 536 -26.32 -37.26 19.18
C PRO B 536 -27.23 -36.85 20.32
N SER B 537 -28.19 -36.01 20.00
CA SER B 537 -29.09 -35.50 21.04
C SER B 537 -30.34 -36.36 21.13
N PRO B 538 -30.82 -36.62 22.35
CA PRO B 538 -31.92 -37.56 22.53
C PRO B 538 -33.20 -37.12 21.84
N PRO B 539 -33.60 -35.84 21.89
CA PRO B 539 -34.82 -35.47 21.17
C PRO B 539 -34.75 -35.70 19.67
N PHE B 540 -33.63 -35.34 19.03
CA PHE B 540 -33.53 -35.57 17.60
C PHE B 540 -33.44 -37.05 17.28
N LEU B 541 -32.75 -37.81 18.13
CA LEU B 541 -32.71 -39.26 17.95
C LEU B 541 -34.10 -39.85 18.00
N GLY B 542 -34.90 -39.43 18.98
CA GLY B 542 -36.27 -39.91 19.06
C GLY B 542 -37.11 -39.50 17.87
N LEU B 543 -36.92 -38.27 17.40
CA LEU B 543 -37.66 -37.83 16.22
C LEU B 543 -37.34 -38.71 15.03
N ILE B 544 -36.06 -38.95 14.78
CA ILE B 544 -35.68 -39.77 13.62
C ILE B 544 -36.22 -41.18 13.77
N LEU B 545 -36.08 -41.77 14.96
CA LEU B 545 -36.54 -43.14 15.15
C LEU B 545 -38.04 -43.25 14.93
N ALA B 546 -38.82 -42.40 15.60
CA ALA B 546 -40.26 -42.42 15.41
C ALA B 546 -40.66 -42.03 14.00
N SER B 547 -39.77 -41.38 13.26
CA SER B 547 -40.08 -40.99 11.89
C SER B 547 -39.91 -42.17 10.94
N VAL B 548 -38.88 -42.98 11.15
CA VAL B 548 -38.64 -44.13 10.29
C VAL B 548 -39.32 -45.35 10.90
N ASP B 549 -40.04 -45.14 11.99
CA ASP B 549 -40.82 -46.18 12.68
C ASP B 549 -39.90 -47.30 13.19
N ARG B 550 -39.00 -46.92 14.10
CA ARG B 550 -38.20 -47.88 14.84
C ARG B 550 -38.10 -47.51 16.30
N LEU B 551 -38.96 -46.62 16.79
CA LEU B 551 -38.77 -46.05 18.12
C LEU B 551 -38.94 -47.10 19.21
N ASN B 552 -40.04 -47.86 19.17
CA ASN B 552 -40.27 -48.86 20.19
C ASN B 552 -39.20 -49.94 20.17
N GLN B 553 -38.80 -50.36 18.96
CA GLN B 553 -37.75 -51.37 18.85
C GLN B 553 -36.44 -50.86 19.45
N TYR B 554 -36.10 -49.59 19.22
CA TYR B 554 -34.92 -49.03 19.85
C TYR B 554 -35.08 -48.97 21.37
N ILE B 555 -36.28 -48.65 21.84
CA ILE B 555 -36.52 -48.57 23.28
C ILE B 555 -36.28 -49.92 23.93
N GLN B 556 -36.79 -50.99 23.33
CA GLN B 556 -36.58 -52.32 23.87
C GLN B 556 -35.12 -52.71 23.71
N MET C 1 29.20 -15.87 -1.07
CA MET C 1 29.81 -14.76 -0.35
C MET C 1 28.88 -14.27 0.72
N LYS C 2 29.02 -12.99 1.07
CA LYS C 2 28.15 -12.34 2.02
C LYS C 2 27.86 -10.94 1.53
N TYR C 3 26.59 -10.57 1.52
CA TYR C 3 26.14 -9.34 0.91
C TYR C 3 25.63 -8.40 1.99
N ILE C 4 25.74 -7.10 1.74
CA ILE C 4 25.23 -6.08 2.66
C ILE C 4 24.49 -5.06 1.81
N LEU C 5 23.19 -5.22 1.66
CA LEU C 5 22.41 -4.19 1.03
C LEU C 5 22.36 -2.97 1.92
N VAL C 6 22.44 -1.78 1.33
CA VAL C 6 22.38 -0.52 2.07
C VAL C 6 21.32 0.34 1.40
N THR C 7 20.09 0.23 1.87
CA THR C 7 18.99 0.98 1.28
C THR C 7 18.96 2.38 1.89
N GLY C 8 17.98 3.18 1.50
CA GLY C 8 17.95 4.58 1.87
C GLY C 8 16.61 5.00 2.38
N GLY C 9 16.61 5.99 3.26
CA GLY C 9 15.43 6.31 4.02
C GLY C 9 14.59 7.46 3.51
N VAL C 10 14.57 8.55 4.27
CA VAL C 10 13.62 9.62 4.02
C VAL C 10 13.95 10.34 2.73
N ILE C 11 15.22 10.65 2.51
CA ILE C 11 15.66 11.45 1.36
C ILE C 11 16.85 10.78 0.70
N SER C 12 17.21 11.30 -0.46
CA SER C 12 18.43 10.91 -1.15
C SER C 12 19.48 11.99 -0.92
N GLY C 13 20.66 11.58 -0.50
CA GLY C 13 21.64 12.48 0.03
C GLY C 13 21.80 12.40 1.53
N VAL C 14 21.33 11.31 2.15
CA VAL C 14 21.41 11.18 3.58
C VAL C 14 22.77 10.67 4.03
N GLY C 15 23.44 9.88 3.19
CA GLY C 15 24.71 9.32 3.61
C GLY C 15 24.94 7.85 3.28
N LYS C 16 24.11 7.29 2.40
CA LYS C 16 24.30 5.90 2.00
C LYS C 16 25.71 5.65 1.51
N GLY C 17 26.26 6.56 0.73
CA GLY C 17 27.58 6.33 0.15
C GLY C 17 28.67 6.27 1.20
N VAL C 18 28.64 7.21 2.16
CA VAL C 18 29.65 7.22 3.20
C VAL C 18 29.48 6.03 4.14
N ILE C 19 28.24 5.64 4.42
CA ILE C 19 28.02 4.48 5.28
C ILE C 19 28.51 3.21 4.60
N ALA C 20 28.23 3.06 3.31
CA ALA C 20 28.73 1.89 2.59
C ALA C 20 30.24 1.87 2.52
N SER C 21 30.87 2.99 2.20
CA SER C 21 32.32 3.03 2.20
C SER C 21 32.90 2.77 3.58
N SER C 22 32.18 3.12 4.64
CA SER C 22 32.68 2.85 5.97
C SER C 22 32.60 1.36 6.31
N PHE C 23 31.48 0.72 5.96
CA PHE C 23 31.42 -0.73 6.06
C PHE C 23 32.59 -1.36 5.32
N GLY C 24 32.87 -0.86 4.12
CA GLY C 24 33.95 -1.42 3.33
C GLY C 24 35.29 -1.26 4.00
N THR C 25 35.60 -0.05 4.47
CA THR C 25 36.90 0.19 5.06
C THR C 25 37.02 -0.36 6.48
N LEU C 26 35.94 -0.83 7.08
CA LEU C 26 36.07 -1.61 8.31
C LEU C 26 36.35 -3.06 8.00
N LEU C 27 35.50 -3.69 7.16
CA LEU C 27 35.73 -5.08 6.81
C LEU C 27 37.04 -5.27 6.06
N LYS C 28 37.59 -4.19 5.47
CA LYS C 28 38.89 -4.29 4.85
C LYS C 28 40.01 -4.23 5.87
N SER C 29 39.83 -3.46 6.93
CA SER C 29 40.83 -3.44 7.97
C SER C 29 40.84 -4.76 8.74
N CYS C 30 39.68 -5.37 8.91
CA CYS C 30 39.63 -6.63 9.64
C CYS C 30 40.20 -7.81 8.85
N GLY C 31 40.68 -7.60 7.64
CA GLY C 31 41.38 -8.62 6.88
C GLY C 31 40.67 -9.10 5.64
N LEU C 32 39.37 -8.87 5.52
CA LEU C 32 38.61 -9.43 4.41
C LEU C 32 38.95 -8.74 3.10
N ASP C 33 38.38 -9.25 2.02
CA ASP C 33 38.51 -8.67 0.67
C ASP C 33 37.11 -8.23 0.24
N VAL C 34 36.91 -6.93 0.18
CA VAL C 34 35.60 -6.35 -0.08
C VAL C 34 35.54 -5.84 -1.50
N THR C 35 34.39 -6.02 -2.15
CA THR C 35 34.06 -5.37 -3.40
C THR C 35 32.85 -4.48 -3.17
N SER C 36 32.34 -3.89 -4.25
CA SER C 36 31.19 -3.01 -4.11
C SER C 36 30.43 -2.95 -5.42
N ILE C 37 29.16 -2.62 -5.30
CA ILE C 37 28.28 -2.38 -6.43
C ILE C 37 27.43 -1.18 -6.08
N LYS C 38 27.17 -0.34 -7.07
CA LYS C 38 26.23 0.76 -6.90
C LYS C 38 25.11 0.54 -7.88
N ILE C 39 23.88 0.64 -7.40
CA ILE C 39 22.70 0.37 -8.21
C ILE C 39 21.99 1.70 -8.40
N ASP C 40 22.00 2.20 -9.62
CA ASP C 40 21.30 3.43 -9.93
C ASP C 40 19.99 3.10 -10.60
N PRO C 41 18.87 3.39 -10.01
CA PRO C 41 17.60 3.08 -10.66
C PRO C 41 17.21 4.01 -11.79
N TYR C 42 18.13 4.77 -12.34
CA TYR C 42 17.79 5.60 -13.49
C TYR C 42 18.05 4.85 -14.79
N ILE C 43 17.33 5.23 -15.85
CA ILE C 43 17.41 4.52 -17.13
C ILE C 43 18.48 5.21 -17.95
N ASN C 44 19.72 4.86 -17.67
CA ASN C 44 20.85 5.42 -18.39
C ASN C 44 21.93 4.36 -18.43
N ILE C 45 22.48 4.10 -19.61
CA ILE C 45 23.50 3.07 -19.70
C ILE C 45 24.71 3.46 -18.86
N ASP C 46 25.13 4.71 -18.95
CA ASP C 46 26.23 5.21 -18.13
C ASP C 46 26.11 6.73 -18.04
N ALA C 47 26.88 7.30 -17.13
CA ALA C 47 26.83 8.74 -16.90
C ALA C 47 27.60 9.53 -17.94
N GLY C 48 28.07 8.90 -19.01
CA GLY C 48 28.90 9.55 -19.99
C GLY C 48 28.25 10.73 -20.69
N THR C 49 26.96 10.97 -20.43
CA THR C 49 26.26 12.12 -21.00
C THR C 49 25.55 12.93 -19.92
N PHE C 50 25.95 12.79 -18.67
CA PHE C 50 25.30 13.51 -17.59
C PHE C 50 25.88 14.91 -17.45
N SER C 51 25.17 15.74 -16.73
CA SER C 51 25.73 17.02 -16.37
C SER C 51 26.20 16.99 -14.92
N PRO C 52 27.19 17.80 -14.56
CA PRO C 52 27.62 17.84 -13.16
C PRO C 52 26.51 18.24 -12.21
N TYR C 53 25.59 19.10 -12.64
CA TYR C 53 24.54 19.54 -11.75
C TYR C 53 23.57 18.44 -11.38
N GLU C 54 23.44 17.40 -12.20
CA GLU C 54 22.50 16.33 -11.91
C GLU C 54 22.89 15.59 -10.64
N HIS C 55 24.05 14.93 -10.65
CA HIS C 55 24.53 14.20 -9.50
C HIS C 55 25.98 14.54 -9.13
N GLY C 56 26.77 15.07 -10.05
CA GLY C 56 28.07 15.61 -9.69
C GLY C 56 29.28 14.82 -10.11
N GLU C 57 30.11 15.42 -10.96
CA GLU C 57 31.46 14.92 -11.22
C GLU C 57 31.46 13.49 -11.74
N VAL C 58 30.99 13.36 -12.99
CA VAL C 58 31.10 12.11 -13.72
C VAL C 58 32.50 11.53 -13.55
N TYR C 59 32.57 10.30 -13.08
CA TYR C 59 33.83 9.62 -12.80
C TYR C 59 34.32 8.91 -14.05
N VAL C 60 35.51 8.32 -13.97
CA VAL C 60 36.09 7.61 -15.11
C VAL C 60 36.89 6.44 -14.58
N LEU C 61 36.57 5.24 -15.05
CA LEU C 61 37.25 4.04 -14.59
C LEU C 61 38.41 3.72 -15.51
N ASP C 62 39.10 2.63 -15.22
CA ASP C 62 40.32 2.31 -15.96
C ASP C 62 40.01 1.87 -17.37
N ASP C 63 38.93 1.10 -17.56
CA ASP C 63 38.59 0.65 -18.89
C ASP C 63 37.88 1.70 -19.72
N GLY C 64 37.32 2.72 -19.08
CA GLY C 64 36.78 3.85 -19.82
C GLY C 64 35.30 4.03 -19.66
N ALA C 65 34.76 3.59 -18.54
CA ALA C 65 33.33 3.65 -18.29
C ALA C 65 33.02 4.83 -17.37
N GLU C 66 32.46 5.88 -17.92
CA GLU C 66 32.01 7.00 -17.11
C GLU C 66 30.89 6.55 -16.19
N VAL C 67 31.10 6.67 -14.89
CA VAL C 67 30.17 6.11 -13.93
C VAL C 67 29.77 7.17 -12.92
N ASP C 68 29.03 6.76 -11.90
CA ASP C 68 28.56 7.66 -10.87
C ASP C 68 29.72 8.14 -10.01
N LEU C 69 29.41 8.89 -8.96
CA LEU C 69 30.44 9.41 -8.07
C LEU C 69 30.71 8.46 -6.91
N ASP C 70 29.70 7.71 -6.48
CA ASP C 70 29.94 6.73 -5.43
C ASP C 70 30.93 5.67 -5.87
N LEU C 71 31.03 5.43 -7.17
CA LEU C 71 32.06 4.54 -7.68
C LEU C 71 33.46 5.08 -7.44
N GLY C 72 33.60 6.35 -7.13
CA GLY C 72 34.88 6.90 -6.78
C GLY C 72 35.04 6.95 -5.29
N ASN C 73 33.93 7.17 -4.59
CA ASN C 73 33.94 7.05 -3.14
C ASN C 73 34.47 5.69 -2.72
N TYR C 74 33.99 4.63 -3.37
CA TYR C 74 34.44 3.28 -3.02
C TYR C 74 35.93 3.14 -3.25
N GLU C 75 36.43 3.63 -4.37
CA GLU C 75 37.85 3.48 -4.66
C GLU C 75 38.68 4.25 -3.66
N ARG C 76 38.27 5.46 -3.32
CA ARG C 76 39.05 6.27 -2.39
C ARG C 76 39.04 5.69 -0.98
N PHE C 77 38.02 4.93 -0.62
CA PHE C 77 38.00 4.36 0.72
C PHE C 77 38.53 2.94 0.79
N LEU C 78 38.62 2.21 -0.31
CA LEU C 78 39.05 0.82 -0.27
C LEU C 78 40.33 0.52 -1.03
N ASP C 79 40.83 1.45 -1.84
CA ASP C 79 42.01 1.22 -2.67
C ASP C 79 41.81 0.02 -3.61
N VAL C 80 40.66 -0.04 -4.25
CA VAL C 80 40.37 -1.06 -5.23
C VAL C 80 40.24 -0.40 -6.60
N THR C 81 40.13 -1.23 -7.63
CA THR C 81 40.05 -0.75 -9.01
C THR C 81 38.81 -1.36 -9.66
N LEU C 82 37.67 -0.73 -9.46
CA LEU C 82 36.41 -1.29 -9.91
C LEU C 82 36.36 -1.34 -11.44
N HIS C 83 35.33 -2.00 -11.95
CA HIS C 83 35.18 -2.23 -13.39
C HIS C 83 33.90 -1.59 -13.88
N ARG C 84 33.63 -1.76 -15.17
CA ARG C 84 32.42 -1.19 -15.74
C ARG C 84 31.18 -1.83 -15.16
N ASP C 85 31.23 -3.12 -14.87
CA ASP C 85 30.08 -3.88 -14.42
C ASP C 85 29.77 -3.70 -12.96
N ASN C 86 30.51 -2.87 -12.24
CA ASN C 86 30.20 -2.58 -10.86
C ASN C 86 29.19 -1.46 -10.72
N ASN C 87 28.43 -1.18 -11.77
CA ASN C 87 27.43 -0.13 -11.73
C ASN C 87 26.22 -0.63 -12.52
N ILE C 88 25.22 -1.10 -11.80
CA ILE C 88 23.98 -1.54 -12.42
C ILE C 88 23.06 -0.35 -12.60
N THR C 89 22.36 -0.31 -13.71
CA THR C 89 21.35 0.69 -13.95
C THR C 89 20.17 0.01 -14.60
N THR C 90 18.98 0.56 -14.39
CA THR C 90 17.79 -0.02 -14.99
C THR C 90 17.96 -0.18 -16.49
N GLY C 91 18.62 0.77 -17.14
CA GLY C 91 18.84 0.67 -18.56
C GLY C 91 19.67 -0.54 -18.94
N LYS C 92 20.74 -0.80 -18.21
CA LYS C 92 21.59 -1.95 -18.51
C LYS C 92 20.80 -3.24 -18.41
N ILE C 93 20.03 -3.40 -17.33
CA ILE C 93 19.28 -4.63 -17.11
C ILE C 93 18.25 -4.81 -18.21
N TYR C 94 17.47 -3.77 -18.51
CA TYR C 94 16.41 -3.93 -19.49
C TYR C 94 16.98 -4.17 -20.88
N LYS C 95 18.08 -3.52 -21.23
CA LYS C 95 18.66 -3.75 -22.54
C LYS C 95 19.21 -5.16 -22.64
N LEU C 96 19.84 -5.66 -21.58
CA LEU C 96 20.33 -7.03 -21.59
C LEU C 96 19.19 -8.01 -21.82
N VAL C 97 18.11 -7.86 -21.04
CA VAL C 97 17.00 -8.81 -21.15
C VAL C 97 16.33 -8.70 -22.51
N ILE C 98 16.21 -7.50 -23.06
CA ILE C 98 15.56 -7.36 -24.36
C ILE C 98 16.41 -8.00 -25.44
N GLU C 99 17.73 -7.82 -25.41
CA GLU C 99 18.57 -8.47 -26.39
C GLU C 99 18.48 -9.98 -26.29
N LYS C 100 18.47 -10.50 -25.06
CA LYS C 100 18.33 -11.94 -24.89
C LYS C 100 17.02 -12.43 -25.47
N GLU C 101 15.93 -11.73 -25.19
CA GLU C 101 14.63 -12.12 -25.72
C GLU C 101 14.65 -12.13 -27.24
N ARG C 102 15.15 -11.06 -27.86
CA ARG C 102 15.14 -10.99 -29.32
C ARG C 102 15.98 -12.10 -29.92
N THR C 103 17.13 -12.39 -29.33
CA THR C 103 17.95 -13.47 -29.89
C THR C 103 17.38 -14.85 -29.57
N GLY C 104 16.44 -14.94 -28.65
CA GLY C 104 15.70 -16.17 -28.46
C GLY C 104 16.16 -17.07 -27.33
N GLU C 105 17.00 -16.57 -26.42
CA GLU C 105 17.47 -17.38 -25.32
C GLU C 105 16.43 -17.56 -24.23
N TYR C 106 15.28 -16.91 -24.35
CA TYR C 106 14.12 -17.16 -23.50
C TYR C 106 13.08 -17.97 -24.25
N LEU C 107 13.53 -18.93 -25.06
CA LEU C 107 12.78 -19.50 -26.16
C LEU C 107 11.33 -19.79 -25.78
N GLY C 108 10.41 -19.11 -26.46
CA GLY C 108 9.00 -19.28 -26.23
C GLY C 108 8.57 -19.16 -24.79
N LYS C 109 8.63 -17.96 -24.22
CA LYS C 109 8.15 -17.72 -22.88
C LYS C 109 7.81 -16.24 -22.74
N THR C 110 6.88 -15.94 -21.83
CA THR C 110 6.45 -14.57 -21.59
C THR C 110 7.43 -13.90 -20.64
N VAL C 111 8.39 -13.17 -21.20
CA VAL C 111 9.38 -12.48 -20.38
C VAL C 111 8.68 -11.36 -19.62
N GLN C 112 8.59 -11.50 -18.31
CA GLN C 112 7.95 -10.49 -17.49
C GLN C 112 8.88 -10.06 -16.37
N VAL C 113 8.49 -8.97 -15.69
CA VAL C 113 9.36 -8.38 -14.67
C VAL C 113 9.74 -9.44 -13.65
N VAL C 114 8.77 -9.97 -12.92
CA VAL C 114 8.98 -11.16 -12.10
C VAL C 114 8.57 -12.36 -12.94
N PRO C 115 9.47 -13.32 -13.18
CA PRO C 115 10.79 -13.36 -12.56
C PRO C 115 11.96 -12.96 -13.44
N HIS C 116 11.77 -12.50 -14.67
CA HIS C 116 12.92 -12.46 -15.57
C HIS C 116 13.84 -11.29 -15.29
N ILE C 117 13.29 -10.10 -15.05
CA ILE C 117 14.13 -8.96 -14.72
C ILE C 117 14.82 -9.18 -13.39
N THR C 118 14.11 -9.70 -12.39
CA THR C 118 14.75 -9.90 -11.10
C THR C 118 15.75 -11.04 -11.13
N ASP C 119 15.55 -12.05 -11.97
CA ASP C 119 16.59 -13.05 -12.12
C ASP C 119 17.80 -12.49 -12.83
N ALA C 120 17.59 -11.59 -13.79
CA ALA C 120 18.73 -10.92 -14.41
C ALA C 120 19.50 -10.11 -13.38
N ILE C 121 18.79 -9.41 -12.51
CA ILE C 121 19.45 -8.60 -11.48
C ILE C 121 20.25 -9.48 -10.54
N GLN C 122 19.65 -10.59 -10.09
CA GLN C 122 20.36 -11.47 -9.17
C GLN C 122 21.57 -12.11 -9.81
N GLU C 123 21.45 -12.57 -11.05
CA GLU C 123 22.60 -13.14 -11.73
C GLU C 123 23.67 -12.09 -11.96
N TRP C 124 23.29 -10.85 -12.22
CA TRP C 124 24.27 -9.78 -12.37
C TRP C 124 25.02 -9.57 -11.08
N VAL C 125 24.31 -9.48 -9.97
CA VAL C 125 24.97 -9.21 -8.70
C VAL C 125 25.88 -10.36 -8.33
N GLU C 126 25.43 -11.59 -8.54
CA GLU C 126 26.27 -12.73 -8.17
C GLU C 126 27.47 -12.89 -9.09
N ARG C 127 27.33 -12.56 -10.38
CA ARG C 127 28.46 -12.67 -11.28
C ARG C 127 29.47 -11.57 -11.05
N VAL C 128 29.01 -10.38 -10.68
CA VAL C 128 29.93 -9.27 -10.47
C VAL C 128 30.64 -9.41 -9.14
N ALA C 129 29.94 -9.85 -8.11
CA ALA C 129 30.56 -9.90 -6.80
C ALA C 129 31.75 -10.86 -6.73
N GLN C 130 32.05 -11.60 -7.78
CA GLN C 130 33.17 -12.53 -7.76
C GLN C 130 34.27 -12.15 -8.75
N THR C 131 34.19 -11.01 -9.38
CA THR C 131 35.22 -10.60 -10.31
C THR C 131 36.40 -10.04 -9.53
N PRO C 132 37.61 -10.59 -9.68
CA PRO C 132 38.75 -10.12 -8.90
C PRO C 132 38.97 -8.63 -9.10
N VAL C 133 38.82 -7.88 -8.02
CA VAL C 133 38.82 -6.42 -8.10
C VAL C 133 40.12 -5.80 -7.61
N GLN C 134 40.99 -6.56 -6.97
CA GLN C 134 42.25 -6.05 -6.43
C GLN C 134 43.39 -6.99 -6.79
N GLY C 135 43.45 -7.38 -8.06
CA GLY C 135 44.47 -8.30 -8.49
C GLY C 135 43.92 -9.68 -8.77
N SER C 136 44.18 -10.62 -7.85
CA SER C 136 43.72 -11.99 -8.02
C SER C 136 42.99 -12.50 -6.79
N SER C 137 42.62 -11.63 -5.86
CA SER C 137 41.93 -12.05 -4.65
C SER C 137 40.43 -12.13 -4.93
N LYS C 138 39.88 -13.33 -4.87
CA LYS C 138 38.45 -13.48 -5.00
C LYS C 138 37.76 -12.80 -3.83
N PRO C 139 36.80 -11.92 -4.07
CA PRO C 139 36.20 -11.15 -2.98
C PRO C 139 35.52 -12.07 -1.97
N GLN C 140 35.20 -11.50 -0.82
CA GLN C 140 34.51 -12.23 0.23
C GLN C 140 33.28 -11.53 0.78
N VAL C 141 33.19 -10.21 0.71
CA VAL C 141 31.99 -9.47 1.05
C VAL C 141 31.69 -8.51 -0.09
N CYS C 142 30.42 -8.28 -0.36
CA CYS C 142 30.01 -7.36 -1.42
C CYS C 142 29.03 -6.36 -0.83
N ILE C 143 29.40 -5.09 -0.87
CA ILE C 143 28.56 -4.02 -0.32
C ILE C 143 27.72 -3.48 -1.47
N VAL C 144 26.51 -3.99 -1.61
CA VAL C 144 25.59 -3.45 -2.59
C VAL C 144 24.90 -2.24 -2.00
N GLU C 145 24.90 -1.14 -2.74
CA GLU C 145 24.22 0.08 -2.30
C GLU C 145 23.11 0.40 -3.28
N LEU C 146 21.91 0.51 -2.78
CA LEU C 146 20.74 0.76 -3.62
C LEU C 146 20.45 2.25 -3.62
N GLY C 147 20.67 2.89 -4.75
CA GLY C 147 20.44 4.31 -4.83
C GLY C 147 18.98 4.67 -4.68
N GLY C 148 18.72 5.93 -4.45
CA GLY C 148 17.36 6.40 -4.28
C GLY C 148 16.81 6.03 -2.92
N THR C 149 15.55 6.39 -2.70
CA THR C 149 14.86 6.11 -1.46
C THR C 149 13.89 4.95 -1.64
N ILE C 150 13.59 4.27 -0.54
CA ILE C 150 12.69 3.14 -0.59
C ILE C 150 11.26 3.63 -0.78
N GLY C 151 10.64 3.22 -1.87
CA GLY C 151 9.27 3.62 -2.14
C GLY C 151 9.09 4.16 -3.53
N ASP C 152 10.20 4.43 -4.21
CA ASP C 152 10.13 4.97 -5.55
C ASP C 152 9.63 3.91 -6.53
N ILE C 153 9.08 4.37 -7.64
CA ILE C 153 8.61 3.43 -8.66
C ILE C 153 9.78 2.84 -9.42
N GLU C 154 10.88 3.57 -9.52
CA GLU C 154 12.02 3.07 -10.28
C GLU C 154 12.74 1.95 -9.56
N GLY C 155 12.63 1.90 -8.25
CA GLY C 155 13.36 0.91 -7.48
C GLY C 155 12.49 -0.21 -6.96
N MET C 156 11.45 -0.56 -7.69
CA MET C 156 10.64 -1.71 -7.34
C MET C 156 11.29 -3.01 -7.82
N PRO C 157 11.77 -3.08 -9.06
CA PRO C 157 12.48 -4.31 -9.46
C PRO C 157 13.61 -4.67 -8.53
N PHE C 158 14.36 -3.70 -8.04
CA PHE C 158 15.52 -4.02 -7.23
C PHE C 158 15.11 -4.46 -5.83
N VAL C 159 14.13 -3.81 -5.23
CA VAL C 159 13.68 -4.25 -3.92
C VAL C 159 13.07 -5.64 -4.00
N GLU C 160 12.37 -5.94 -5.09
CA GLU C 160 11.81 -7.29 -5.24
C GLU C 160 12.93 -8.31 -5.45
N ALA C 161 13.91 -7.99 -6.29
CA ALA C 161 15.00 -8.92 -6.52
C ALA C 161 15.75 -9.21 -5.24
N PHE C 162 15.90 -8.21 -4.37
CA PHE C 162 16.61 -8.49 -3.13
C PHE C 162 15.72 -9.20 -2.12
N ARG C 163 14.41 -8.97 -2.16
CA ARG C 163 13.50 -9.74 -1.34
C ARG C 163 13.62 -11.22 -1.65
N GLN C 164 13.81 -11.56 -2.92
CA GLN C 164 14.04 -12.96 -3.25
C GLN C 164 15.47 -13.40 -2.98
N PHE C 165 16.43 -12.49 -3.13
CA PHE C 165 17.83 -12.83 -2.89
C PHE C 165 18.06 -13.25 -1.45
N GLN C 166 17.40 -12.60 -0.51
CA GLN C 166 17.67 -12.90 0.89
C GLN C 166 17.28 -14.31 1.28
N PHE C 167 16.49 -15.00 0.46
CA PHE C 167 16.19 -16.41 0.65
C PHE C 167 17.00 -17.30 -0.27
N ARG C 168 17.23 -16.86 -1.50
CA ARG C 168 18.06 -17.63 -2.41
C ARG C 168 19.47 -17.81 -1.87
N VAL C 169 19.94 -16.90 -1.03
CA VAL C 169 21.34 -16.94 -0.62
C VAL C 169 21.48 -17.19 0.87
N LYS C 170 20.57 -17.98 1.44
CA LYS C 170 20.81 -18.52 2.78
C LYS C 170 20.97 -17.45 3.84
N ARG C 171 19.86 -16.85 4.26
CA ARG C 171 19.76 -15.59 4.98
C ARG C 171 20.90 -15.31 5.96
N GLU C 172 21.55 -16.34 6.49
CA GLU C 172 22.75 -16.08 7.26
C GLU C 172 23.89 -15.47 6.44
N ASN C 173 23.68 -15.23 5.16
CA ASN C 173 24.67 -14.62 4.28
C ASN C 173 24.16 -13.32 3.68
N PHE C 174 23.41 -12.53 4.44
CA PHE C 174 22.77 -11.35 3.87
C PHE C 174 22.34 -10.44 5.02
N CYS C 175 22.93 -9.25 5.09
CA CYS C 175 22.54 -8.23 6.04
C CYS C 175 21.66 -7.20 5.35
N LEU C 176 21.34 -6.13 6.06
CA LEU C 176 20.64 -5.00 5.45
C LEU C 176 20.74 -3.82 6.39
N ALA C 177 21.34 -2.72 5.93
CA ALA C 177 21.42 -1.49 6.71
C ALA C 177 20.54 -0.45 6.07
N HIS C 178 19.70 0.19 6.86
CA HIS C 178 18.75 1.16 6.36
C HIS C 178 19.10 2.52 6.94
N VAL C 179 19.70 3.37 6.13
CA VAL C 179 20.10 4.70 6.54
C VAL C 179 18.89 5.62 6.48
N SER C 180 18.60 6.30 7.58
CA SER C 180 17.42 7.14 7.64
C SER C 180 17.77 8.48 8.27
N LEU C 181 16.89 9.45 8.08
CA LEU C 181 17.10 10.82 8.54
C LEU C 181 16.16 11.14 9.70
N VAL C 182 16.70 11.78 10.72
CA VAL C 182 15.93 12.18 11.88
C VAL C 182 15.94 13.71 11.97
N PRO C 183 14.95 14.39 11.41
CA PRO C 183 14.98 15.85 11.41
C PRO C 183 14.77 16.41 12.81
N LEU C 184 15.16 17.66 12.96
CA LEU C 184 15.01 18.40 14.22
C LEU C 184 14.56 19.80 13.86
N PRO C 185 13.26 20.00 13.68
CA PRO C 185 12.79 21.32 13.26
C PRO C 185 13.06 22.36 14.32
N LYS C 186 13.58 23.52 13.88
CA LYS C 186 13.94 24.56 14.83
C LYS C 186 12.72 25.16 15.50
N ALA C 187 11.57 25.13 14.84
CA ALA C 187 10.35 25.67 15.43
C ALA C 187 9.89 24.83 16.61
N THR C 188 9.94 23.51 16.48
CA THR C 188 9.48 22.63 17.54
C THR C 188 10.54 22.49 18.64
N GLY C 189 11.71 22.01 18.28
CA GLY C 189 12.81 21.88 19.20
C GLY C 189 13.09 20.48 19.71
N GLU C 190 12.57 19.45 19.06
CA GLU C 190 12.79 18.08 19.48
C GLU C 190 12.93 17.21 18.24
N PRO C 191 13.84 16.25 18.25
CA PRO C 191 13.97 15.36 17.09
C PRO C 191 12.72 14.52 16.91
N LYS C 192 12.36 14.30 15.66
CA LYS C 192 11.12 13.63 15.31
C LYS C 192 11.41 12.25 14.76
N THR C 193 10.58 11.28 15.12
CA THR C 193 10.83 9.91 14.70
C THR C 193 9.85 9.40 13.66
N LYS C 194 8.78 10.14 13.40
CA LYS C 194 7.78 9.68 12.44
C LYS C 194 8.35 9.41 11.06
N PRO C 195 9.27 10.20 10.51
CA PRO C 195 9.80 9.85 9.19
C PRO C 195 10.49 8.49 9.15
N THR C 196 11.36 8.21 10.12
CA THR C 196 12.03 6.92 10.14
C THR C 196 11.03 5.79 10.34
N GLN C 197 10.04 6.00 11.21
CA GLN C 197 9.02 4.98 11.39
C GLN C 197 8.30 4.68 10.09
N SER C 198 7.90 5.73 9.37
CA SER C 198 7.16 5.52 8.13
C SER C 198 8.02 4.84 7.09
N SER C 199 9.30 5.21 7.01
CA SER C 199 10.18 4.58 6.03
C SER C 199 10.42 3.12 6.36
N VAL C 200 10.61 2.79 7.65
CA VAL C 200 10.81 1.40 8.02
C VAL C 200 9.57 0.58 7.74
N ARG C 201 8.39 1.15 7.99
CA ARG C 201 7.16 0.45 7.67
C ARG C 201 7.03 0.21 6.17
N GLU C 202 7.35 1.22 5.36
CA GLU C 202 7.28 1.03 3.91
C GLU C 202 8.27 0.00 3.43
N LEU C 203 9.42 -0.11 4.10
CA LEU C 203 10.39 -1.14 3.74
C LEU C 203 9.92 -2.51 4.16
N ARG C 204 9.18 -2.61 5.27
CA ARG C 204 8.62 -3.89 5.69
C ARG C 204 7.50 -4.35 4.77
N GLY C 205 6.70 -3.41 4.27
CA GLY C 205 5.69 -3.75 3.29
C GLY C 205 6.23 -4.31 2.00
N CYS C 206 7.55 -4.31 1.82
CA CYS C 206 8.18 -4.89 0.65
C CYS C 206 8.90 -6.18 0.98
N GLY C 207 8.78 -6.66 2.21
CA GLY C 207 9.36 -7.94 2.56
C GLY C 207 10.62 -7.84 3.38
N LEU C 208 11.50 -6.91 3.01
CA LEU C 208 12.78 -6.80 3.69
C LEU C 208 12.59 -6.28 5.12
N SER C 209 13.56 -6.60 5.97
CA SER C 209 13.52 -6.17 7.36
C SER C 209 14.89 -5.64 7.74
N PRO C 210 14.97 -4.44 8.31
CA PRO C 210 16.27 -3.81 8.57
C PRO C 210 17.03 -4.55 9.66
N ASP C 211 18.22 -5.04 9.31
CA ASP C 211 19.10 -5.60 10.32
C ASP C 211 19.84 -4.51 11.09
N LEU C 212 20.03 -3.34 10.50
CA LEU C 212 20.54 -2.17 11.19
C LEU C 212 19.69 -0.98 10.80
N ILE C 213 19.79 0.08 11.59
CA ILE C 213 19.15 1.34 11.26
C ILE C 213 20.11 2.43 11.66
N VAL C 214 20.71 3.10 10.68
CA VAL C 214 21.64 4.18 10.94
C VAL C 214 20.85 5.48 10.92
N CYS C 215 20.72 6.12 12.08
CA CYS C 215 19.94 7.35 12.21
C CYS C 215 20.86 8.54 12.00
N ARG C 216 20.72 9.20 10.86
CA ARG C 216 21.55 10.35 10.51
C ARG C 216 20.82 11.62 10.90
N SER C 217 21.36 12.35 11.86
CA SER C 217 20.80 13.60 12.31
C SER C 217 21.87 14.68 12.25
N GLU C 218 21.51 15.89 12.68
CA GLU C 218 22.43 17.01 12.66
C GLU C 218 23.25 17.14 13.93
N LYS C 219 22.64 16.95 15.09
CA LYS C 219 23.32 16.95 16.37
C LYS C 219 23.02 15.64 17.07
N PRO C 220 23.89 15.21 17.98
CA PRO C 220 23.68 13.89 18.61
C PRO C 220 22.35 13.83 19.33
N ILE C 221 21.57 12.83 18.99
CA ILE C 221 20.26 12.63 19.61
C ILE C 221 20.47 11.92 20.93
N GLY C 222 19.61 12.22 21.90
CA GLY C 222 19.72 11.64 23.22
C GLY C 222 19.39 10.17 23.25
N LEU C 223 19.03 9.65 24.42
CA LEU C 223 18.65 8.26 24.52
C LEU C 223 17.15 8.05 24.40
N GLU C 224 16.34 9.08 24.71
CA GLU C 224 14.90 8.96 24.53
C GLU C 224 14.56 8.61 23.10
N VAL C 225 15.19 9.29 22.14
CA VAL C 225 14.84 9.06 20.74
C VAL C 225 15.37 7.72 20.27
N LYS C 226 16.50 7.26 20.81
CA LYS C 226 16.96 5.92 20.47
C LYS C 226 15.98 4.87 20.98
N GLU C 227 15.45 5.04 22.19
CA GLU C 227 14.44 4.10 22.67
C GLU C 227 13.18 4.16 21.82
N LYS C 228 12.76 5.37 21.43
CA LYS C 228 11.58 5.47 20.60
C LYS C 228 11.76 4.77 19.27
N ILE C 229 12.93 4.95 18.64
CA ILE C 229 13.22 4.24 17.39
C ILE C 229 13.18 2.75 17.62
N SER C 230 13.89 2.28 18.65
CA SER C 230 13.97 0.84 18.88
C SER C 230 12.60 0.24 19.09
N ASN C 231 11.75 0.90 19.87
CA ASN C 231 10.40 0.38 20.09
C ASN C 231 9.58 0.42 18.81
N PHE C 232 9.35 1.61 18.27
CA PHE C 232 8.44 1.78 17.15
C PHE C 232 8.97 1.24 15.84
N CYS C 233 10.17 0.66 15.80
CA CYS C 233 10.64 -0.03 14.63
C CYS C 233 11.09 -1.45 14.90
N HIS C 234 11.00 -1.92 16.15
CA HIS C 234 11.21 -3.32 16.49
C HIS C 234 12.60 -3.80 16.07
N VAL C 235 13.60 -3.13 16.64
CA VAL C 235 14.98 -3.56 16.55
C VAL C 235 15.63 -3.33 17.91
N GLY C 236 16.58 -4.19 18.24
CA GLY C 236 17.26 -4.11 19.51
C GLY C 236 18.00 -2.80 19.66
N PRO C 237 17.97 -2.23 20.87
CA PRO C 237 18.59 -0.90 21.07
C PRO C 237 20.09 -0.87 20.86
N ASP C 238 20.70 -2.00 20.48
CA ASP C 238 22.11 -2.02 20.12
C ASP C 238 22.33 -2.12 18.63
N GLN C 239 21.28 -2.25 17.83
CA GLN C 239 21.38 -2.23 16.38
C GLN C 239 20.64 -1.02 15.83
N VAL C 240 20.82 0.13 16.47
CA VAL C 240 20.36 1.41 15.97
C VAL C 240 21.51 2.39 16.18
N ILE C 241 22.15 2.80 15.10
CA ILE C 241 23.33 3.65 15.16
C ILE C 241 22.94 5.09 14.92
N CYS C 242 23.67 6.00 15.55
CA CYS C 242 23.46 7.43 15.38
C CYS C 242 24.74 8.05 14.86
N ILE C 243 24.68 8.64 13.67
CA ILE C 243 25.82 9.28 13.04
C ILE C 243 25.40 10.72 12.75
N HIS C 244 25.90 11.66 13.55
CA HIS C 244 25.58 13.05 13.30
C HIS C 244 26.53 13.63 12.26
N ASP C 245 26.40 14.92 11.99
CA ASP C 245 27.23 15.58 11.00
C ASP C 245 28.62 15.82 11.59
N LEU C 246 29.56 14.95 11.23
CA LEU C 246 30.91 15.08 11.75
C LEU C 246 31.67 16.16 10.99
N ASN C 247 32.90 16.43 11.42
CA ASN C 247 33.71 17.44 10.75
C ASN C 247 34.15 16.95 9.38
N SER C 248 34.92 15.87 9.34
CA SER C 248 35.32 15.23 8.10
C SER C 248 34.85 13.80 8.11
N ILE C 249 34.65 13.25 6.92
CA ILE C 249 34.11 11.90 6.82
C ILE C 249 35.12 10.82 7.18
N TYR C 250 36.37 11.18 7.46
CA TYR C 250 37.28 10.19 8.02
C TYR C 250 36.92 9.83 9.44
N HIS C 251 35.88 10.44 10.00
CA HIS C 251 35.42 10.09 11.34
C HIS C 251 34.32 9.07 11.34
N VAL C 252 33.65 8.85 10.21
CA VAL C 252 32.49 7.97 10.16
C VAL C 252 32.90 6.50 10.37
N PRO C 253 33.97 6.01 9.76
CA PRO C 253 34.43 4.66 10.12
C PRO C 253 34.64 4.48 11.60
N LEU C 254 35.34 5.40 12.25
CA LEU C 254 35.61 5.25 13.67
C LEU C 254 34.35 5.38 14.50
N LEU C 255 33.46 6.32 14.15
CA LEU C 255 32.24 6.49 14.90
C LEU C 255 31.36 5.26 14.82
N MET C 256 31.36 4.58 13.67
CA MET C 256 30.62 3.34 13.60
C MET C 256 31.33 2.23 14.37
N GLU C 257 32.65 2.16 14.26
CA GLU C 257 33.38 1.07 14.90
C GLU C 257 33.25 1.13 16.41
N GLN C 258 33.22 2.33 16.99
CA GLN C 258 33.01 2.43 18.43
C GLN C 258 31.57 2.13 18.83
N ASN C 259 30.66 2.03 17.89
CA ASN C 259 29.30 1.56 18.15
C ASN C 259 29.13 0.08 17.87
N GLY C 260 30.23 -0.65 17.77
CA GLY C 260 30.16 -2.10 17.69
C GLY C 260 29.60 -2.66 16.41
N VAL C 261 29.67 -1.91 15.31
CA VAL C 261 29.24 -2.44 14.03
C VAL C 261 30.24 -3.42 13.43
N ILE C 262 31.35 -3.65 14.10
CA ILE C 262 32.18 -4.81 13.77
C ILE C 262 31.72 -6.03 14.52
N GLU C 263 31.44 -5.89 15.81
CA GLU C 263 30.92 -7.00 16.61
C GLU C 263 29.61 -7.50 16.04
N TYR C 264 28.67 -6.58 15.78
CA TYR C 264 27.37 -6.99 15.28
C TYR C 264 27.50 -7.71 13.94
N LEU C 265 28.35 -7.20 13.05
CA LEU C 265 28.48 -7.84 11.75
C LEU C 265 29.15 -9.20 11.87
N ASN C 266 30.18 -9.32 12.70
CA ASN C 266 30.83 -10.61 12.84
C ASN C 266 29.93 -11.63 13.51
N GLU C 267 28.93 -11.17 14.27
CA GLU C 267 27.96 -12.10 14.83
C GLU C 267 26.84 -12.43 13.85
N ARG C 268 26.48 -11.48 12.99
CA ARG C 268 25.32 -11.66 12.12
C ARG C 268 25.65 -12.34 10.80
N LEU C 269 26.83 -12.10 10.24
CA LEU C 269 27.23 -12.74 9.00
C LEU C 269 28.21 -13.90 9.22
N GLN C 270 28.68 -14.11 10.44
CA GLN C 270 29.62 -15.18 10.76
C GLN C 270 30.89 -15.06 9.91
N LEU C 271 31.60 -13.95 10.11
CA LEU C 271 32.74 -13.62 9.27
C LEU C 271 34.05 -14.20 9.77
N ASN C 272 34.12 -14.63 11.02
CA ASN C 272 35.33 -15.19 11.62
C ASN C 272 36.45 -14.14 11.65
N ILE C 273 36.12 -12.99 12.22
CA ILE C 273 37.06 -11.89 12.37
C ILE C 273 37.75 -12.03 13.73
N ASP C 274 39.08 -11.99 13.72
CA ASP C 274 39.86 -12.12 14.95
C ASP C 274 39.99 -10.74 15.59
N MET C 275 39.23 -10.51 16.65
CA MET C 275 39.26 -9.20 17.30
C MET C 275 40.56 -8.97 18.05
N SER C 276 41.18 -10.04 18.56
CA SER C 276 42.48 -9.89 19.22
C SER C 276 43.58 -9.48 18.26
N LYS C 277 43.30 -9.40 16.96
CA LYS C 277 44.23 -8.89 15.98
C LYS C 277 43.72 -7.66 15.25
N ARG C 278 42.41 -7.47 15.15
CA ARG C 278 41.84 -6.33 14.43
C ARG C 278 42.08 -5.01 15.13
N THR C 279 42.70 -4.99 16.31
CA THR C 279 42.87 -3.74 17.05
C THR C 279 43.82 -2.80 16.32
N LYS C 280 45.03 -3.27 16.03
CA LYS C 280 46.06 -2.42 15.42
C LYS C 280 46.06 -2.59 13.90
N CYS C 281 44.90 -2.32 13.31
CA CYS C 281 44.81 -2.23 11.86
C CYS C 281 44.11 -0.95 11.40
N LEU C 282 43.10 -0.50 12.12
CA LEU C 282 42.43 0.76 11.82
C LEU C 282 43.17 1.92 12.49
N GLN C 283 44.43 2.10 12.10
CA GLN C 283 45.29 3.11 12.68
C GLN C 283 45.57 4.28 11.76
N GLN C 284 45.77 4.01 10.47
CA GLN C 284 45.91 5.09 9.51
C GLN C 284 44.72 6.02 9.52
N TRP C 285 43.52 5.50 9.74
CA TRP C 285 42.34 6.34 9.78
C TRP C 285 42.24 7.15 11.07
N ARG C 286 42.67 6.62 12.22
CA ARG C 286 42.75 7.47 13.40
C ARG C 286 43.76 8.58 13.19
N ASP C 287 44.91 8.25 12.60
CA ASP C 287 45.91 9.26 12.33
C ASP C 287 45.35 10.35 11.42
N LEU C 288 44.67 9.95 10.34
CA LEU C 288 44.10 10.93 9.42
C LEU C 288 43.03 11.76 10.10
N ALA C 289 42.15 11.13 10.88
CA ALA C 289 41.08 11.88 11.52
C ALA C 289 41.62 12.87 12.53
N ARG C 290 42.78 12.59 13.13
CA ARG C 290 43.36 13.56 14.05
C ARG C 290 44.09 14.66 13.29
N ARG C 291 44.79 14.32 12.22
CA ARG C 291 45.42 15.36 11.40
C ARG C 291 44.37 16.27 10.79
N THR C 292 43.15 15.79 10.62
CA THR C 292 42.08 16.66 10.14
C THR C 292 41.73 17.75 11.13
N GLU C 293 42.00 17.54 12.42
CA GLU C 293 41.67 18.56 13.41
C GLU C 293 42.87 19.37 13.84
N THR C 294 44.08 18.80 13.77
CA THR C 294 45.27 19.44 14.32
C THR C 294 46.12 20.12 13.24
N VAL C 295 45.48 20.78 12.27
CA VAL C 295 46.19 21.61 11.31
C VAL C 295 45.67 23.04 11.40
N ARG C 296 46.58 23.99 11.57
CA ARG C 296 46.24 25.41 11.56
C ARG C 296 47.30 26.13 10.72
N ARG C 297 47.08 26.18 9.41
CA ARG C 297 47.99 26.94 8.55
C ARG C 297 47.30 27.77 7.48
N GLU C 298 46.09 27.43 7.07
CA GLU C 298 45.26 28.26 6.19
C GLU C 298 45.97 28.56 4.87
N VAL C 299 46.11 27.51 4.07
CA VAL C 299 46.46 27.66 2.66
C VAL C 299 45.17 27.79 1.86
N CYS C 300 45.09 28.82 1.03
CA CYS C 300 43.87 29.15 0.30
C CYS C 300 44.11 28.96 -1.19
N ILE C 301 43.26 28.16 -1.83
CA ILE C 301 43.39 27.81 -3.23
C ILE C 301 42.16 28.31 -3.98
N ALA C 302 42.37 28.74 -5.22
CA ALA C 302 41.29 29.25 -6.05
C ALA C 302 40.85 28.19 -7.05
N VAL C 303 39.55 27.95 -7.12
CA VAL C 303 38.97 27.02 -8.07
C VAL C 303 38.09 27.84 -9.01
N VAL C 304 38.59 28.09 -10.22
CA VAL C 304 37.87 28.91 -11.20
C VAL C 304 37.20 27.93 -12.17
N GLY C 305 35.96 27.57 -11.86
CA GLY C 305 35.19 26.67 -12.69
C GLY C 305 33.84 27.25 -13.03
N LYS C 306 33.06 26.46 -13.77
CA LYS C 306 31.77 26.93 -14.27
C LYS C 306 30.62 26.56 -13.36
N TYR C 307 30.60 25.33 -12.85
CA TYR C 307 29.44 24.79 -12.13
C TYR C 307 29.49 25.05 -10.64
N THR C 308 30.14 26.13 -10.21
CA THR C 308 30.41 26.36 -8.79
C THR C 308 29.17 26.87 -8.06
N LYS C 309 28.10 26.09 -8.16
CA LYS C 309 26.87 26.39 -7.44
C LYS C 309 26.47 25.29 -6.46
N PHE C 310 26.63 24.03 -6.85
CA PHE C 310 26.40 22.89 -5.98
C PHE C 310 27.75 22.27 -5.65
N THR C 311 28.04 22.13 -4.36
CA THR C 311 29.38 21.72 -3.96
C THR C 311 29.58 20.22 -4.09
N ASP C 312 29.20 19.67 -5.23
CA ASP C 312 29.52 18.30 -5.60
C ASP C 312 29.94 18.19 -7.04
N SER C 313 29.93 19.27 -7.81
CA SER C 313 30.35 19.21 -9.20
C SER C 313 31.84 18.99 -9.33
N TYR C 314 32.60 19.22 -8.26
CA TYR C 314 34.05 19.05 -8.29
C TYR C 314 34.53 18.10 -7.20
N ALA C 315 33.66 17.19 -6.75
CA ALA C 315 33.99 16.31 -5.63
C ALA C 315 35.39 15.73 -5.74
N SER C 316 35.76 15.26 -6.92
CA SER C 316 37.09 14.67 -7.08
C SER C 316 38.18 15.71 -6.89
N VAL C 317 37.99 16.91 -7.45
CA VAL C 317 39.01 17.96 -7.33
C VAL C 317 39.18 18.35 -5.88
N VAL C 318 38.07 18.57 -5.19
CA VAL C 318 38.13 19.00 -3.79
C VAL C 318 38.77 17.91 -2.93
N LYS C 319 38.37 16.67 -3.14
CA LYS C 319 38.93 15.60 -2.32
C LYS C 319 40.35 15.24 -2.71
N ALA C 320 40.82 15.71 -3.86
CA ALA C 320 42.24 15.56 -4.19
C ALA C 320 43.07 16.72 -3.68
N LEU C 321 42.47 17.89 -3.50
CA LEU C 321 43.18 18.99 -2.86
C LEU C 321 43.30 18.74 -1.36
N GLN C 322 42.25 18.21 -0.74
CA GLN C 322 42.28 18.00 0.69
C GLN C 322 43.32 16.94 1.07
N HIS C 323 43.46 15.91 0.23
CA HIS C 323 44.47 14.91 0.51
C HIS C 323 45.86 15.49 0.52
N ALA C 324 46.20 16.30 -0.47
CA ALA C 324 47.52 16.93 -0.51
C ALA C 324 47.71 17.89 0.67
N ALA C 325 46.71 18.72 0.96
CA ALA C 325 46.83 19.65 2.07
C ALA C 325 47.02 18.92 3.38
N LEU C 326 46.38 17.77 3.56
CA LEU C 326 46.60 17.00 4.78
C LEU C 326 47.96 16.35 4.78
N ALA C 327 48.48 15.97 3.61
CA ALA C 327 49.80 15.36 3.58
C ALA C 327 50.91 16.36 3.83
N VAL C 328 50.69 17.63 3.49
CA VAL C 328 51.67 18.68 3.78
C VAL C 328 51.51 19.23 5.18
N ASN C 329 50.41 18.90 5.86
CA ASN C 329 50.10 19.38 7.21
C ASN C 329 49.70 20.85 7.22
N ARG C 330 49.02 21.31 6.18
CA ARG C 330 48.40 22.62 6.16
C ARG C 330 46.89 22.46 6.13
N LYS C 331 46.19 23.54 6.41
CA LYS C 331 44.73 23.53 6.50
C LYS C 331 44.16 24.19 5.27
N LEU C 332 43.38 23.42 4.50
CA LEU C 332 42.87 23.92 3.23
C LEU C 332 41.78 24.94 3.47
N GLU C 333 41.64 25.86 2.51
CA GLU C 333 40.56 26.85 2.54
C GLU C 333 40.22 27.15 1.08
N LEU C 334 39.20 26.47 0.57
CA LEU C 334 38.86 26.61 -0.84
C LEU C 334 37.99 27.83 -1.08
N VAL C 335 38.27 28.53 -2.18
CA VAL C 335 37.40 29.58 -2.67
C VAL C 335 36.92 29.18 -4.06
N PHE C 336 35.63 29.32 -4.30
CA PHE C 336 35.03 28.94 -5.56
C PHE C 336 34.74 30.19 -6.37
N ILE C 337 35.39 30.30 -7.53
CA ILE C 337 35.29 31.48 -8.37
C ILE C 337 34.65 31.09 -9.69
N GLU C 338 33.54 31.74 -10.03
CA GLU C 338 32.96 31.53 -11.34
C GLU C 338 33.91 32.06 -12.41
N SER C 339 33.94 31.36 -13.54
CA SER C 339 34.79 31.81 -14.64
C SER C 339 34.08 32.78 -15.55
N CYS C 340 32.77 32.96 -15.39
CA CYS C 340 32.05 33.94 -16.18
C CYS C 340 31.99 35.31 -15.52
N LEU C 341 32.13 35.38 -14.20
CA LEU C 341 32.29 36.66 -13.52
C LEU C 341 33.74 37.10 -13.54
N LEU C 342 34.35 37.00 -14.72
CA LEU C 342 35.72 37.47 -14.94
C LEU C 342 35.90 38.14 -16.29
N GLU C 343 34.85 38.21 -17.11
CA GLU C 343 34.89 38.87 -18.40
C GLU C 343 34.20 40.22 -18.31
N GLU C 344 34.55 41.10 -19.26
CA GLU C 344 34.00 42.45 -19.26
C GLU C 344 32.49 42.45 -19.40
N GLU C 345 31.91 41.33 -19.83
CA GLU C 345 30.46 41.29 -20.03
C GLU C 345 29.70 41.51 -18.74
N THR C 346 30.26 41.09 -17.61
CA THR C 346 29.67 41.45 -16.33
C THR C 346 30.20 42.77 -15.81
N LEU C 347 31.40 43.19 -16.25
CA LEU C 347 31.87 44.53 -15.93
C LEU C 347 30.87 45.57 -16.40
N HIS C 348 30.24 45.35 -17.55
CA HIS C 348 29.20 46.24 -18.04
C HIS C 348 27.87 46.03 -17.35
N SER C 349 27.67 44.89 -16.67
CA SER C 349 26.39 44.58 -16.04
C SER C 349 26.44 44.57 -14.52
N GLU C 350 27.47 43.99 -13.93
CA GLU C 350 27.60 43.92 -12.47
C GLU C 350 29.04 44.12 -12.07
N PRO C 351 29.52 45.37 -12.09
CA PRO C 351 30.90 45.64 -11.67
C PRO C 351 31.16 45.28 -10.22
N SER C 352 30.15 45.35 -9.36
CA SER C 352 30.32 44.95 -7.96
C SER C 352 30.79 43.51 -7.86
N LYS C 353 30.00 42.58 -8.41
CA LYS C 353 30.39 41.18 -8.38
C LYS C 353 31.66 40.93 -9.18
N TYR C 354 31.84 41.65 -10.29
CA TYR C 354 33.07 41.52 -11.06
C TYR C 354 34.28 41.77 -10.19
N HIS C 355 34.30 42.91 -9.50
CA HIS C 355 35.44 43.25 -8.66
C HIS C 355 35.55 42.32 -7.47
N LYS C 356 34.43 41.88 -6.91
CA LYS C 356 34.50 40.97 -5.78
C LYS C 356 35.18 39.66 -6.16
N GLU C 357 34.75 39.06 -7.28
CA GLU C 357 35.38 37.81 -7.72
C GLU C 357 36.84 38.03 -8.08
N TRP C 358 37.15 39.14 -8.76
CA TRP C 358 38.54 39.37 -9.11
C TRP C 358 39.40 39.58 -7.86
N GLN C 359 38.84 40.18 -6.81
CA GLN C 359 39.58 40.31 -5.56
C GLN C 359 39.82 38.95 -4.91
N LYS C 360 38.77 38.13 -4.85
CA LYS C 360 38.92 36.77 -4.32
C LYS C 360 40.01 36.02 -5.06
N LEU C 361 40.04 36.14 -6.38
CA LEU C 361 41.11 35.51 -7.15
C LEU C 361 42.45 36.14 -6.85
N CYS C 362 42.47 37.43 -6.52
CA CYS C 362 43.74 38.11 -6.29
C CYS C 362 44.39 37.64 -5.00
N ASP C 363 43.64 37.63 -3.90
CA ASP C 363 44.23 37.27 -2.60
C ASP C 363 44.05 35.77 -2.34
N SER C 364 44.78 34.97 -3.12
CA SER C 364 44.72 33.53 -2.99
C SER C 364 46.06 32.95 -3.40
N HIS C 365 46.61 32.08 -2.55
CA HIS C 365 47.96 31.60 -2.75
C HIS C 365 48.11 30.74 -4.00
N GLY C 366 47.02 30.24 -4.57
CA GLY C 366 47.13 29.35 -5.70
C GLY C 366 45.89 29.36 -6.55
N ILE C 367 46.05 28.93 -7.79
CA ILE C 367 44.97 28.92 -8.76
C ILE C 367 44.85 27.52 -9.34
N LEU C 368 43.61 27.09 -9.57
CA LEU C 368 43.36 25.78 -10.15
C LEU C 368 42.24 25.89 -11.17
N VAL C 369 42.53 25.53 -12.42
CA VAL C 369 41.54 25.56 -13.48
C VAL C 369 41.06 24.15 -13.78
N PRO C 370 39.85 23.79 -13.37
CA PRO C 370 39.38 22.41 -13.62
C PRO C 370 39.05 22.18 -15.07
N GLY C 371 38.60 20.97 -15.40
CA GLY C 371 38.09 20.67 -16.72
C GLY C 371 36.65 21.09 -16.86
N GLY C 372 36.05 20.65 -17.96
CA GLY C 372 34.66 20.96 -18.23
C GLY C 372 34.35 20.79 -19.70
N PHE C 373 33.12 21.15 -20.05
CA PHE C 373 32.64 20.99 -21.41
C PHE C 373 31.84 22.22 -21.82
N GLY C 374 32.03 22.65 -23.05
CA GLY C 374 31.27 23.74 -23.62
C GLY C 374 32.12 24.97 -23.87
N SER C 375 31.43 26.08 -24.15
CA SER C 375 32.09 27.34 -24.43
C SER C 375 31.81 28.41 -23.38
N ARG C 376 30.77 28.24 -22.55
CA ARG C 376 30.49 29.20 -21.50
C ARG C 376 31.68 29.29 -20.54
N GLY C 377 32.02 30.51 -20.15
CA GLY C 377 33.10 30.71 -19.21
C GLY C 377 34.46 30.25 -19.67
N MET C 378 34.63 29.97 -20.96
CA MET C 378 35.93 29.53 -21.44
C MET C 378 36.92 30.69 -21.51
N GLU C 379 36.45 31.91 -21.71
CA GLU C 379 37.36 33.04 -21.78
C GLU C 379 37.81 33.50 -20.38
N GLY C 380 36.97 33.31 -19.37
CA GLY C 380 37.39 33.61 -18.02
C GLY C 380 38.59 32.77 -17.60
N LYS C 381 38.63 31.52 -18.05
CA LYS C 381 39.80 30.70 -17.78
C LYS C 381 41.03 31.27 -18.46
N ILE C 382 40.88 31.81 -19.68
CA ILE C 382 42.01 32.46 -20.33
C ILE C 382 42.48 33.66 -19.52
N ARG C 383 41.53 34.45 -19.02
CA ARG C 383 41.88 35.58 -18.18
C ARG C 383 42.66 35.14 -16.96
N ALA C 384 42.21 34.06 -16.31
CA ALA C 384 42.89 33.60 -15.11
C ALA C 384 44.28 33.08 -15.42
N CYS C 385 44.43 32.35 -16.52
CA CYS C 385 45.77 31.89 -16.91
C CYS C 385 46.69 33.07 -17.19
N GLN C 386 46.17 34.10 -17.85
CA GLN C 386 46.98 35.28 -18.12
C GLN C 386 47.41 35.96 -16.82
N TRP C 387 46.47 36.12 -15.88
CA TRP C 387 46.78 36.77 -14.63
C TRP C 387 47.84 35.99 -13.85
N ALA C 388 47.66 34.68 -13.76
CA ALA C 388 48.61 33.86 -13.03
C ALA C 388 49.93 33.72 -13.76
N ARG C 389 49.97 34.02 -15.06
CA ARG C 389 51.23 34.01 -15.79
C ARG C 389 52.00 35.31 -15.62
N GLU C 390 51.29 36.43 -15.56
CA GLU C 390 51.94 37.72 -15.42
C GLU C 390 52.06 38.17 -13.97
N ASN C 391 51.59 37.38 -13.01
CA ASN C 391 51.73 37.72 -11.61
C ASN C 391 52.56 36.72 -10.82
N GLN C 392 53.12 35.71 -11.47
CA GLN C 392 53.92 34.69 -10.80
C GLN C 392 53.14 34.04 -9.66
N LYS C 393 52.03 33.39 -10.03
CA LYS C 393 51.17 32.72 -9.09
C LYS C 393 50.97 31.28 -9.55
N PRO C 394 51.13 30.29 -8.67
CA PRO C 394 51.06 28.90 -9.13
C PRO C 394 49.70 28.55 -9.70
N LEU C 395 49.70 27.66 -10.68
CA LEU C 395 48.48 27.30 -11.39
C LEU C 395 48.58 25.87 -11.88
N LEU C 396 47.45 25.17 -11.90
CA LEU C 396 47.36 23.80 -12.38
C LEU C 396 46.15 23.65 -13.28
N GLY C 397 46.34 23.04 -14.43
CA GLY C 397 45.27 22.82 -15.39
C GLY C 397 45.10 21.36 -15.71
N ILE C 398 43.84 20.92 -15.71
CA ILE C 398 43.52 19.50 -15.85
C ILE C 398 42.61 19.35 -17.06
N CYS C 399 43.18 19.01 -18.21
CA CYS C 399 42.49 18.51 -19.39
C CYS C 399 41.68 19.61 -20.07
N LEU C 400 41.54 20.74 -19.41
CA LEU C 400 41.02 21.95 -20.02
C LEU C 400 41.87 23.16 -19.70
N GLY C 401 42.63 23.13 -18.62
CA GLY C 401 43.67 24.12 -18.43
C GLY C 401 44.77 23.98 -19.46
N LEU C 402 45.08 22.74 -19.85
CA LEU C 402 46.07 22.56 -20.92
C LEU C 402 45.60 23.17 -22.23
N GLN C 403 44.30 23.40 -22.37
CA GLN C 403 43.80 24.10 -23.54
C GLN C 403 43.74 25.60 -23.30
N ALA C 404 43.12 26.01 -22.19
CA ALA C 404 42.93 27.42 -21.88
C ALA C 404 44.23 28.13 -21.51
N ALA C 405 45.33 27.41 -21.38
CA ALA C 405 46.63 28.02 -21.14
C ALA C 405 47.45 28.13 -22.41
N VAL C 406 47.41 27.10 -23.26
CA VAL C 406 48.04 27.22 -24.58
C VAL C 406 47.35 28.31 -25.38
N ILE C 407 46.02 28.40 -25.27
CA ILE C 407 45.28 29.46 -25.94
C ILE C 407 45.80 30.83 -25.51
N GLU C 408 45.86 31.06 -24.20
CA GLU C 408 46.39 32.32 -23.68
C GLU C 408 47.80 32.54 -24.18
N PHE C 409 48.74 31.67 -23.79
CA PHE C 409 50.13 31.77 -24.21
C PHE C 409 50.27 32.20 -25.66
N ALA C 410 49.61 31.50 -26.58
CA ALA C 410 49.65 31.88 -27.98
C ALA C 410 49.13 33.31 -28.18
N ARG C 411 47.92 33.58 -27.70
CA ARG C 411 47.26 34.85 -27.99
C ARG C 411 48.06 36.04 -27.46
N ASN C 412 48.57 35.94 -26.23
CA ASN C 412 49.20 37.06 -25.55
C ASN C 412 50.71 36.92 -25.43
N LYS C 413 51.32 36.05 -26.23
CA LYS C 413 52.78 36.05 -26.38
C LYS C 413 53.25 35.93 -27.82
N LEU C 414 52.38 35.57 -28.75
CA LEU C 414 52.71 35.61 -30.17
C LEU C 414 51.67 36.38 -30.98
N GLY C 415 50.66 36.96 -30.32
CA GLY C 415 49.75 37.87 -30.97
C GLY C 415 48.68 37.26 -31.83
N LEU C 416 48.58 35.94 -31.90
CA LEU C 416 47.58 35.31 -32.75
C LEU C 416 46.21 35.48 -32.07
N LYS C 417 45.63 36.67 -32.26
CA LYS C 417 44.30 36.93 -31.75
C LYS C 417 43.29 35.91 -32.26
N ASP C 418 43.53 35.32 -33.43
CA ASP C 418 42.66 34.31 -34.00
C ASP C 418 42.73 32.97 -33.28
N ALA C 419 43.65 32.81 -32.31
CA ALA C 419 43.78 31.54 -31.61
C ALA C 419 42.50 31.22 -30.85
N ASN C 420 42.06 29.96 -30.98
CA ASN C 420 40.87 29.47 -30.27
C ASN C 420 40.83 27.97 -30.43
N THR C 421 39.75 27.37 -29.91
CA THR C 421 39.52 25.94 -29.98
C THR C 421 38.48 25.65 -31.06
N THR C 422 38.70 24.56 -31.80
CA THR C 422 37.77 24.18 -32.85
C THR C 422 36.33 24.11 -32.36
N GLU C 423 36.11 23.88 -31.06
CA GLU C 423 34.75 23.94 -30.53
C GLU C 423 34.26 25.39 -30.45
N ILE C 424 35.11 26.29 -29.95
CA ILE C 424 34.66 27.65 -29.68
C ILE C 424 34.33 28.37 -31.00
N ASP C 425 35.28 28.38 -31.93
CA ASP C 425 35.11 29.03 -33.23
C ASP C 425 35.55 28.06 -34.32
N PRO C 426 34.63 27.39 -34.99
CA PRO C 426 35.03 26.41 -36.02
C PRO C 426 35.65 27.06 -37.24
N ASN C 427 35.32 28.32 -37.53
CA ASN C 427 35.78 29.00 -38.74
C ASN C 427 37.07 29.78 -38.52
N THR C 428 37.82 29.45 -37.47
CA THR C 428 39.07 30.16 -37.20
C THR C 428 40.15 29.74 -38.19
N ALA C 429 40.96 30.70 -38.60
CA ALA C 429 42.15 30.40 -39.39
C ALA C 429 43.34 30.04 -38.51
N ASN C 430 43.25 30.29 -37.21
CA ASN C 430 44.26 29.91 -36.24
C ASN C 430 43.62 28.96 -35.25
N ALA C 431 43.71 27.66 -35.53
CA ALA C 431 43.15 26.62 -34.67
C ALA C 431 44.30 26.07 -33.83
N LEU C 432 44.47 26.64 -32.64
CA LEU C 432 45.57 26.22 -31.78
C LEU C 432 45.36 24.82 -31.24
N VAL C 433 44.11 24.39 -31.11
CA VAL C 433 43.79 23.04 -30.66
C VAL C 433 42.71 22.48 -31.57
N ILE C 434 42.98 21.33 -32.16
CA ILE C 434 42.09 20.69 -33.13
C ILE C 434 41.68 19.33 -32.61
N ASP C 435 40.48 18.91 -32.99
CA ASP C 435 40.00 17.60 -32.58
C ASP C 435 40.86 16.50 -33.21
N MET C 436 40.68 15.28 -32.73
CA MET C 436 41.26 14.10 -33.36
C MET C 436 40.25 12.95 -33.33
N PRO C 437 39.06 13.14 -33.93
CA PRO C 437 38.07 12.05 -34.01
C PRO C 437 38.15 11.27 -35.33
N GLU C 438 39.21 10.47 -35.48
CA GLU C 438 39.40 9.63 -36.66
C GLU C 438 39.06 8.17 -36.41
N HIS C 439 38.31 7.89 -35.35
CA HIS C 439 38.05 6.52 -34.90
C HIS C 439 37.28 5.70 -35.93
N HIS C 440 36.02 6.06 -36.13
CA HIS C 440 35.07 5.42 -37.04
C HIS C 440 34.69 4.02 -36.55
N THR C 441 35.49 3.44 -35.66
CA THR C 441 35.03 2.31 -34.86
C THR C 441 35.68 2.28 -33.47
N GLY C 442 36.52 3.25 -33.12
CA GLY C 442 37.14 3.31 -31.80
C GLY C 442 38.56 2.79 -31.69
N GLN C 443 39.19 2.37 -32.79
CA GLN C 443 40.53 1.77 -32.69
C GLN C 443 41.62 2.83 -32.78
N LEU C 444 41.38 3.89 -33.55
CA LEU C 444 42.30 5.03 -33.57
C LEU C 444 42.07 5.84 -32.30
N GLY C 445 42.77 6.97 -32.18
CA GLY C 445 42.51 7.89 -31.09
C GLY C 445 41.06 8.29 -31.12
N GLY C 446 40.67 9.02 -32.16
CA GLY C 446 39.26 9.12 -32.51
C GLY C 446 38.40 9.73 -31.43
N THR C 447 37.46 8.95 -30.93
CA THR C 447 36.50 9.41 -29.94
C THR C 447 37.22 9.70 -28.62
N MET C 448 36.45 10.21 -27.66
CA MET C 448 36.99 10.62 -26.36
C MET C 448 37.98 9.58 -25.85
N ARG C 449 39.21 10.01 -25.62
CA ARG C 449 40.27 9.08 -25.29
C ARG C 449 40.05 8.54 -23.89
N LEU C 450 38.98 7.77 -23.70
CA LEU C 450 38.53 7.41 -22.37
C LEU C 450 39.38 6.30 -21.78
N GLY C 451 39.43 6.26 -20.45
CA GLY C 451 40.17 5.24 -19.77
C GLY C 451 41.58 5.66 -19.47
N LYS C 452 42.39 4.69 -19.07
CA LYS C 452 43.78 4.96 -18.75
C LYS C 452 44.66 4.63 -19.94
N ARG C 453 45.64 5.50 -20.19
CA ARG C 453 46.55 5.34 -21.31
C ARG C 453 47.99 5.42 -20.82
N ILE C 454 48.93 5.51 -21.73
CA ILE C 454 50.35 5.59 -21.40
C ILE C 454 50.84 7.00 -21.71
N THR C 455 51.59 7.57 -20.77
CA THR C 455 52.19 8.89 -20.94
C THR C 455 53.65 8.82 -20.54
N VAL C 456 54.54 8.94 -21.52
CA VAL C 456 55.98 8.90 -21.29
C VAL C 456 56.51 10.33 -21.28
N PHE C 457 57.47 10.59 -20.41
CA PHE C 457 58.09 11.91 -20.35
C PHE C 457 59.20 12.03 -21.37
N SER C 458 59.18 13.10 -22.14
CA SER C 458 60.31 13.42 -22.99
C SER C 458 61.48 13.86 -22.12
N ASP C 459 62.62 14.11 -22.75
CA ASP C 459 63.85 14.32 -22.01
C ASP C 459 63.93 15.77 -21.53
N GLY C 460 64.58 15.94 -20.37
CA GLY C 460 64.75 17.26 -19.80
C GLY C 460 64.29 17.34 -18.36
N PRO C 461 64.93 18.21 -17.57
CA PRO C 461 64.54 18.36 -16.16
C PRO C 461 63.16 18.99 -16.05
N SER C 462 62.29 18.35 -15.28
CA SER C 462 60.92 18.81 -15.13
C SER C 462 60.47 18.64 -13.70
N VAL C 463 59.82 19.68 -13.18
CA VAL C 463 59.37 19.66 -11.79
C VAL C 463 58.31 18.59 -11.58
N ILE C 464 57.35 18.48 -12.51
CA ILE C 464 56.29 17.49 -12.35
C ILE C 464 56.87 16.08 -12.46
N ARG C 465 57.85 15.89 -13.35
CA ARG C 465 58.50 14.59 -13.46
C ARG C 465 59.21 14.23 -12.16
N GLN C 466 59.93 15.19 -11.58
CA GLN C 466 60.54 14.94 -10.28
C GLN C 466 59.49 14.62 -9.22
N LEU C 467 58.33 15.28 -9.31
CA LEU C 467 57.26 15.06 -8.35
C LEU C 467 56.77 13.63 -8.42
N TYR C 468 56.53 13.12 -9.62
CA TYR C 468 56.08 11.74 -9.77
C TYR C 468 57.11 10.72 -9.28
N GLY C 469 58.32 11.16 -8.94
CA GLY C 469 59.38 10.25 -8.60
C GLY C 469 60.35 9.97 -9.73
N ASN C 470 60.38 10.80 -10.76
CA ASN C 470 61.12 10.58 -12.00
C ASN C 470 60.98 9.14 -12.52
N PRO C 471 59.78 8.73 -12.90
CA PRO C 471 59.62 7.49 -13.66
C PRO C 471 59.61 7.81 -15.15
N LYS C 472 59.59 6.74 -15.95
CA LYS C 472 59.58 6.95 -17.40
C LYS C 472 58.16 7.18 -17.91
N SER C 473 57.18 6.47 -17.36
CA SER C 473 55.81 6.60 -17.83
C SER C 473 54.85 6.46 -16.66
N VAL C 474 53.74 7.19 -16.75
CA VAL C 474 52.65 7.09 -15.78
C VAL C 474 51.35 6.98 -16.54
N GLN C 475 50.41 6.24 -15.95
CA GLN C 475 49.11 6.00 -16.55
C GLN C 475 48.06 6.80 -15.79
N GLU C 476 47.43 7.74 -16.46
CA GLU C 476 46.33 8.50 -15.88
C GLU C 476 45.10 8.32 -16.77
N ARG C 477 44.01 8.94 -16.39
CA ARG C 477 42.71 8.68 -16.99
C ARG C 477 42.27 9.89 -17.80
N HIS C 478 42.23 9.75 -19.13
CA HIS C 478 41.87 10.83 -20.04
C HIS C 478 40.39 10.81 -20.35
N ARG C 479 39.84 12.00 -20.55
CA ARG C 479 38.46 12.16 -21.01
C ARG C 479 38.38 13.29 -22.02
N HIS C 480 39.32 13.30 -22.96
CA HIS C 480 39.45 14.39 -23.92
C HIS C 480 39.48 13.84 -25.35
N ARG C 481 39.04 14.68 -26.29
CA ARG C 481 39.14 14.37 -27.71
C ARG C 481 40.05 15.32 -28.48
N TYR C 482 40.15 16.57 -28.04
CA TYR C 482 40.95 17.56 -28.72
C TYR C 482 42.44 17.32 -28.47
N GLU C 483 43.26 18.24 -28.94
CA GLU C 483 44.71 18.15 -28.80
C GLU C 483 45.32 19.43 -29.33
N VAL C 484 46.56 19.68 -28.90
CA VAL C 484 47.29 20.85 -29.39
C VAL C 484 47.61 20.67 -30.86
N ASN C 485 47.42 21.74 -31.62
CA ASN C 485 47.69 21.69 -33.06
C ASN C 485 49.17 21.40 -33.29
N PRO C 486 49.51 20.35 -34.04
CA PRO C 486 50.92 19.98 -34.22
C PRO C 486 51.71 20.89 -35.15
N LYS C 487 51.17 22.03 -35.56
CA LYS C 487 51.94 22.99 -36.34
C LYS C 487 52.26 24.26 -35.57
N TYR C 488 51.62 24.49 -34.43
CA TYR C 488 52.02 25.54 -33.50
C TYR C 488 53.00 25.04 -32.45
N VAL C 489 53.46 23.80 -32.56
CA VAL C 489 54.28 23.21 -31.51
C VAL C 489 55.58 23.98 -31.34
N HIS C 490 56.35 24.13 -32.41
CA HIS C 490 57.61 24.86 -32.31
C HIS C 490 57.37 26.35 -32.12
N LEU C 491 56.26 26.87 -32.65
CA LEU C 491 55.94 28.28 -32.48
C LEU C 491 55.71 28.62 -31.00
N LEU C 492 55.12 27.70 -30.26
CA LEU C 492 54.99 27.91 -28.82
C LEU C 492 56.19 27.40 -28.04
N GLU C 493 57.04 26.58 -28.66
CA GLU C 493 58.23 26.10 -27.96
C GLU C 493 59.38 27.10 -28.00
N GLU C 494 59.45 27.98 -29.01
CA GLU C 494 60.54 28.95 -28.96
C GLU C 494 60.10 30.13 -28.11
N GLN C 495 59.54 29.82 -26.94
CA GLN C 495 59.00 30.81 -26.03
C GLN C 495 59.03 30.17 -24.63
N GLY C 496 58.29 30.76 -23.70
CA GLY C 496 58.33 30.27 -22.34
C GLY C 496 57.52 29.01 -22.07
N MET C 497 57.20 28.25 -23.11
CA MET C 497 56.41 27.02 -22.96
C MET C 497 57.27 25.81 -23.29
N ARG C 498 56.98 24.70 -22.62
CA ARG C 498 57.71 23.45 -22.75
C ARG C 498 56.72 22.33 -23.08
N PHE C 499 57.27 21.13 -23.29
CA PHE C 499 56.44 19.94 -23.55
C PHE C 499 57.24 18.74 -23.07
N VAL C 500 56.87 18.22 -21.90
CA VAL C 500 57.66 17.20 -21.22
C VAL C 500 57.06 15.81 -21.37
N GLY C 501 55.76 15.67 -21.18
CA GLY C 501 55.11 14.36 -21.16
C GLY C 501 54.19 14.17 -22.35
N THR C 502 54.20 12.97 -22.90
CA THR C 502 53.35 12.63 -24.03
C THR C 502 53.24 11.12 -24.14
N ASP C 503 52.58 10.65 -25.20
CA ASP C 503 52.35 9.24 -25.41
C ASP C 503 53.49 8.65 -26.25
N VAL C 504 53.29 7.43 -26.75
CA VAL C 504 54.33 6.76 -27.50
C VAL C 504 54.42 7.26 -28.94
N ASP C 505 53.32 7.72 -29.52
CA ASP C 505 53.35 8.24 -30.88
C ASP C 505 53.99 9.61 -30.98
N LYS C 506 54.02 10.37 -29.87
CA LYS C 506 54.61 11.70 -29.81
C LYS C 506 53.87 12.73 -30.65
N THR C 507 52.58 12.51 -30.93
CA THR C 507 51.75 13.52 -31.54
C THR C 507 50.59 13.94 -30.65
N ARG C 508 50.71 13.65 -29.34
CA ARG C 508 49.70 14.05 -28.35
C ARG C 508 50.47 14.66 -27.18
N MET C 509 50.72 15.96 -27.26
CA MET C 509 51.34 16.67 -26.15
C MET C 509 50.32 16.78 -25.02
N GLU C 510 50.68 16.30 -23.83
CA GLU C 510 49.74 16.30 -22.74
C GLU C 510 50.27 16.82 -21.42
N ILE C 511 51.53 17.24 -21.35
CA ILE C 511 52.04 17.89 -20.14
C ILE C 511 52.86 19.11 -20.52
N ILE C 512 52.29 20.29 -20.33
CA ILE C 512 52.98 21.55 -20.57
C ILE C 512 53.48 22.09 -19.23
N GLU C 513 54.58 22.83 -19.28
CA GLU C 513 55.21 23.32 -18.06
C GLU C 513 56.02 24.56 -18.41
N LEU C 514 55.48 25.73 -18.09
CA LEU C 514 56.13 26.99 -18.44
C LEU C 514 57.51 27.08 -17.80
N SER C 515 58.36 27.92 -18.40
CA SER C 515 59.69 28.17 -17.89
C SER C 515 59.73 29.55 -17.23
N GLY C 516 60.50 29.67 -16.17
CA GLY C 516 60.60 30.90 -15.40
C GLY C 516 59.52 31.04 -14.35
N HIS C 517 58.31 30.61 -14.66
CA HIS C 517 57.24 30.62 -13.67
C HIS C 517 57.55 29.63 -12.56
N PRO C 518 57.20 29.96 -11.31
CA PRO C 518 57.43 28.98 -10.23
C PRO C 518 56.69 27.68 -10.44
N TYR C 519 55.41 27.74 -10.84
CA TYR C 519 54.62 26.53 -11.03
C TYR C 519 53.50 26.86 -12.02
N PHE C 520 53.64 26.40 -13.25
CA PHE C 520 52.59 26.55 -14.26
C PHE C 520 52.38 25.24 -15.00
N VAL C 521 52.24 24.15 -14.25
CA VAL C 521 51.95 22.87 -14.87
C VAL C 521 50.50 22.85 -15.31
N ALA C 522 50.24 22.14 -16.41
CA ALA C 522 48.89 21.88 -16.87
C ALA C 522 48.91 20.57 -17.63
N THR C 523 47.95 19.69 -17.35
CA THR C 523 47.96 18.34 -17.88
C THR C 523 46.68 18.06 -18.62
N GLN C 524 46.77 17.15 -19.58
CA GLN C 524 45.64 16.79 -20.42
C GLN C 524 44.79 15.68 -19.82
N TYR C 525 45.31 14.94 -18.85
CA TYR C 525 44.53 13.90 -18.22
C TYR C 525 43.82 14.45 -17.00
N HIS C 526 43.28 13.56 -16.16
CA HIS C 526 42.59 13.94 -14.92
C HIS C 526 43.35 13.32 -13.75
N PRO C 527 44.36 14.00 -13.21
CA PRO C 527 45.14 13.41 -12.13
C PRO C 527 44.36 13.24 -10.84
N GLU C 528 43.15 13.77 -10.75
CA GLU C 528 42.39 13.73 -9.52
C GLU C 528 41.70 12.39 -9.29
N TYR C 529 41.54 11.58 -10.33
CA TYR C 529 40.85 10.32 -10.18
C TYR C 529 41.70 9.27 -9.51
N LEU C 530 43.02 9.46 -9.46
CA LEU C 530 43.92 8.47 -8.90
C LEU C 530 44.45 8.86 -7.53
N SER C 531 43.86 9.87 -6.90
CA SER C 531 44.27 10.29 -5.58
C SER C 531 43.60 9.43 -4.52
N ARG C 532 44.33 9.13 -3.45
CA ARG C 532 43.82 8.35 -2.34
C ARG C 532 44.23 9.04 -1.05
N PRO C 533 43.49 8.82 0.04
CA PRO C 533 43.75 9.60 1.25
C PRO C 533 45.14 9.42 1.81
N LEU C 534 45.74 8.24 1.63
CA LEU C 534 47.09 7.99 2.09
C LEU C 534 48.10 7.97 0.95
N LYS C 535 47.74 8.57 -0.18
CA LYS C 535 48.58 8.60 -1.37
C LYS C 535 48.08 9.72 -2.27
N PRO C 536 48.42 10.97 -1.98
CA PRO C 536 47.91 12.08 -2.78
C PRO C 536 48.47 12.08 -4.19
N SER C 537 47.94 12.99 -5.00
CA SER C 537 48.35 13.03 -6.40
C SER C 537 49.49 14.03 -6.58
N PRO C 538 50.48 13.70 -7.42
CA PRO C 538 51.67 14.54 -7.53
C PRO C 538 51.37 15.93 -8.04
N PRO C 539 50.50 16.12 -9.04
CA PRO C 539 50.23 17.50 -9.47
C PRO C 539 49.62 18.37 -8.38
N PHE C 540 48.64 17.84 -7.63
CA PHE C 540 48.04 18.63 -6.57
C PHE C 540 49.03 18.87 -5.43
N LEU C 541 49.86 17.86 -5.14
CA LEU C 541 50.90 18.04 -4.13
C LEU C 541 51.84 19.17 -4.52
N GLY C 542 52.27 19.18 -5.78
CA GLY C 542 53.13 20.25 -6.25
C GLY C 542 52.45 21.60 -6.21
N LEU C 543 51.18 21.65 -6.59
CA LEU C 543 50.45 22.91 -6.51
C LEU C 543 50.43 23.44 -5.09
N ILE C 544 50.08 22.59 -4.12
CA ILE C 544 50.01 23.06 -2.73
C ILE C 544 51.38 23.50 -2.25
N LEU C 545 52.42 22.71 -2.54
CA LEU C 545 53.76 23.07 -2.07
C LEU C 545 54.21 24.40 -2.66
N ALA C 546 54.13 24.55 -3.97
CA ALA C 546 54.52 25.81 -4.59
C ALA C 546 53.59 26.95 -4.17
N SER C 547 52.41 26.64 -3.66
CA SER C 547 51.49 27.68 -3.22
C SER C 547 51.88 28.21 -1.84
N VAL C 548 52.31 27.32 -0.95
CA VAL C 548 52.70 27.73 0.39
C VAL C 548 54.20 28.00 0.40
N ASP C 549 54.83 27.90 -0.76
CA ASP C 549 56.25 28.17 -0.95
C ASP C 549 57.11 27.22 -0.11
N ARG C 550 56.99 25.93 -0.43
CA ARG C 550 57.89 24.92 0.12
C ARG C 550 58.32 23.93 -0.94
N LEU C 551 58.14 24.25 -2.22
CA LEU C 551 58.31 23.25 -3.27
C LEU C 551 59.77 22.81 -3.38
N ASN C 552 60.69 23.76 -3.48
CA ASN C 552 62.09 23.41 -3.61
C ASN C 552 62.60 22.65 -2.39
N GLN C 553 62.18 23.09 -1.20
CA GLN C 553 62.59 22.40 0.02
C GLN C 553 62.08 20.96 0.03
N TYR C 554 60.84 20.74 -0.43
CA TYR C 554 60.34 19.37 -0.54
C TYR C 554 61.14 18.58 -1.57
N ILE C 555 61.51 19.23 -2.67
CA ILE C 555 62.26 18.54 -3.72
C ILE C 555 63.60 18.06 -3.18
N GLN C 556 64.30 18.91 -2.43
CA GLN C 556 65.56 18.51 -1.85
C GLN C 556 65.33 17.48 -0.75
N MET D 1 -22.85 23.69 4.72
CA MET D 1 -21.78 24.65 4.96
C MET D 1 -20.64 24.41 4.01
N LYS D 2 -19.44 24.79 4.43
CA LYS D 2 -18.23 24.55 3.66
C LYS D 2 -17.13 24.15 4.62
N TYR D 3 -16.44 23.07 4.31
CA TYR D 3 -15.49 22.46 5.21
C TYR D 3 -14.09 22.61 4.64
N ILE D 4 -13.09 22.67 5.52
CA ILE D 4 -11.69 22.75 5.11
C ILE D 4 -10.93 21.76 5.98
N LEU D 5 -10.74 20.55 5.49
CA LEU D 5 -9.88 19.62 6.17
C LEU D 5 -8.44 20.11 6.07
N VAL D 6 -7.68 19.96 7.15
CA VAL D 6 -6.28 20.36 7.19
C VAL D 6 -5.49 19.17 7.70
N THR D 7 -5.02 18.32 6.79
CA THR D 7 -4.28 17.13 7.17
C THR D 7 -2.82 17.50 7.39
N GLY D 8 -1.99 16.51 7.69
CA GLY D 8 -0.62 16.77 8.08
C GLY D 8 0.34 15.88 7.36
N GLY D 9 1.56 16.39 7.18
CA GLY D 9 2.49 15.76 6.28
C GLY D 9 3.53 14.86 6.90
N VAL D 10 4.79 15.29 6.85
CA VAL D 10 5.90 14.41 7.19
C VAL D 10 5.90 14.10 8.67
N ILE D 11 5.70 15.12 9.51
CA ILE D 11 5.80 14.98 10.96
C ILE D 11 4.60 15.63 11.61
N SER D 12 4.47 15.40 12.91
CA SER D 12 3.49 16.09 13.75
C SER D 12 4.21 17.19 14.53
N GLY D 13 3.68 18.39 14.48
CA GLY D 13 4.37 19.56 14.91
C GLY D 13 4.85 20.44 13.79
N VAL D 14 4.31 20.27 12.58
CA VAL D 14 4.75 21.04 11.45
C VAL D 14 4.08 22.40 11.40
N GLY D 15 2.86 22.52 11.92
CA GLY D 15 2.17 23.79 11.83
C GLY D 15 0.71 23.72 11.44
N LYS D 16 0.11 22.53 11.51
CA LYS D 16 -1.32 22.41 11.21
C LYS D 16 -2.15 23.37 12.02
N GLY D 17 -1.84 23.51 13.30
CA GLY D 17 -2.66 24.35 14.16
C GLY D 17 -2.61 25.81 13.77
N VAL D 18 -1.41 26.32 13.48
CA VAL D 18 -1.29 27.72 13.10
C VAL D 18 -1.88 27.96 11.71
N ILE D 19 -1.74 27.00 10.80
CA ILE D 19 -2.32 27.17 9.48
C ILE D 19 -3.85 27.17 9.57
N ALA D 20 -4.42 26.27 10.37
CA ALA D 20 -5.86 26.27 10.54
C ALA D 20 -6.36 27.54 11.20
N SER D 21 -5.70 28.00 12.25
CA SER D 21 -6.10 29.26 12.86
C SER D 21 -5.95 30.43 11.90
N SER D 22 -5.00 30.35 10.97
CA SER D 22 -4.85 31.43 10.01
C SER D 22 -5.97 31.42 8.99
N PHE D 23 -6.34 30.25 8.48
CA PHE D 23 -7.54 30.15 7.66
C PHE D 23 -8.73 30.75 8.39
N GLY D 24 -8.86 30.43 9.67
CA GLY D 24 -9.98 30.94 10.43
C GLY D 24 -9.97 32.44 10.55
N THR D 25 -8.83 33.02 10.90
CA THR D 25 -8.77 34.46 11.10
C THR D 25 -8.72 35.23 9.79
N LEU D 26 -8.56 34.56 8.65
CA LEU D 26 -8.77 35.23 7.37
C LEU D 26 -10.24 35.23 7.01
N LEU D 27 -10.86 34.04 6.99
CA LEU D 27 -12.27 33.97 6.67
C LEU D 27 -13.13 34.71 7.68
N LYS D 28 -12.60 34.97 8.88
CA LYS D 28 -13.32 35.78 9.84
C LYS D 28 -13.19 37.25 9.54
N SER D 29 -12.04 37.68 9.03
CA SER D 29 -11.91 39.06 8.64
C SER D 29 -12.74 39.37 7.41
N CYS D 30 -12.86 38.41 6.50
CA CYS D 30 -13.64 38.65 5.30
C CYS D 30 -15.14 38.67 5.54
N GLY D 31 -15.59 38.49 6.77
CA GLY D 31 -16.99 38.66 7.13
C GLY D 31 -17.70 37.39 7.56
N LEU D 32 -17.16 36.22 7.24
CA LEU D 32 -17.86 34.98 7.50
C LEU D 32 -17.90 34.67 9.00
N ASP D 33 -18.61 33.60 9.34
CA ASP D 33 -18.69 33.08 10.71
C ASP D 33 -18.07 31.69 10.71
N VAL D 34 -16.90 31.57 11.32
CA VAL D 34 -16.12 30.35 11.27
C VAL D 34 -16.23 29.62 12.59
N THR D 35 -16.30 28.29 12.54
CA THR D 35 -16.15 27.43 13.69
C THR D 35 -14.93 26.55 13.47
N SER D 36 -14.70 25.61 14.38
CA SER D 36 -13.54 24.75 14.25
C SER D 36 -13.80 23.45 14.98
N ILE D 37 -13.08 22.42 14.53
CA ILE D 37 -13.07 21.11 15.17
C ILE D 37 -11.64 20.63 15.16
N LYS D 38 -11.23 19.97 16.23
CA LYS D 38 -9.94 19.32 16.26
C LYS D 38 -10.18 17.84 16.45
N ILE D 39 -9.54 17.03 15.64
CA ILE D 39 -9.74 15.58 15.66
C ILE D 39 -8.47 14.96 16.17
N ASP D 40 -8.52 14.39 17.36
CA ASP D 40 -7.37 13.72 17.93
C ASP D 40 -7.54 12.23 17.75
N PRO D 41 -6.72 11.57 16.99
CA PRO D 41 -6.87 10.13 16.82
C PRO D 41 -6.41 9.29 18.00
N TYR D 42 -6.25 9.87 19.17
CA TYR D 42 -5.89 9.06 20.33
C TYR D 42 -7.15 8.59 21.06
N ILE D 43 -7.03 7.46 21.77
CA ILE D 43 -8.18 6.84 22.43
C ILE D 43 -8.24 7.41 23.83
N ASN D 44 -8.79 8.60 23.95
CA ASN D 44 -8.94 9.26 25.23
C ASN D 44 -10.19 10.10 25.17
N ILE D 45 -11.05 9.97 26.18
CA ILE D 45 -12.29 10.74 26.14
C ILE D 45 -11.97 12.23 26.18
N ASP D 46 -11.05 12.64 27.04
CA ASP D 46 -10.61 14.03 27.11
C ASP D 46 -9.23 14.06 27.74
N ALA D 47 -8.59 15.22 27.64
CA ALA D 47 -7.24 15.39 28.15
C ALA D 47 -7.20 15.59 29.66
N GLY D 48 -8.33 15.43 30.35
CA GLY D 48 -8.40 15.69 31.77
C GLY D 48 -7.47 14.86 32.63
N THR D 49 -6.78 13.89 32.03
CA THR D 49 -5.80 13.08 32.75
C THR D 49 -4.45 13.06 32.04
N PHE D 50 -4.19 14.02 31.17
CA PHE D 50 -2.93 14.04 30.44
C PHE D 50 -1.84 14.70 31.26
N SER D 51 -0.62 14.50 30.83
CA SER D 51 0.46 15.25 31.42
C SER D 51 0.89 16.37 30.48
N PRO D 52 1.43 17.46 31.00
CA PRO D 52 1.91 18.53 30.13
C PRO D 52 2.97 18.06 29.15
N TYR D 53 3.81 17.11 29.53
CA TYR D 53 4.87 16.67 28.64
C TYR D 53 4.36 15.95 27.41
N GLU D 54 3.16 15.36 27.48
CA GLU D 54 2.63 14.62 26.34
C GLU D 54 2.39 15.54 25.16
N HIS D 55 1.46 16.49 25.31
CA HIS D 55 1.15 17.44 24.26
C HIS D 55 1.17 18.89 24.72
N GLY D 56 1.02 19.16 26.01
CA GLY D 56 1.24 20.49 26.53
C GLY D 56 0.03 21.28 26.95
N GLU D 57 -0.04 21.62 28.23
CA GLU D 57 -0.98 22.63 28.74
C GLU D 57 -2.43 22.26 28.42
N VAL D 58 -2.90 21.23 29.13
CA VAL D 58 -4.31 20.88 29.11
C VAL D 58 -5.16 22.15 29.26
N TYR D 59 -6.06 22.37 28.31
CA TYR D 59 -6.91 23.54 28.26
C TYR D 59 -8.17 23.29 29.08
N VAL D 60 -9.00 24.32 29.20
CA VAL D 60 -10.25 24.21 29.95
C VAL D 60 -11.29 25.09 29.29
N LEU D 61 -12.42 24.51 28.93
CA LEU D 61 -13.47 25.24 28.25
C LEU D 61 -14.46 25.77 29.27
N ASP D 62 -15.50 26.44 28.77
CA ASP D 62 -16.43 27.11 29.68
C ASP D 62 -17.30 26.10 30.42
N ASP D 63 -17.72 25.03 29.75
CA ASP D 63 -18.54 24.04 30.41
C ASP D 63 -17.75 23.08 31.29
N GLY D 64 -16.45 22.99 31.07
CA GLY D 64 -15.61 22.23 31.98
C GLY D 64 -14.95 21.04 31.35
N ALA D 65 -14.71 21.10 30.05
CA ALA D 65 -14.14 19.98 29.32
C ALA D 65 -12.66 20.25 29.07
N GLU D 66 -11.80 19.56 29.79
CA GLU D 66 -10.37 19.66 29.55
C GLU D 66 -10.07 19.11 28.17
N VAL D 67 -9.49 19.94 27.31
CA VAL D 67 -9.31 19.58 25.91
C VAL D 67 -7.86 19.80 25.50
N ASP D 68 -7.58 19.65 24.22
CA ASP D 68 -6.25 19.81 23.69
C ASP D 68 -5.84 21.28 23.73
N LEU D 69 -4.67 21.58 23.17
CA LEU D 69 -4.17 22.94 23.16
C LEU D 69 -4.61 23.69 21.91
N ASP D 70 -4.78 22.99 20.80
CA ASP D 70 -5.28 23.65 19.59
C ASP D 70 -6.66 24.21 19.81
N LEU D 71 -7.43 23.64 20.73
CA LEU D 71 -8.71 24.22 21.10
C LEU D 71 -8.56 25.58 21.74
N GLY D 72 -7.38 25.94 22.19
CA GLY D 72 -7.14 27.26 22.72
C GLY D 72 -6.55 28.14 21.66
N ASN D 73 -5.74 27.54 20.79
CA ASN D 73 -5.27 28.26 19.62
C ASN D 73 -6.43 28.85 18.83
N TYR D 74 -7.47 28.04 18.61
CA TYR D 74 -8.62 28.51 17.85
C TYR D 74 -9.28 29.68 18.55
N GLU D 75 -9.46 29.59 19.86
CA GLU D 75 -10.13 30.66 20.59
C GLU D 75 -9.31 31.93 20.53
N ARG D 76 -8.00 31.82 20.71
CA ARG D 76 -7.15 33.01 20.71
C ARG D 76 -7.09 33.67 19.34
N PHE D 77 -7.29 32.91 18.27
CA PHE D 77 -7.24 33.52 16.95
C PHE D 77 -8.60 33.92 16.40
N LEU D 78 -9.71 33.40 16.92
CA LEU D 78 -11.02 33.71 16.37
C LEU D 78 -11.96 34.42 17.32
N ASP D 79 -11.63 34.51 18.61
CA ASP D 79 -12.52 35.10 19.61
C ASP D 79 -13.88 34.39 19.66
N VAL D 80 -13.85 33.07 19.65
CA VAL D 80 -15.04 32.26 19.78
C VAL D 80 -14.98 31.51 21.11
N THR D 81 -16.08 30.85 21.45
CA THR D 81 -16.20 30.12 22.72
C THR D 81 -16.62 28.69 22.41
N LEU D 82 -15.66 27.84 22.11
CA LEU D 82 -15.95 26.49 21.67
C LEU D 82 -16.59 25.69 22.79
N HIS D 83 -17.07 24.50 22.45
CA HIS D 83 -17.80 23.64 23.38
C HIS D 83 -17.06 22.32 23.55
N ARG D 84 -17.65 21.44 24.34
CA ARG D 84 -17.03 20.15 24.58
C ARG D 84 -16.98 19.32 23.32
N ASP D 85 -17.99 19.43 22.47
CA ASP D 85 -18.13 18.60 21.29
C ASP D 85 -17.28 19.07 20.13
N ASN D 86 -16.50 20.13 20.29
CA ASN D 86 -15.60 20.56 19.25
C ASN D 86 -14.27 19.83 19.29
N ASN D 87 -14.23 18.67 19.92
CA ASN D 87 -13.00 17.89 20.03
C ASN D 87 -13.40 16.43 19.89
N ILE D 88 -13.21 15.88 18.70
CA ILE D 88 -13.48 14.48 18.45
C ILE D 88 -12.25 13.67 18.81
N THR D 89 -12.46 12.51 19.41
CA THR D 89 -11.38 11.58 19.68
C THR D 89 -11.88 10.19 19.36
N THR D 90 -10.96 9.30 18.99
CA THR D 90 -11.36 7.94 18.68
C THR D 90 -12.15 7.33 19.83
N GLY D 91 -11.79 7.64 21.06
CA GLY D 91 -12.52 7.12 22.19
C GLY D 91 -13.97 7.57 22.22
N LYS D 92 -14.21 8.84 21.97
CA LYS D 92 -15.57 9.35 21.95
C LYS D 92 -16.42 8.63 20.92
N ILE D 93 -15.89 8.49 19.71
CA ILE D 93 -16.64 7.87 18.63
C ILE D 93 -16.95 6.42 18.97
N TYR D 94 -15.93 5.67 19.39
CA TYR D 94 -16.15 4.25 19.64
C TYR D 94 -17.09 4.04 20.82
N LYS D 95 -16.99 4.86 21.86
CA LYS D 95 -17.89 4.70 22.98
C LYS D 95 -19.32 5.03 22.58
N LEU D 96 -19.51 6.07 21.77
CA LEU D 96 -20.84 6.40 21.29
C LEU D 96 -21.45 5.24 20.52
N VAL D 97 -20.68 4.69 19.57
CA VAL D 97 -21.21 3.62 18.73
C VAL D 97 -21.47 2.37 19.56
N ILE D 98 -20.62 2.07 20.53
CA ILE D 98 -20.83 0.88 21.33
C ILE D 98 -22.07 1.02 22.19
N GLU D 99 -22.29 2.20 22.78
CA GLU D 99 -23.50 2.39 23.56
C GLU D 99 -24.74 2.27 22.69
N LYS D 100 -24.69 2.83 21.49
CA LYS D 100 -25.83 2.70 20.58
C LYS D 100 -26.10 1.25 20.26
N GLU D 101 -25.05 0.49 19.94
CA GLU D 101 -25.22 -0.92 19.64
C GLU D 101 -25.85 -1.66 20.81
N ARG D 102 -25.32 -1.46 22.01
CA ARG D 102 -25.85 -2.19 23.17
C ARG D 102 -27.30 -1.84 23.42
N THR D 103 -27.66 -0.57 23.29
CA THR D 103 -29.05 -0.21 23.51
C THR D 103 -29.95 -0.63 22.35
N GLY D 104 -29.38 -1.00 21.21
CA GLY D 104 -30.15 -1.62 20.16
C GLY D 104 -30.61 -0.73 19.03
N GLU D 105 -30.06 0.48 18.93
CA GLU D 105 -30.45 1.39 17.86
C GLU D 105 -29.86 1.02 16.51
N TYR D 106 -29.01 0.01 16.47
CA TYR D 106 -28.54 -0.59 15.22
C TYR D 106 -29.22 -1.92 14.97
N LEU D 107 -30.52 -1.99 15.30
CA LEU D 107 -31.23 -3.23 15.56
C LEU D 107 -30.90 -4.31 14.54
N GLY D 108 -30.31 -5.40 15.03
CA GLY D 108 -29.94 -6.52 14.20
C GLY D 108 -29.13 -6.17 12.97
N LYS D 109 -27.88 -5.75 13.16
CA LYS D 109 -26.99 -5.48 12.06
C LYS D 109 -25.55 -5.61 12.54
N THR D 110 -24.65 -5.94 11.62
CA THR D 110 -23.24 -6.10 11.95
C THR D 110 -22.57 -4.74 11.94
N VAL D 111 -22.45 -4.14 13.12
CA VAL D 111 -21.82 -2.83 13.25
C VAL D 111 -20.33 -2.99 12.93
N GLN D 112 -19.90 -2.43 11.82
CA GLN D 112 -18.49 -2.51 11.42
C GLN D 112 -17.95 -1.11 11.16
N VAL D 113 -16.62 -1.05 11.02
CA VAL D 113 -15.95 0.25 10.87
C VAL D 113 -16.57 1.03 9.72
N VAL D 114 -16.45 0.51 8.50
CA VAL D 114 -17.21 1.02 7.37
C VAL D 114 -18.47 0.17 7.25
N PRO D 115 -19.66 0.77 7.32
CA PRO D 115 -19.84 2.21 7.36
C PRO D 115 -20.19 2.81 8.70
N HIS D 116 -20.23 2.07 9.81
CA HIS D 116 -20.91 2.62 10.98
C HIS D 116 -20.06 3.64 11.72
N ILE D 117 -18.77 3.36 11.91
CA ILE D 117 -17.90 4.32 12.56
C ILE D 117 -17.75 5.57 11.71
N THR D 118 -17.59 5.41 10.39
CA THR D 118 -17.43 6.60 9.56
C THR D 118 -18.73 7.37 9.42
N ASP D 119 -19.88 6.72 9.48
CA ASP D 119 -21.12 7.47 9.52
C ASP D 119 -21.28 8.21 10.83
N ALA D 120 -20.83 7.61 11.93
CA ALA D 120 -20.84 8.32 13.20
C ALA D 120 -19.95 9.55 13.12
N ILE D 121 -18.78 9.42 12.52
CA ILE D 121 -17.86 10.56 12.39
C ILE D 121 -18.47 11.65 11.55
N GLN D 122 -19.08 11.29 10.42
CA GLN D 122 -19.68 12.30 9.56
C GLN D 122 -20.86 12.99 10.22
N GLU D 123 -21.72 12.24 10.90
CA GLU D 123 -22.83 12.86 11.60
C GLU D 123 -22.34 13.74 12.73
N TRP D 124 -21.25 13.35 13.41
CA TRP D 124 -20.67 14.20 14.44
C TRP D 124 -20.20 15.52 13.84
N VAL D 125 -19.46 15.46 12.74
CA VAL D 125 -18.91 16.67 12.18
C VAL D 125 -20.03 17.57 11.69
N GLU D 126 -21.04 16.99 11.06
CA GLU D 126 -22.13 17.83 10.55
C GLU D 126 -22.99 18.41 11.67
N ARG D 127 -23.19 17.67 12.76
CA ARG D 127 -23.99 18.20 13.85
C ARG D 127 -23.24 19.25 14.63
N VAL D 128 -21.92 19.11 14.76
CA VAL D 128 -21.15 20.09 15.52
C VAL D 128 -20.95 21.35 14.71
N ALA D 129 -20.71 21.23 13.41
CA ALA D 129 -20.40 22.42 12.63
C ALA D 129 -21.55 23.41 12.57
N GLN D 130 -22.71 23.11 13.14
CA GLN D 130 -23.84 24.02 13.12
C GLN D 130 -24.24 24.51 14.51
N THR D 131 -23.48 24.19 15.53
CA THR D 131 -23.81 24.65 16.87
C THR D 131 -23.37 26.10 17.03
N PRO D 132 -24.26 27.03 17.35
CA PRO D 132 -23.88 28.44 17.45
C PRO D 132 -22.74 28.63 18.43
N VAL D 133 -21.60 29.09 17.91
CA VAL D 133 -20.37 29.14 18.69
C VAL D 133 -20.03 30.55 19.16
N GLN D 134 -20.68 31.57 18.64
CA GLN D 134 -20.40 32.96 18.98
C GLN D 134 -21.70 33.70 19.25
N GLY D 135 -22.56 33.10 20.06
CA GLY D 135 -23.84 33.71 20.35
C GLY D 135 -24.98 33.01 19.65
N SER D 136 -25.49 33.62 18.59
CA SER D 136 -26.61 33.05 17.84
C SER D 136 -26.35 33.00 16.35
N SER D 137 -25.11 33.19 15.92
CA SER D 137 -24.78 33.17 14.51
C SER D 137 -24.51 31.74 14.07
N LYS D 138 -25.36 31.21 13.21
CA LYS D 138 -25.12 29.89 12.66
C LYS D 138 -23.86 29.93 11.81
N PRO D 139 -22.91 29.04 12.06
CA PRO D 139 -21.62 29.11 11.35
C PRO D 139 -21.80 28.96 9.85
N GLN D 140 -20.75 29.29 9.11
CA GLN D 140 -20.76 29.17 7.67
C GLN D 140 -19.56 28.42 7.10
N VAL D 141 -18.43 28.40 7.78
CA VAL D 141 -17.29 27.57 7.40
C VAL D 141 -16.83 26.82 8.63
N CYS D 142 -16.36 25.59 8.44
CA CYS D 142 -15.87 24.78 9.54
C CYS D 142 -14.48 24.29 9.20
N ILE D 143 -13.50 24.67 10.00
CA ILE D 143 -12.11 24.29 9.77
C ILE D 143 -11.85 23.03 10.58
N VAL D 144 -11.99 21.87 9.95
CA VAL D 144 -11.65 20.62 10.60
C VAL D 144 -10.15 20.40 10.48
N GLU D 145 -9.50 20.11 11.59
CA GLU D 145 -8.07 19.82 11.58
C GLU D 145 -7.86 18.39 12.05
N LEU D 146 -7.20 17.61 11.23
CA LEU D 146 -6.98 16.19 11.53
C LEU D 146 -5.60 16.04 12.15
N GLY D 147 -5.56 15.72 13.43
CA GLY D 147 -4.30 15.57 14.11
C GLY D 147 -3.50 14.40 13.58
N GLY D 148 -2.23 14.37 13.92
CA GLY D 148 -1.36 13.31 13.47
C GLY D 148 -0.96 13.49 12.02
N THR D 149 -0.19 12.53 11.53
CA THR D 149 0.28 12.53 10.16
C THR D 149 -0.51 11.53 9.33
N ILE D 150 -0.56 11.77 8.02
CA ILE D 150 -1.30 10.89 7.13
C ILE D 150 -0.52 9.59 6.95
N GLY D 151 -1.13 8.49 7.33
CA GLY D 151 -0.49 7.20 7.18
C GLY D 151 -0.53 6.38 8.45
N ASP D 152 -0.89 7.03 9.55
CA ASP D 152 -0.96 6.33 10.82
C ASP D 152 -2.12 5.35 10.84
N ILE D 153 -2.01 4.35 11.71
CA ILE D 153 -3.09 3.37 11.83
C ILE D 153 -4.26 3.97 12.59
N GLU D 154 -3.99 4.91 13.48
CA GLU D 154 -5.07 5.50 14.27
C GLU D 154 -5.96 6.40 13.46
N GLY D 155 -5.44 6.95 12.38
CA GLY D 155 -6.20 7.90 11.59
C GLY D 155 -6.71 7.34 10.28
N MET D 156 -6.99 6.05 10.25
CA MET D 156 -7.61 5.45 9.08
C MET D 156 -9.12 5.68 9.06
N PRO D 157 -9.83 5.49 10.18
CA PRO D 157 -11.26 5.81 10.16
C PRO D 157 -11.54 7.23 9.72
N PHE D 158 -10.72 8.18 10.13
CA PHE D 158 -11.02 9.57 9.82
C PHE D 158 -10.71 9.89 8.36
N VAL D 159 -9.62 9.38 7.83
CA VAL D 159 -9.32 9.60 6.42
C VAL D 159 -10.38 8.95 5.55
N GLU D 160 -10.87 7.78 5.95
CA GLU D 160 -11.93 7.14 5.17
C GLU D 160 -13.23 7.93 5.27
N ALA D 161 -13.59 8.39 6.47
CA ALA D 161 -14.81 9.15 6.63
C ALA D 161 -14.77 10.42 5.81
N PHE D 162 -13.60 11.05 5.69
CA PHE D 162 -13.55 12.26 4.89
C PHE D 162 -13.49 11.94 3.40
N ARG D 163 -12.92 10.80 3.02
CA ARG D 163 -12.98 10.38 1.64
C ARG D 163 -14.43 10.23 1.19
N GLN D 164 -15.29 9.74 2.07
CA GLN D 164 -16.70 9.68 1.72
C GLN D 164 -17.40 11.02 1.87
N PHE D 165 -16.96 11.84 2.83
CA PHE D 165 -17.57 13.15 3.04
C PHE D 165 -17.43 14.03 1.82
N GLN D 166 -16.28 13.97 1.15
CA GLN D 166 -16.06 14.88 0.04
C GLN D 166 -17.01 14.65 -1.12
N PHE D 167 -17.69 13.51 -1.16
CA PHE D 167 -18.75 13.25 -2.12
C PHE D 167 -20.14 13.43 -1.53
N ARG D 168 -20.31 13.04 -0.27
CA ARG D 168 -21.60 13.27 0.37
C ARG D 168 -21.96 14.74 0.44
N VAL D 169 -20.97 15.63 0.44
CA VAL D 169 -21.26 17.04 0.67
C VAL D 169 -20.92 17.89 -0.54
N LYS D 170 -21.10 17.34 -1.74
CA LYS D 170 -21.10 18.17 -2.94
C LYS D 170 -19.79 18.91 -3.16
N ARG D 171 -18.77 18.19 -3.64
CA ARG D 171 -17.36 18.55 -3.60
C ARG D 171 -17.06 20.04 -3.76
N GLU D 172 -17.93 20.80 -4.41
CA GLU D 172 -17.75 22.24 -4.39
C GLU D 172 -17.89 22.86 -3.00
N ASN D 173 -18.15 22.05 -1.98
CA ASN D 173 -18.26 22.52 -0.59
C ASN D 173 -17.23 21.86 0.31
N PHE D 174 -16.01 21.64 -0.19
CA PHE D 174 -15.03 20.88 0.57
C PHE D 174 -13.66 21.14 -0.02
N CYS D 175 -12.77 21.76 0.74
CA CYS D 175 -11.39 21.97 0.36
C CYS D 175 -10.51 20.93 1.05
N LEU D 176 -9.21 21.08 0.91
CA LEU D 176 -8.26 20.24 1.66
C LEU D 176 -6.89 20.87 1.56
N ALA D 177 -6.31 21.23 2.70
CA ALA D 177 -4.96 21.77 2.75
C ALA D 177 -4.05 20.76 3.40
N HIS D 178 -2.93 20.47 2.77
CA HIS D 178 -2.01 19.46 3.25
C HIS D 178 -0.71 20.14 3.63
N VAL D 179 -0.47 20.31 4.92
CA VAL D 179 0.72 20.95 5.43
C VAL D 179 1.85 19.93 5.44
N SER D 180 2.98 20.27 4.82
CA SER D 180 4.08 19.34 4.71
C SER D 180 5.39 20.04 5.04
N LEU D 181 6.42 19.25 5.31
CA LEU D 181 7.72 19.75 5.72
C LEU D 181 8.74 19.54 4.61
N VAL D 182 9.55 20.55 4.36
CA VAL D 182 10.60 20.49 3.36
C VAL D 182 11.95 20.64 4.05
N PRO D 183 12.61 19.55 4.42
CA PRO D 183 13.86 19.67 5.16
C PRO D 183 14.97 20.22 4.28
N LEU D 184 16.00 20.72 4.94
CA LEU D 184 17.19 21.26 4.29
C LEU D 184 18.39 20.79 5.07
N PRO D 185 18.88 19.59 4.79
CA PRO D 185 20.00 19.06 5.57
C PRO D 185 21.25 19.89 5.38
N LYS D 186 21.91 20.19 6.51
CA LYS D 186 23.09 21.05 6.44
C LYS D 186 24.24 20.36 5.73
N ALA D 187 24.29 19.04 5.76
CA ALA D 187 25.36 18.31 5.09
C ALA D 187 25.25 18.44 3.58
N THR D 188 24.03 18.34 3.04
CA THR D 188 23.84 18.41 1.60
C THR D 188 23.84 19.86 1.12
N GLY D 189 22.93 20.66 1.63
CA GLY D 189 22.87 22.07 1.29
C GLY D 189 21.78 22.47 0.32
N GLU D 190 20.78 21.63 0.10
CA GLU D 190 19.70 21.93 -0.81
C GLU D 190 18.41 21.39 -0.24
N PRO D 191 17.31 22.12 -0.36
CA PRO D 191 16.03 21.59 0.14
C PRO D 191 15.60 20.37 -0.64
N LYS D 192 15.02 19.42 0.07
CA LYS D 192 14.67 18.12 -0.50
C LYS D 192 13.16 18.01 -0.64
N THR D 193 12.70 17.42 -1.74
CA THR D 193 11.28 17.32 -2.00
C THR D 193 10.72 15.93 -1.84
N LYS D 194 11.57 14.92 -1.71
CA LYS D 194 11.08 13.55 -1.61
C LYS D 194 10.12 13.34 -0.45
N PRO D 195 10.31 13.92 0.74
CA PRO D 195 9.32 13.70 1.79
C PRO D 195 7.92 14.18 1.42
N THR D 196 7.81 15.40 0.89
CA THR D 196 6.50 15.90 0.51
C THR D 196 5.90 15.07 -0.61
N GLN D 197 6.73 14.65 -1.57
CA GLN D 197 6.23 13.79 -2.64
C GLN D 197 5.65 12.50 -2.08
N SER D 198 6.39 11.86 -1.16
CA SER D 198 5.92 10.60 -0.61
C SER D 198 4.66 10.78 0.20
N SER D 199 4.57 11.87 0.96
CA SER D 199 3.37 12.11 1.75
C SER D 199 2.17 12.39 0.87
N VAL D 200 2.35 13.16 -0.21
CA VAL D 200 1.23 13.43 -1.10
C VAL D 200 0.78 12.17 -1.79
N ARG D 201 1.72 11.30 -2.18
CA ARG D 201 1.35 10.03 -2.78
C ARG D 201 0.58 9.16 -1.80
N GLU D 202 1.03 9.10 -0.54
CA GLU D 202 0.31 8.31 0.44
C GLU D 202 -1.08 8.86 0.70
N LEU D 203 -1.24 10.18 0.60
CA LEU D 203 -2.56 10.77 0.76
C LEU D 203 -3.45 10.48 -0.44
N ARG D 204 -2.87 10.39 -1.64
CA ARG D 204 -3.63 10.03 -2.82
C ARG D 204 -4.07 8.58 -2.80
N GLY D 205 -3.22 7.70 -2.27
CA GLY D 205 -3.60 6.31 -2.09
C GLY D 205 -4.77 6.10 -1.16
N CYS D 206 -5.24 7.15 -0.49
CA CYS D 206 -6.41 7.08 0.37
C CYS D 206 -7.60 7.78 -0.23
N GLY D 207 -7.48 8.25 -1.46
CA GLY D 207 -8.62 8.85 -2.14
C GLY D 207 -8.58 10.35 -2.20
N LEU D 208 -8.18 11.00 -1.11
CA LEU D 208 -8.19 12.45 -1.06
C LEU D 208 -7.12 13.03 -1.97
N SER D 209 -7.34 14.27 -2.40
CA SER D 209 -6.39 14.95 -3.27
C SER D 209 -6.19 16.36 -2.74
N PRO D 210 -4.94 16.79 -2.55
CA PRO D 210 -4.68 18.09 -1.91
C PRO D 210 -5.10 19.23 -2.80
N ASP D 211 -6.03 20.06 -2.30
CA ASP D 211 -6.36 21.29 -3.00
C ASP D 211 -5.33 22.38 -2.75
N LEU D 212 -4.61 22.33 -1.64
CA LEU D 212 -3.47 23.19 -1.38
C LEU D 212 -2.35 22.34 -0.84
N ILE D 213 -1.14 22.89 -0.88
CA ILE D 213 0.01 22.25 -0.25
C ILE D 213 0.83 23.36 0.37
N VAL D 214 0.83 23.43 1.69
CA VAL D 214 1.59 24.43 2.41
C VAL D 214 2.95 23.83 2.75
N CYS D 215 4.00 24.33 2.13
CA CYS D 215 5.35 23.81 2.32
C CYS D 215 6.03 24.57 3.44
N ARG D 216 6.18 23.93 4.59
CA ARG D 216 6.78 24.55 5.77
C ARG D 216 8.26 24.19 5.81
N SER D 217 9.11 25.19 5.65
CA SER D 217 10.55 25.01 5.70
C SER D 217 11.14 25.98 6.72
N GLU D 218 12.46 25.96 6.84
CA GLU D 218 13.15 26.81 7.79
C GLU D 218 13.53 28.17 7.20
N LYS D 219 14.03 28.20 5.97
CA LYS D 219 14.34 29.42 5.27
C LYS D 219 13.57 29.43 3.95
N PRO D 220 13.31 30.60 3.39
CA PRO D 220 12.48 30.65 2.17
C PRO D 220 13.11 29.85 1.05
N ILE D 221 12.35 28.94 0.50
CA ILE D 221 12.82 28.11 -0.61
C ILE D 221 12.67 28.90 -1.89
N GLY D 222 13.58 28.65 -2.83
CA GLY D 222 13.57 29.37 -4.09
C GLY D 222 12.41 29.00 -4.98
N LEU D 223 12.54 29.25 -6.28
CA LEU D 223 11.50 28.87 -7.21
C LEU D 223 11.72 27.49 -7.82
N GLU D 224 12.97 27.02 -7.87
CA GLU D 224 13.22 25.68 -8.37
C GLU D 224 12.44 24.65 -7.59
N VAL D 225 12.46 24.75 -6.26
CA VAL D 225 11.79 23.75 -5.44
C VAL D 225 10.28 23.88 -5.53
N LYS D 226 9.77 25.09 -5.72
CA LYS D 226 8.34 25.24 -5.94
C LYS D 226 7.92 24.58 -7.24
N GLU D 227 8.72 24.73 -8.31
CA GLU D 227 8.40 24.03 -9.54
C GLU D 227 8.49 22.52 -9.37
N LYS D 228 9.50 22.05 -8.64
CA LYS D 228 9.60 20.61 -8.43
C LYS D 228 8.40 20.07 -7.68
N ILE D 229 7.95 20.78 -6.64
CA ILE D 229 6.76 20.36 -5.91
C ILE D 229 5.57 20.34 -6.85
N SER D 230 5.36 21.43 -7.59
CA SER D 230 4.19 21.53 -8.45
C SER D 230 4.16 20.40 -9.46
N ASN D 231 5.30 20.10 -10.08
CA ASN D 231 5.34 19.01 -11.05
C ASN D 231 5.10 17.67 -10.37
N PHE D 232 5.98 17.28 -9.46
CA PHE D 232 5.95 15.95 -8.89
C PHE D 232 4.80 15.72 -7.93
N CYS D 233 3.92 16.70 -7.71
CA CYS D 233 2.71 16.47 -6.96
C CYS D 233 1.47 16.91 -7.69
N HIS D 234 1.59 17.42 -8.92
CA HIS D 234 0.45 17.67 -9.80
C HIS D 234 -0.55 18.64 -9.15
N VAL D 235 -0.04 19.83 -8.85
CA VAL D 235 -0.85 20.96 -8.44
C VAL D 235 -0.30 22.20 -9.10
N GLY D 236 -1.20 23.14 -9.41
CA GLY D 236 -0.82 24.36 -10.07
C GLY D 236 0.16 25.16 -9.23
N PRO D 237 1.15 25.77 -9.88
CA PRO D 237 2.19 26.50 -9.13
C PRO D 237 1.69 27.69 -8.35
N ASP D 238 0.38 27.95 -8.37
CA ASP D 238 -0.20 29.00 -7.54
C ASP D 238 -0.96 28.44 -6.35
N GLN D 239 -1.08 27.13 -6.23
CA GLN D 239 -1.68 26.49 -5.06
C GLN D 239 -0.63 25.66 -4.33
N VAL D 240 0.57 26.21 -4.19
CA VAL D 240 1.61 25.65 -3.35
C VAL D 240 2.19 26.81 -2.56
N ILE D 241 1.93 26.85 -1.27
CA ILE D 241 2.33 27.96 -0.42
C ILE D 241 3.60 27.59 0.33
N CYS D 242 4.43 28.60 0.59
CA CYS D 242 5.65 28.43 1.35
C CYS D 242 5.60 29.33 2.57
N ILE D 243 5.65 28.72 3.75
CA ILE D 243 5.61 29.43 5.02
C ILE D 243 6.86 29.02 5.79
N HIS D 244 7.85 29.90 5.84
CA HIS D 244 9.05 29.60 6.60
C HIS D 244 8.84 29.95 8.06
N ASP D 245 9.89 29.78 8.86
CA ASP D 245 9.82 30.05 10.29
C ASP D 245 9.85 31.56 10.51
N LEU D 246 8.67 32.14 10.74
CA LEU D 246 8.59 33.58 10.95
C LEU D 246 9.00 33.93 12.38
N ASN D 247 9.03 35.22 12.67
CA ASN D 247 9.40 35.66 14.02
C ASN D 247 8.29 35.33 15.00
N SER D 248 7.11 35.89 14.81
CA SER D 248 5.94 35.58 15.61
C SER D 248 4.85 35.09 14.69
N ILE D 249 3.95 34.29 15.25
CA ILE D 249 2.89 33.69 14.43
C ILE D 249 1.82 34.67 14.04
N TYR D 250 1.87 35.91 14.50
CA TYR D 250 0.97 36.91 13.94
C TYR D 250 1.33 37.28 12.53
N HIS D 251 2.39 36.70 11.98
CA HIS D 251 2.77 36.95 10.60
C HIS D 251 2.21 35.93 9.65
N VAL D 252 1.77 34.77 10.13
CA VAL D 252 1.32 33.69 9.27
C VAL D 252 0.03 34.05 8.54
N PRO D 253 -0.97 34.64 9.20
CA PRO D 253 -2.13 35.12 8.44
C PRO D 253 -1.75 36.04 7.30
N LEU D 254 -0.90 37.03 7.54
CA LEU D 254 -0.53 37.95 6.48
C LEU D 254 0.29 37.28 5.39
N LEU D 255 1.22 36.40 5.77
CA LEU D 255 2.04 35.73 4.79
C LEU D 255 1.20 34.85 3.89
N MET D 256 0.15 34.23 4.43
CA MET D 256 -0.73 33.47 3.57
C MET D 256 -1.59 34.40 2.72
N GLU D 257 -2.09 35.48 3.30
CA GLU D 257 -2.99 36.36 2.56
C GLU D 257 -2.29 37.00 1.37
N GLN D 258 -1.02 37.35 1.51
CA GLN D 258 -0.28 37.88 0.37
C GLN D 258 0.05 36.82 -0.66
N ASN D 259 -0.15 35.55 -0.36
CA ASN D 259 -0.04 34.48 -1.34
C ASN D 259 -1.38 34.09 -1.93
N GLY D 260 -2.39 34.95 -1.78
CA GLY D 260 -3.65 34.76 -2.46
C GLY D 260 -4.49 33.60 -1.98
N VAL D 261 -4.30 33.16 -0.74
CA VAL D 261 -5.15 32.11 -0.19
C VAL D 261 -6.53 32.61 0.19
N ILE D 262 -6.80 33.90 0.01
CA ILE D 262 -8.18 34.37 0.02
C ILE D 262 -8.80 34.27 -1.35
N GLU D 263 -8.06 34.67 -2.38
CA GLU D 263 -8.55 34.54 -3.75
C GLU D 263 -8.83 33.10 -4.10
N TYR D 264 -7.86 32.22 -3.82
CA TYR D 264 -8.03 30.82 -4.16
C TYR D 264 -9.23 30.22 -3.44
N LEU D 265 -9.40 30.55 -2.16
CA LEU D 265 -10.51 29.97 -1.43
C LEU D 265 -11.84 30.52 -1.93
N ASN D 266 -11.92 31.81 -2.20
CA ASN D 266 -13.17 32.36 -2.69
C ASN D 266 -13.51 31.84 -4.08
N GLU D 267 -12.52 31.39 -4.84
CA GLU D 267 -12.80 30.77 -6.12
C GLU D 267 -13.15 29.29 -5.98
N ARG D 268 -12.57 28.61 -5.00
CA ARG D 268 -12.73 27.17 -4.88
C ARG D 268 -13.95 26.75 -4.08
N LEU D 269 -14.32 27.51 -3.05
CA LEU D 269 -15.49 27.20 -2.26
C LEU D 269 -16.70 28.07 -2.60
N GLN D 270 -16.53 29.07 -3.46
CA GLN D 270 -17.60 29.98 -3.85
C GLN D 270 -18.22 30.66 -2.63
N LEU D 271 -17.39 31.45 -1.94
CA LEU D 271 -17.78 32.04 -0.68
C LEU D 271 -18.47 33.38 -0.83
N ASN D 272 -18.36 34.04 -1.97
CA ASN D 272 -18.96 35.35 -2.21
C ASN D 272 -18.37 36.40 -1.27
N ILE D 273 -17.05 36.48 -1.27
CA ILE D 273 -16.32 37.44 -0.46
C ILE D 273 -16.09 38.69 -1.28
N ASP D 274 -16.46 39.84 -0.73
CA ASP D 274 -16.31 41.12 -1.42
C ASP D 274 -14.90 41.64 -1.17
N MET D 275 -14.04 41.53 -2.19
CA MET D 275 -12.66 41.96 -2.02
C MET D 275 -12.54 43.48 -1.95
N SER D 276 -13.45 44.20 -2.63
CA SER D 276 -13.44 45.66 -2.54
C SER D 276 -13.80 46.16 -1.14
N LYS D 277 -14.17 45.27 -0.23
CA LYS D 277 -14.41 45.62 1.16
C LYS D 277 -13.48 44.90 2.12
N ARG D 278 -12.96 43.73 1.76
CA ARG D 278 -12.10 42.96 2.65
C ARG D 278 -10.74 43.61 2.87
N THR D 279 -10.44 44.73 2.23
CA THR D 279 -9.12 45.32 2.35
C THR D 279 -8.88 45.84 3.76
N LYS D 280 -9.76 46.72 4.23
CA LYS D 280 -9.58 47.36 5.54
C LYS D 280 -10.34 46.59 6.63
N CYS D 281 -9.99 45.32 6.74
CA CYS D 281 -10.47 44.52 7.87
C CYS D 281 -9.35 43.77 8.57
N LEU D 282 -8.36 43.29 7.83
CA LEU D 282 -7.19 42.64 8.42
C LEU D 282 -6.14 43.69 8.77
N GLN D 283 -6.51 44.59 9.68
CA GLN D 283 -5.66 45.69 10.08
C GLN D 283 -5.11 45.55 11.48
N GLN D 284 -5.92 45.07 12.43
CA GLN D 284 -5.41 44.79 13.76
C GLN D 284 -4.25 43.82 13.72
N TRP D 285 -4.26 42.86 12.82
CA TRP D 285 -3.17 41.92 12.71
C TRP D 285 -1.92 42.52 12.10
N ARG D 286 -2.04 43.43 11.13
CA ARG D 286 -0.85 44.14 10.67
C ARG D 286 -0.27 44.98 11.79
N ASP D 287 -1.13 45.67 12.54
CA ASP D 287 -0.67 46.46 13.67
C ASP D 287 0.07 45.59 14.68
N LEU D 288 -0.50 44.45 15.02
CA LEU D 288 0.14 43.56 15.99
C LEU D 288 1.46 43.03 15.45
N ALA D 289 1.48 42.61 14.19
CA ALA D 289 2.71 42.05 13.64
C ALA D 289 3.81 43.09 13.57
N ARG D 290 3.46 44.36 13.44
CA ARG D 290 4.50 45.39 13.45
C ARG D 290 4.93 45.72 14.87
N ARG D 291 3.99 45.77 15.81
CA ARG D 291 4.38 45.97 17.21
C ARG D 291 5.23 44.82 17.71
N THR D 292 5.11 43.65 17.10
CA THR D 292 5.99 42.54 17.47
C THR D 292 7.43 42.81 17.12
N GLU D 293 7.69 43.66 16.13
CA GLU D 293 9.07 43.94 15.74
C GLU D 293 9.59 45.25 16.30
N THR D 294 8.71 46.22 16.56
CA THR D 294 9.13 47.56 16.94
C THR D 294 9.04 47.81 18.43
N VAL D 295 9.40 46.82 19.26
CA VAL D 295 9.52 47.01 20.70
C VAL D 295 10.95 46.69 21.13
N ARG D 296 11.57 47.63 21.83
CA ARG D 296 12.90 47.42 22.41
C ARG D 296 12.86 47.97 23.84
N ARG D 297 12.44 47.14 24.79
CA ARG D 297 12.48 47.54 26.19
C ARG D 297 12.97 46.47 27.14
N GLU D 298 12.87 45.19 26.80
CA GLU D 298 13.48 44.09 27.56
C GLU D 298 13.00 44.07 29.01
N VAL D 299 11.72 43.72 29.16
CA VAL D 299 11.18 43.34 30.45
C VAL D 299 11.36 41.83 30.62
N CYS D 300 11.94 41.41 31.74
CA CYS D 300 12.29 40.02 31.96
C CYS D 300 11.46 39.48 33.11
N ILE D 301 10.76 38.37 32.86
CA ILE D 301 9.85 37.77 33.82
C ILE D 301 10.35 36.36 34.15
N ALA D 302 10.16 35.95 35.39
CA ALA D 302 10.58 34.63 35.85
C ALA D 302 9.39 33.70 35.91
N VAL D 303 9.54 32.52 35.33
CA VAL D 303 8.53 31.48 35.36
C VAL D 303 9.12 30.31 36.13
N VAL D 304 8.70 30.16 37.39
CA VAL D 304 9.23 29.10 38.25
C VAL D 304 8.19 27.97 38.25
N GLY D 305 8.37 27.03 37.33
CA GLY D 305 7.48 25.89 37.21
C GLY D 305 8.25 24.59 37.21
N LYS D 306 7.50 23.50 37.07
CA LYS D 306 8.09 22.17 37.17
C LYS D 306 8.47 21.59 35.82
N TYR D 307 7.63 21.75 34.81
CA TYR D 307 7.80 21.06 33.53
C TYR D 307 8.61 21.87 32.53
N THR D 308 9.52 22.72 33.00
CA THR D 308 10.21 23.67 32.13
C THR D 308 11.32 23.00 31.32
N LYS D 309 10.92 21.97 30.58
CA LYS D 309 11.83 21.28 29.68
C LYS D 309 11.40 21.35 28.22
N PHE D 310 10.10 21.21 27.95
CA PHE D 310 9.54 21.38 26.62
C PHE D 310 8.73 22.66 26.61
N THR D 311 9.05 23.55 25.67
CA THR D 311 8.45 24.88 25.70
C THR D 311 7.04 24.89 25.13
N ASP D 312 6.22 23.95 25.58
CA ASP D 312 4.79 23.96 25.31
C ASP D 312 3.99 23.60 26.53
N SER D 313 4.61 23.28 27.65
CA SER D 313 3.88 22.95 28.86
C SER D 313 3.19 24.16 29.46
N TYR D 314 3.60 25.36 29.06
CA TYR D 314 3.00 26.59 29.58
C TYR D 314 2.49 27.48 28.46
N ALA D 315 2.13 26.90 27.31
CA ALA D 315 1.72 27.68 26.15
C ALA D 315 0.77 28.80 26.51
N SER D 316 -0.23 28.50 27.34
CA SER D 316 -1.20 29.54 27.70
C SER D 316 -0.55 30.64 28.51
N VAL D 317 0.32 30.28 29.46
CA VAL D 317 0.98 31.28 30.29
C VAL D 317 1.85 32.18 29.44
N VAL D 318 2.65 31.58 28.58
CA VAL D 318 3.57 32.36 27.75
C VAL D 318 2.78 33.26 26.80
N LYS D 319 1.74 32.74 26.18
CA LYS D 319 0.98 33.55 25.25
C LYS D 319 0.09 34.57 25.94
N ALA D 320 -0.11 34.44 27.25
CA ALA D 320 -0.79 35.49 28.00
C ALA D 320 0.17 36.53 28.52
N LEU D 321 1.43 36.18 28.73
CA LEU D 321 2.43 37.19 29.06
C LEU D 321 2.78 38.02 27.83
N GLN D 322 2.89 37.38 26.67
CA GLN D 322 3.27 38.11 25.48
C GLN D 322 2.20 39.12 25.08
N HIS D 323 0.93 38.77 25.27
CA HIS D 323 -0.13 39.71 24.97
C HIS D 323 -0.03 40.96 25.81
N ALA D 324 0.17 40.81 27.11
CA ALA D 324 0.31 41.98 27.98
C ALA D 324 1.55 42.79 27.63
N ALA D 325 2.69 42.12 27.42
CA ALA D 325 3.90 42.84 27.08
C ALA D 325 3.75 43.61 25.78
N LEU D 326 3.01 43.07 24.81
CA LEU D 326 2.77 43.81 23.58
C LEU D 326 1.81 44.95 23.81
N ALA D 327 0.86 44.79 24.72
CA ALA D 327 -0.08 45.87 24.98
C ALA D 327 0.56 47.03 25.73
N VAL D 328 1.58 46.75 26.54
CA VAL D 328 2.31 47.81 27.23
C VAL D 328 3.41 48.40 26.37
N ASN D 329 3.72 47.77 25.24
CA ASN D 329 4.77 48.20 24.31
C ASN D 329 6.17 47.96 24.87
N ARG D 330 6.35 46.88 25.63
CA ARG D 330 7.65 46.42 26.04
C ARG D 330 7.96 45.09 25.38
N LYS D 331 9.22 44.69 25.42
CA LYS D 331 9.67 43.48 24.75
C LYS D 331 9.91 42.41 25.80
N LEU D 332 9.17 41.31 25.70
CA LEU D 332 9.25 40.27 26.70
C LEU D 332 10.56 39.51 26.59
N GLU D 333 11.00 38.97 27.73
CA GLU D 333 12.19 38.12 27.77
C GLU D 333 11.96 37.12 28.90
N LEU D 334 11.47 35.94 28.55
CA LEU D 334 11.11 34.96 29.56
C LEU D 334 12.34 34.16 30.00
N VAL D 335 12.42 33.90 31.30
CA VAL D 335 13.39 32.98 31.85
C VAL D 335 12.62 31.85 32.52
N PHE D 336 13.04 30.62 32.26
CA PHE D 336 12.37 29.44 32.79
C PHE D 336 13.22 28.87 33.92
N ILE D 337 12.65 28.87 35.13
CA ILE D 337 13.36 28.45 36.32
C ILE D 337 12.68 27.21 36.88
N GLU D 338 13.43 26.12 37.02
CA GLU D 338 12.90 24.95 37.69
C GLU D 338 12.64 25.27 39.16
N SER D 339 11.57 24.70 39.69
CA SER D 339 11.26 24.91 41.09
C SER D 339 11.95 23.91 42.00
N CYS D 340 12.55 22.87 41.43
CA CYS D 340 13.30 21.91 42.25
C CYS D 340 14.77 22.28 42.38
N LEU D 341 15.31 23.07 41.45
CA LEU D 341 16.66 23.62 41.64
C LEU D 341 16.60 24.90 42.46
N LEU D 342 15.86 24.84 43.56
CA LEU D 342 15.76 25.94 44.51
C LEU D 342 15.75 25.47 45.96
N GLU D 343 15.79 24.16 46.19
CA GLU D 343 15.82 23.59 47.53
C GLU D 343 17.23 23.13 47.86
N GLU D 344 17.51 23.02 49.16
CA GLU D 344 18.84 22.64 49.61
C GLU D 344 19.23 21.26 49.12
N GLU D 345 18.27 20.46 48.65
CA GLU D 345 18.57 19.11 48.20
C GLU D 345 19.51 19.11 47.01
N THR D 346 19.44 20.13 46.16
CA THR D 346 20.44 20.28 45.12
C THR D 346 21.64 21.08 45.59
N LEU D 347 21.47 21.93 46.62
CA LEU D 347 22.62 22.58 47.23
C LEU D 347 23.63 21.55 47.71
N HIS D 348 23.16 20.42 48.23
CA HIS D 348 24.04 19.34 48.62
C HIS D 348 24.53 18.51 47.45
N SER D 349 23.88 18.60 46.28
CA SER D 349 24.24 17.79 45.14
C SER D 349 24.84 18.58 43.98
N GLU D 350 24.27 19.73 43.65
CA GLU D 350 24.76 20.56 42.55
C GLU D 350 24.66 22.03 42.93
N PRO D 351 25.60 22.51 43.75
CA PRO D 351 25.58 23.93 44.13
C PRO D 351 25.78 24.85 42.94
N SER D 352 26.49 24.41 41.90
CA SER D 352 26.66 25.22 40.70
C SER D 352 25.31 25.59 40.09
N LYS D 353 24.52 24.57 39.75
CA LYS D 353 23.21 24.83 39.18
C LYS D 353 22.29 25.52 40.18
N TYR D 354 22.42 25.17 41.46
CA TYR D 354 21.62 25.84 42.48
C TYR D 354 21.83 27.34 42.43
N HIS D 355 23.09 27.77 42.48
CA HIS D 355 23.38 29.20 42.45
C HIS D 355 23.03 29.82 41.12
N LYS D 356 23.20 29.10 40.01
CA LYS D 356 22.85 29.66 38.72
C LYS D 356 21.36 29.98 38.64
N GLU D 357 20.52 29.01 39.03
CA GLU D 357 19.08 29.26 39.00
C GLU D 357 18.68 30.35 39.98
N TRP D 358 19.28 30.36 41.17
CA TRP D 358 18.92 31.41 42.12
C TRP D 358 19.35 32.78 41.61
N GLN D 359 20.46 32.86 40.88
CA GLN D 359 20.86 34.13 40.28
C GLN D 359 19.87 34.57 39.21
N LYS D 360 19.50 33.64 38.33
CA LYS D 360 18.49 33.94 37.31
C LYS D 360 17.22 34.46 37.93
N LEU D 361 16.78 33.85 39.03
CA LEU D 361 15.61 34.34 39.73
C LEU D 361 15.87 35.70 40.36
N CYS D 362 17.12 35.96 40.75
CA CYS D 362 17.42 37.22 41.43
C CYS D 362 17.34 38.39 40.46
N ASP D 363 18.00 38.29 39.31
CA ASP D 363 18.04 39.42 38.37
C ASP D 363 16.90 39.30 37.36
N SER D 364 15.68 39.50 37.85
CA SER D 364 14.50 39.41 37.01
C SER D 364 13.43 40.33 37.57
N HIS D 365 12.86 41.16 36.72
CA HIS D 365 11.97 42.21 37.18
C HIS D 365 10.67 41.66 37.77
N GLY D 366 10.34 40.40 37.52
CA GLY D 366 9.07 39.88 37.99
C GLY D 366 9.11 38.38 38.15
N ILE D 367 8.19 37.87 38.95
CA ILE D 367 8.11 36.45 39.25
C ILE D 367 6.70 35.97 38.95
N LEU D 368 6.60 34.75 38.42
CA LEU D 368 5.31 34.16 38.11
C LEU D 368 5.33 32.69 38.50
N VAL D 369 4.42 32.30 39.39
CA VAL D 369 4.32 30.92 39.83
C VAL D 369 3.11 30.26 39.16
N PRO D 370 3.33 29.40 38.18
CA PRO D 370 2.18 28.77 37.49
C PRO D 370 1.49 27.75 38.36
N GLY D 371 0.44 27.12 37.83
CA GLY D 371 -0.20 26.00 38.49
C GLY D 371 0.54 24.71 38.22
N GLY D 372 -0.11 23.62 38.61
CA GLY D 372 0.47 22.31 38.41
C GLY D 372 -0.18 21.29 39.33
N PHE D 373 0.35 20.08 39.28
CA PHE D 373 -0.19 18.98 40.05
C PHE D 373 0.94 18.16 40.65
N GLY D 374 0.76 17.75 41.89
CA GLY D 374 1.70 16.87 42.57
C GLY D 374 2.42 17.57 43.71
N SER D 375 3.46 16.90 44.20
CA SER D 375 4.25 17.42 45.30
C SER D 375 5.68 17.76 44.92
N ARG D 376 6.18 17.27 43.78
CA ARG D 376 7.52 17.62 43.34
C ARG D 376 7.62 19.12 43.12
N GLY D 377 8.74 19.69 43.56
CA GLY D 377 8.98 21.11 43.38
C GLY D 377 7.98 22.03 44.06
N MET D 378 7.17 21.51 44.97
CA MET D 378 6.21 22.37 45.65
C MET D 378 6.89 23.27 46.67
N GLU D 379 8.00 22.84 47.25
CA GLU D 379 8.69 23.67 48.23
C GLU D 379 9.51 24.78 47.57
N GLY D 380 10.00 24.55 46.36
CA GLY D 380 10.68 25.60 45.64
C GLY D 380 9.77 26.79 45.38
N LYS D 381 8.50 26.52 45.13
CA LYS D 381 7.54 27.61 44.98
C LYS D 381 7.40 28.38 46.29
N ILE D 382 7.42 27.68 47.43
CA ILE D 382 7.38 28.37 48.71
C ILE D 382 8.61 29.26 48.87
N ARG D 383 9.77 28.74 48.50
CA ARG D 383 10.99 29.53 48.55
C ARG D 383 10.87 30.79 47.71
N ALA D 384 10.33 30.65 46.50
CA ALA D 384 10.22 31.80 45.62
C ALA D 384 9.23 32.82 46.15
N CYS D 385 8.10 32.36 46.70
CA CYS D 385 7.15 33.29 47.31
C CYS D 385 7.79 34.03 48.48
N GLN D 386 8.57 33.31 49.29
CA GLN D 386 9.25 33.95 50.42
C GLN D 386 10.22 35.02 49.93
N TRP D 387 11.02 34.68 48.91
CA TRP D 387 12.00 35.62 48.39
C TRP D 387 11.32 36.87 47.83
N ALA D 388 10.28 36.68 47.03
CA ALA D 388 9.57 37.81 46.46
C ALA D 388 8.76 38.58 47.48
N ARG D 389 8.49 37.98 48.65
CA ARG D 389 7.81 38.71 49.71
C ARG D 389 8.78 39.54 50.53
N GLU D 390 9.98 39.03 50.76
CA GLU D 390 10.96 39.75 51.56
C GLU D 390 11.90 40.61 50.72
N ASN D 391 11.74 40.62 49.39
CA ASN D 391 12.57 41.46 48.53
C ASN D 391 11.77 42.51 47.77
N GLN D 392 10.47 42.61 48.00
CA GLN D 392 9.61 43.56 47.30
C GLN D 392 9.74 43.41 45.79
N LYS D 393 9.37 42.23 45.30
CA LYS D 393 9.42 41.91 43.90
C LYS D 393 8.05 41.41 43.46
N PRO D 394 7.50 41.91 42.35
CA PRO D 394 6.13 41.54 41.98
C PRO D 394 6.00 40.05 41.70
N LEU D 395 4.84 39.51 42.01
CA LEU D 395 4.60 38.07 41.88
C LEU D 395 3.14 37.82 41.59
N LEU D 396 2.86 36.79 40.80
CA LEU D 396 1.51 36.39 40.46
C LEU D 396 1.37 34.88 40.58
N GLY D 397 0.32 34.44 41.24
CA GLY D 397 0.07 33.02 41.43
C GLY D 397 -1.27 32.61 40.89
N ILE D 398 -1.28 31.49 40.16
CA ILE D 398 -2.47 31.05 39.44
C ILE D 398 -2.81 29.66 39.92
N CYS D 399 -3.75 29.56 40.86
CA CYS D 399 -4.45 28.34 41.24
C CYS D 399 -3.54 27.37 41.98
N LEU D 400 -2.25 27.66 41.98
CA LEU D 400 -1.29 26.98 42.84
C LEU D 400 -0.37 27.95 43.54
N GLY D 401 -0.18 29.15 43.01
CA GLY D 401 0.43 30.21 43.77
C GLY D 401 -0.43 30.64 44.93
N LEU D 402 -1.75 30.63 44.75
CA LEU D 402 -2.63 30.95 45.87
C LEU D 402 -2.49 29.93 47.00
N GLN D 403 -1.96 28.75 46.69
CA GLN D 403 -1.68 27.78 47.74
C GLN D 403 -0.26 27.95 48.28
N ALA D 404 0.72 27.99 47.38
CA ALA D 404 2.13 28.07 47.76
C ALA D 404 2.50 29.42 48.35
N ALA D 405 1.61 30.40 48.34
CA ALA D 405 1.84 31.68 48.99
C ALA D 405 1.17 31.76 50.35
N VAL D 406 -0.05 31.24 50.47
CA VAL D 406 -0.66 31.13 51.80
C VAL D 406 0.17 30.21 52.68
N ILE D 407 0.68 29.12 52.10
CA ILE D 407 1.56 28.22 52.84
C ILE D 407 2.75 28.97 53.40
N GLU D 408 3.46 29.69 52.53
CA GLU D 408 4.60 30.49 52.98
C GLU D 408 4.17 31.48 54.05
N PHE D 409 3.29 32.42 53.69
CA PHE D 409 2.80 33.43 54.62
C PHE D 409 2.55 32.85 56.01
N ALA D 410 1.76 31.78 56.09
CA ALA D 410 1.52 31.14 57.38
C ALA D 410 2.83 30.69 58.03
N ARG D 411 3.62 29.90 57.30
CA ARG D 411 4.80 29.27 57.90
C ARG D 411 5.80 30.30 58.40
N ASN D 412 6.06 31.34 57.62
CA ASN D 412 7.12 32.30 57.90
C ASN D 412 6.59 33.65 58.36
N LYS D 413 5.33 33.74 58.78
CA LYS D 413 4.84 34.92 59.48
C LYS D 413 4.02 34.60 60.71
N LEU D 414 3.60 33.36 60.90
CA LEU D 414 2.95 32.95 62.14
C LEU D 414 3.60 31.70 62.73
N GLY D 415 4.67 31.19 62.11
CA GLY D 415 5.47 30.14 62.69
C GLY D 415 4.91 28.74 62.62
N LEU D 416 3.77 28.53 61.97
CA LEU D 416 3.18 27.21 61.90
C LEU D 416 4.01 26.37 60.92
N LYS D 417 5.13 25.85 61.43
CA LYS D 417 5.96 24.97 60.62
C LYS D 417 5.17 23.77 60.10
N ASP D 418 4.12 23.37 60.80
CA ASP D 418 3.27 22.26 60.39
C ASP D 418 2.38 22.60 59.19
N ALA D 419 2.36 23.86 58.75
CA ALA D 419 1.51 24.24 57.63
C ALA D 419 1.91 23.49 56.37
N ASN D 420 0.91 22.96 55.66
CA ASN D 420 1.12 22.25 54.41
C ASN D 420 -0.23 22.03 53.75
N THR D 421 -0.21 21.33 52.62
CA THR D 421 -1.41 20.99 51.87
C THR D 421 -1.79 19.54 52.14
N THR D 422 -3.09 19.29 52.25
CA THR D 422 -3.57 17.94 52.49
C THR D 422 -3.01 16.93 51.50
N GLU D 423 -2.62 17.37 50.31
CA GLU D 423 -1.94 16.47 49.38
C GLU D 423 -0.52 16.18 49.84
N ILE D 424 0.22 17.22 50.24
CA ILE D 424 1.63 17.05 50.54
C ILE D 424 1.82 16.16 51.77
N ASP D 425 1.17 16.52 52.87
CA ASP D 425 1.26 15.76 54.12
C ASP D 425 -0.15 15.55 54.66
N PRO D 426 -0.72 14.37 54.46
CA PRO D 426 -2.11 14.14 54.94
C PRO D 426 -2.22 14.11 56.44
N ASN D 427 -1.15 13.77 57.16
CA ASN D 427 -1.18 13.61 58.61
C ASN D 427 -0.82 14.89 59.35
N THR D 428 -0.90 16.03 58.69
CA THR D 428 -0.54 17.29 59.34
C THR D 428 -1.63 17.71 60.32
N ALA D 429 -1.21 18.27 61.44
CA ALA D 429 -2.14 18.89 62.38
C ALA D 429 -2.45 20.33 62.00
N ASN D 430 -1.67 20.92 61.10
CA ASN D 430 -1.92 22.26 60.56
C ASN D 430 -2.14 22.12 59.07
N ALA D 431 -3.41 21.97 58.68
CA ALA D 431 -3.79 21.85 57.28
C ALA D 431 -4.28 23.22 56.82
N LEU D 432 -3.35 24.00 56.26
CA LEU D 432 -3.70 25.36 55.84
C LEU D 432 -4.62 25.35 54.64
N VAL D 433 -4.59 24.31 53.82
CA VAL D 433 -5.47 24.16 52.67
C VAL D 433 -6.00 22.74 52.66
N ILE D 434 -7.32 22.60 52.65
CA ILE D 434 -7.99 21.31 52.72
C ILE D 434 -8.83 21.12 51.47
N ASP D 435 -9.00 19.87 51.07
CA ASP D 435 -9.82 19.57 49.92
C ASP D 435 -11.28 19.93 50.20
N MET D 436 -12.09 19.93 49.15
CA MET D 436 -13.54 20.04 49.28
C MET D 436 -14.22 19.11 48.29
N PRO D 437 -13.94 17.79 48.36
CA PRO D 437 -14.63 16.83 47.48
C PRO D 437 -15.86 16.19 48.14
N GLU D 438 -16.93 16.98 48.28
CA GLU D 438 -18.18 16.50 48.85
C GLU D 438 -19.24 16.24 47.80
N HIS D 439 -18.84 16.10 46.54
CA HIS D 439 -19.76 16.00 45.41
C HIS D 439 -20.66 14.77 45.48
N HIS D 440 -20.05 13.61 45.30
CA HIS D 440 -20.69 12.28 45.30
C HIS D 440 -21.59 12.11 44.07
N THR D 441 -21.98 13.21 43.43
CA THR D 441 -22.49 13.14 42.06
C THR D 441 -22.15 14.38 41.24
N GLY D 442 -21.42 15.35 41.79
CA GLY D 442 -21.02 16.54 41.06
C GLY D 442 -21.85 17.79 41.29
N GLN D 443 -22.84 17.76 42.18
CA GLN D 443 -23.72 18.93 42.35
C GLN D 443 -23.16 19.90 43.39
N LEU D 444 -22.49 19.38 44.40
CA LEU D 444 -21.78 20.24 45.36
C LEU D 444 -20.50 20.73 44.70
N GLY D 445 -19.68 21.47 45.45
CA GLY D 445 -18.37 21.84 44.96
C GLY D 445 -17.60 20.60 44.59
N GLY D 446 -17.27 19.80 45.60
CA GLY D 446 -16.91 18.41 45.35
C GLY D 446 -15.69 18.24 44.48
N THR D 447 -15.89 17.62 43.32
CA THR D 447 -14.80 17.32 42.41
C THR D 447 -14.24 18.61 41.83
N MET D 448 -13.17 18.46 41.03
CA MET D 448 -12.46 19.60 40.46
C MET D 448 -13.44 20.64 39.95
N ARG D 449 -13.35 21.85 40.48
CA ARG D 449 -14.33 22.87 40.19
C ARG D 449 -14.17 23.34 38.76
N LEU D 450 -14.44 22.46 37.80
CA LEU D 450 -14.08 22.70 36.42
C LEU D 450 -15.06 23.66 35.75
N GLY D 451 -14.57 24.36 34.73
CA GLY D 451 -15.40 25.27 34.00
C GLY D 451 -15.33 26.67 34.55
N LYS D 452 -16.25 27.50 34.09
CA LYS D 452 -16.30 28.88 34.54
C LYS D 452 -17.33 29.04 35.65
N ARG D 453 -16.97 29.82 36.66
CA ARG D 453 -17.83 30.04 37.80
C ARG D 453 -17.99 31.53 38.05
N ILE D 454 -18.57 31.90 39.18
CA ILE D 454 -18.78 33.29 39.53
C ILE D 454 -17.83 33.66 40.67
N THR D 455 -17.18 34.81 40.54
CA THR D 455 -16.28 35.33 41.56
C THR D 455 -16.62 36.79 41.81
N VAL D 456 -17.18 37.08 42.99
CA VAL D 456 -17.54 38.44 43.37
C VAL D 456 -16.47 38.99 44.28
N PHE D 457 -16.18 40.27 44.14
CA PHE D 457 -15.19 40.93 44.99
C PHE D 457 -15.83 41.39 46.29
N SER D 458 -15.20 41.05 47.41
CA SER D 458 -15.61 41.64 48.67
C SER D 458 -15.23 43.11 48.69
N ASP D 459 -15.61 43.79 49.76
CA ASP D 459 -15.49 45.24 49.80
C ASP D 459 -14.07 45.65 50.18
N GLY D 460 -13.64 46.79 49.64
CA GLY D 460 -12.32 47.31 49.91
C GLY D 460 -11.53 47.64 48.67
N PRO D 461 -10.66 48.64 48.75
CA PRO D 461 -9.84 49.01 47.59
C PRO D 461 -8.84 47.92 47.25
N SER D 462 -8.82 47.51 45.99
CA SER D 462 -7.96 46.42 45.56
C SER D 462 -7.38 46.73 44.19
N VAL D 463 -6.09 46.50 44.04
CA VAL D 463 -5.41 46.80 42.78
C VAL D 463 -5.94 45.91 41.67
N ILE D 464 -6.12 44.62 41.94
CA ILE D 464 -6.60 43.71 40.90
C ILE D 464 -8.03 44.06 40.52
N ARG D 465 -8.85 44.46 41.50
CA ARG D 465 -10.21 44.89 41.19
C ARG D 465 -10.21 46.12 40.31
N GLN D 466 -9.35 47.09 40.62
CA GLN D 466 -9.23 48.26 39.75
C GLN D 466 -8.77 47.85 38.36
N LEU D 467 -7.89 46.85 38.29
CA LEU D 467 -7.37 46.38 37.01
C LEU D 467 -8.49 45.83 36.15
N TYR D 468 -9.35 44.99 36.73
CA TYR D 468 -10.47 44.44 35.98
C TYR D 468 -11.46 45.50 35.51
N GLY D 469 -11.31 46.74 35.95
CA GLY D 469 -12.27 47.78 35.67
C GLY D 469 -13.26 48.04 36.78
N ASN D 470 -12.97 47.60 38.00
CA ASN D 470 -13.88 47.62 39.14
C ASN D 470 -15.29 47.14 38.77
N PRO D 471 -15.44 45.88 38.37
CA PRO D 471 -16.77 45.28 38.28
C PRO D 471 -17.09 44.56 39.58
N LYS D 472 -18.33 44.07 39.65
CA LYS D 472 -18.73 43.36 40.86
C LYS D 472 -18.32 41.89 40.80
N SER D 473 -18.42 41.27 39.63
CA SER D 473 -18.09 39.86 39.50
C SER D 473 -17.45 39.60 38.15
N VAL D 474 -16.53 38.64 38.13
CA VAL D 474 -15.90 38.18 36.90
C VAL D 474 -15.92 36.66 36.90
N GLN D 475 -16.04 36.10 35.71
CA GLN D 475 -16.10 34.65 35.52
C GLN D 475 -14.79 34.18 34.90
N GLU D 476 -14.05 33.37 35.64
CA GLU D 476 -12.85 32.75 35.13
C GLU D 476 -12.99 31.23 35.22
N ARG D 477 -11.97 30.52 34.79
CA ARG D 477 -12.06 29.07 34.60
C ARG D 477 -11.20 28.37 35.65
N HIS D 478 -11.85 27.67 36.58
CA HIS D 478 -11.17 26.98 37.67
C HIS D 478 -10.88 25.54 37.31
N ARG D 479 -9.76 25.04 37.83
CA ARG D 479 -9.40 23.63 37.71
C ARG D 479 -8.81 23.14 39.01
N HIS D 480 -9.46 23.48 40.12
CA HIS D 480 -8.94 23.19 41.46
C HIS D 480 -10.00 22.47 42.28
N ARG D 481 -9.53 21.68 43.25
CA ARG D 481 -10.39 21.03 44.23
C ARG D 481 -10.15 21.50 45.65
N TYR D 482 -8.92 21.89 45.98
CA TYR D 482 -8.58 22.31 47.32
C TYR D 482 -9.13 23.71 47.60
N GLU D 483 -8.77 24.24 48.76
CA GLU D 483 -9.22 25.56 49.19
C GLU D 483 -8.51 25.91 50.48
N VAL D 484 -8.49 27.21 50.78
CA VAL D 484 -7.89 27.68 52.02
C VAL D 484 -8.73 27.21 53.20
N ASN D 485 -8.07 26.74 54.24
CA ASN D 485 -8.76 26.25 55.42
C ASN D 485 -9.55 27.40 56.06
N PRO D 486 -10.86 27.26 56.25
CA PRO D 486 -11.67 28.35 56.77
C PRO D 486 -11.50 28.65 58.25
N LYS D 487 -10.51 28.04 58.91
CA LYS D 487 -10.23 28.38 60.30
C LYS D 487 -8.91 29.12 60.48
N TYR D 488 -8.06 29.16 59.45
CA TYR D 488 -6.90 30.03 59.43
C TYR D 488 -7.20 31.37 58.76
N VAL D 489 -8.46 31.63 58.43
CA VAL D 489 -8.79 32.82 57.65
C VAL D 489 -8.44 34.08 58.42
N HIS D 490 -8.97 34.22 59.63
CA HIS D 490 -8.67 35.42 60.43
C HIS D 490 -7.23 35.41 60.92
N LEU D 491 -6.67 34.21 61.14
CA LEU D 491 -5.28 34.12 61.58
C LEU D 491 -4.33 34.67 60.52
N LEU D 492 -4.65 34.47 59.25
CA LEU D 492 -3.84 35.09 58.20
C LEU D 492 -4.32 36.48 57.84
N GLU D 493 -5.54 36.85 58.25
CA GLU D 493 -6.03 38.20 57.95
C GLU D 493 -5.51 39.24 58.94
N GLU D 494 -5.18 38.86 60.18
CA GLU D 494 -4.66 39.89 61.07
C GLU D 494 -3.15 40.00 60.83
N GLN D 495 -2.78 40.08 59.55
CA GLN D 495 -1.40 40.13 59.12
C GLN D 495 -1.40 40.81 57.74
N GLY D 496 -0.29 40.67 57.02
CA GLY D 496 -0.17 41.35 55.75
C GLY D 496 -0.92 40.70 54.58
N MET D 497 -1.90 39.86 54.87
CA MET D 497 -2.67 39.17 53.83
C MET D 497 -4.11 39.67 53.83
N ARG D 498 -4.71 39.68 52.65
CA ARG D 498 -6.06 40.16 52.42
C ARG D 498 -6.87 39.07 51.72
N PHE D 499 -8.16 39.36 51.51
CA PHE D 499 -9.04 38.44 50.78
C PHE D 499 -10.12 39.29 50.14
N VAL D 500 -9.99 39.52 48.83
CA VAL D 500 -10.84 40.47 48.12
C VAL D 500 -11.92 39.78 47.30
N GLY D 501 -11.58 38.74 46.56
CA GLY D 501 -12.51 38.11 45.64
C GLY D 501 -12.88 36.71 46.08
N THR D 502 -14.15 36.36 45.91
CA THR D 502 -14.64 35.04 46.27
C THR D 502 -15.96 34.80 45.56
N ASP D 503 -16.60 33.67 45.87
CA ASP D 503 -17.83 33.27 45.24
C ASP D 503 -19.02 33.80 46.05
N VAL D 504 -20.22 33.30 45.74
CA VAL D 504 -21.41 33.78 46.41
C VAL D 504 -21.59 33.18 47.80
N ASP D 505 -21.10 31.96 48.03
CA ASP D 505 -21.20 31.35 49.35
C ASP D 505 -20.25 31.95 50.36
N LYS D 506 -19.16 32.57 49.90
CA LYS D 506 -18.15 33.20 50.75
C LYS D 506 -17.38 32.21 51.61
N THR D 507 -17.30 30.94 51.19
CA THR D 507 -16.42 29.98 51.83
C THR D 507 -15.37 29.46 50.88
N ARG D 508 -15.11 30.19 49.79
CA ARG D 508 -14.07 29.83 48.82
C ARG D 508 -13.29 31.12 48.53
N MET D 509 -12.28 31.38 49.35
CA MET D 509 -11.40 32.52 49.09
C MET D 509 -10.55 32.20 47.87
N GLU D 510 -10.59 33.07 46.87
CA GLU D 510 -9.87 32.80 45.64
C GLU D 510 -9.04 33.95 45.11
N ILE D 511 -9.03 35.11 45.77
CA ILE D 511 -8.13 36.19 45.37
C ILE D 511 -7.47 36.79 46.59
N ILE D 512 -6.20 36.47 46.80
CA ILE D 512 -5.41 37.03 47.89
C ILE D 512 -4.56 38.16 47.34
N GLU D 513 -4.26 39.14 48.19
CA GLU D 513 -3.54 40.32 47.75
C GLU D 513 -2.85 40.93 48.96
N LEU D 514 -1.54 40.70 49.08
CA LEU D 514 -0.79 41.17 50.23
C LEU D 514 -0.87 42.69 50.34
N SER D 515 -0.63 43.18 51.56
CA SER D 515 -0.60 44.61 51.83
C SER D 515 0.84 45.05 52.03
N GLY D 516 1.14 46.26 51.58
CA GLY D 516 2.49 46.81 51.64
C GLY D 516 3.36 46.41 50.47
N HIS D 517 3.22 45.18 50.00
CA HIS D 517 3.95 44.74 48.82
C HIS D 517 3.45 45.50 47.60
N PRO D 518 4.34 45.84 46.66
CA PRO D 518 3.87 46.51 45.44
C PRO D 518 2.87 45.68 44.66
N TYR D 519 3.14 44.38 44.48
CA TYR D 519 2.25 43.52 43.71
C TYR D 519 2.47 42.08 44.17
N PHE D 520 1.54 41.56 44.95
CA PHE D 520 1.57 40.16 45.37
C PHE D 520 0.20 39.52 45.21
N VAL D 521 -0.40 39.70 44.04
CA VAL D 521 -1.67 39.06 43.75
C VAL D 521 -1.43 37.58 43.50
N ALA D 522 -2.41 36.76 43.88
CA ALA D 522 -2.42 35.35 43.56
C ALA D 522 -3.88 34.92 43.50
N THR D 523 -4.23 34.16 42.47
CA THR D 523 -5.61 33.82 42.21
C THR D 523 -5.77 32.32 42.12
N GLN D 524 -6.98 31.86 42.44
CA GLN D 524 -7.29 30.44 42.45
C GLN D 524 -7.76 29.93 41.09
N TYR D 525 -8.16 30.81 40.19
CA TYR D 525 -8.58 30.39 38.87
C TYR D 525 -7.39 30.41 37.92
N HIS D 526 -7.66 30.31 36.62
CA HIS D 526 -6.64 30.34 35.58
C HIS D 526 -6.92 31.54 34.68
N PRO D 527 -6.42 32.73 35.01
CA PRO D 527 -6.72 33.91 34.20
C PRO D 527 -6.11 33.87 32.81
N GLU D 528 -5.26 32.89 32.51
CA GLU D 528 -4.57 32.84 31.24
C GLU D 528 -5.43 32.28 30.12
N TYR D 529 -6.51 31.57 30.46
CA TYR D 529 -7.33 30.96 29.43
C TYR D 529 -8.23 31.96 28.74
N LEU D 530 -8.43 33.14 29.33
CA LEU D 530 -9.34 34.13 28.77
C LEU D 530 -8.60 35.30 28.13
N SER D 531 -7.29 35.16 27.91
CA SER D 531 -6.52 36.21 27.27
C SER D 531 -6.64 36.09 25.75
N ARG D 532 -6.68 37.24 25.08
CA ARG D 532 -6.76 37.30 23.64
C ARG D 532 -5.76 38.34 23.15
N PRO D 533 -5.29 38.22 21.90
CA PRO D 533 -4.21 39.10 21.47
C PRO D 533 -4.55 40.57 21.51
N LEU D 534 -5.81 40.92 21.31
CA LEU D 534 -6.26 42.31 21.37
C LEU D 534 -7.03 42.61 22.65
N LYS D 535 -6.86 41.78 23.67
CA LYS D 535 -7.56 41.91 24.93
C LYS D 535 -6.81 41.11 25.98
N PRO D 536 -5.72 41.63 26.52
CA PRO D 536 -4.92 40.87 27.47
C PRO D 536 -5.65 40.65 28.78
N SER D 537 -5.04 39.85 29.64
CA SER D 537 -5.69 39.51 30.91
C SER D 537 -5.24 40.47 32.00
N PRO D 538 -6.16 40.89 32.88
CA PRO D 538 -5.83 41.92 33.86
C PRO D 538 -4.74 41.50 34.83
N PRO D 539 -4.73 40.26 35.34
CA PRO D 539 -3.62 39.90 36.24
C PRO D 539 -2.25 39.97 35.59
N PHE D 540 -2.12 39.46 34.36
CA PHE D 540 -0.82 39.53 33.70
C PHE D 540 -0.46 40.97 33.33
N LEU D 541 -1.45 41.76 32.95
CA LEU D 541 -1.20 43.17 32.68
C LEU D 541 -0.66 43.87 33.93
N GLY D 542 -1.29 43.61 35.07
CA GLY D 542 -0.81 44.19 36.31
C GLY D 542 0.58 43.71 36.68
N LEU D 543 0.85 42.43 36.46
CA LEU D 543 2.19 41.92 36.75
C LEU D 543 3.23 42.65 35.91
N ILE D 544 2.98 42.77 34.61
CA ILE D 544 3.97 43.43 33.74
C ILE D 544 4.14 44.88 34.15
N LEU D 545 3.03 45.58 34.40
CA LEU D 545 3.13 46.99 34.75
C LEU D 545 3.91 47.18 36.04
N ALA D 546 3.53 46.48 37.10
CA ALA D 546 4.26 46.58 38.36
C ALA D 546 5.69 46.06 38.23
N SER D 547 5.98 45.28 37.20
CA SER D 547 7.33 44.77 37.02
C SER D 547 8.23 45.82 36.38
N VAL D 548 7.69 46.58 35.42
CA VAL D 548 8.48 47.61 34.76
C VAL D 548 8.26 48.94 35.48
N ASP D 549 7.52 48.89 36.58
CA ASP D 549 7.26 50.05 37.44
C ASP D 549 6.52 51.15 36.66
N ARG D 550 5.31 50.80 36.22
CA ARG D 550 4.39 51.78 35.66
C ARG D 550 2.97 51.56 36.15
N LEU D 551 2.79 50.79 37.22
CA LEU D 551 1.45 50.35 37.60
C LEU D 551 0.59 51.53 38.06
N ASN D 552 1.10 52.34 38.98
CA ASN D 552 0.33 53.47 39.47
C ASN D 552 0.01 54.46 38.36
N GLN D 553 1.00 54.72 37.49
CA GLN D 553 0.77 55.64 36.37
C GLN D 553 -0.32 55.10 35.45
N TYR D 554 -0.33 53.79 35.19
CA TYR D 554 -1.41 53.22 34.39
C TYR D 554 -2.75 53.33 35.12
N ILE D 555 -2.74 53.15 36.44
CA ILE D 555 -3.98 53.24 37.20
C ILE D 555 -4.58 54.63 37.08
N GLN D 556 -3.75 55.66 37.22
CA GLN D 556 -4.23 57.02 37.08
C GLN D 556 -4.62 57.30 35.63
PG GTP E . 5.29 -27.95 -27.51
O1G GTP E . 4.89 -28.72 -28.76
O2G GTP E . 5.56 -28.92 -26.39
O3G GTP E . 4.19 -26.98 -27.14
O3B GTP E . 6.62 -27.13 -27.85
PB GTP E . 6.53 -25.86 -28.83
O1B GTP E . 7.91 -25.56 -29.38
O2B GTP E . 5.54 -26.10 -29.93
O3A GTP E . 6.01 -24.67 -27.87
PA GTP E . 6.95 -24.03 -26.73
O1A GTP E . 6.14 -23.77 -25.48
O2A GTP E . 8.12 -24.94 -26.42
O5' GTP E . 7.45 -22.64 -27.33
C5' GTP E . 7.99 -22.54 -28.63
C4' GTP E . 7.19 -21.54 -29.46
O4' GTP E . 8.06 -20.67 -30.14
C3' GTP E . 6.39 -22.24 -30.53
O3' GTP E . 5.10 -22.56 -30.08
C2' GTP E . 6.34 -21.24 -31.65
O2' GTP E . 5.14 -20.50 -31.54
C1' GTP E . 7.52 -20.32 -31.39
N9 GTP E . 8.53 -20.52 -32.44
C8 GTP E . 9.00 -19.58 -33.31
N7 GTP E . 9.91 -20.16 -34.12
C5 GTP E . 10.04 -21.46 -33.76
C6 GTP E . 10.83 -22.49 -34.25
O6 GTP E . 11.60 -22.29 -35.18
N1 GTP E . 10.75 -23.74 -33.68
C2 GTP E . 9.88 -23.97 -32.63
N2 GTP E . 9.79 -25.17 -32.08
N3 GTP E . 9.10 -22.94 -32.16
C4 GTP E . 9.18 -21.70 -32.71
PG ATP F . -6.27 -11.35 -21.80
O1G ATP F . -5.21 -12.37 -21.47
O2G ATP F . -6.33 -10.95 -23.25
O3G ATP F . -6.33 -10.20 -20.83
PB ATP F . -9.03 -11.37 -21.56
O1B ATP F . -9.24 -10.75 -20.20
O2B ATP F . -9.10 -10.51 -22.79
O3B ATP F . -7.64 -12.15 -21.57
PA ATP F . -10.98 -12.61 -23.05
O1A ATP F . -10.11 -13.01 -24.20
O2A ATP F . -11.79 -11.36 -23.14
O3A ATP F . -10.06 -12.56 -21.73
O5' ATP F . -11.96 -13.83 -22.70
C5' ATP F . -11.44 -15.16 -22.71
C4' ATP F . -12.48 -16.04 -23.37
O4' ATP F . -13.69 -15.94 -22.62
C3' ATP F . -12.78 -15.53 -24.76
O3' ATP F . -12.41 -16.52 -25.72
C2' ATP F . -14.27 -15.33 -24.83
O2' ATP F . -14.78 -16.09 -25.91
C1' ATP F . -14.80 -15.85 -23.52
N9 ATP F . -15.77 -14.89 -22.98
C8 ATP F . -15.49 -13.63 -22.62
N7 ATP F . -16.60 -13.00 -22.18
C5 ATP F . -17.62 -13.86 -22.27
C6 ATP F . -19.04 -13.83 -21.97
N6 ATP F . -19.62 -12.70 -21.48
N1 ATP F . -19.75 -14.94 -22.20
C2 ATP F . -19.18 -16.05 -22.69
N3 ATP F . -17.89 -16.15 -22.99
C4 ATP F . -17.07 -15.10 -22.80
N GGL G . 7.36 -24.44 -40.17
CA GGL G . 6.48 -24.32 -41.32
C GGL G . 6.76 -22.99 -42.02
O GGL G . 6.48 -22.85 -43.24
CB GGL G . 5.02 -24.42 -40.88
CG GGL G . 4.29 -23.09 -40.96
CD GGL G . 2.89 -23.21 -40.32
OE1 GGL G . 1.95 -23.76 -40.96
OE2 GGL G . 2.69 -22.77 -39.17
OXT GGL G . 7.29 -22.04 -41.39
MG MG H . -7.02 -9.13 -23.57
MG MG I . 9.67 -26.40 -28.98
PA UTP J . -18.08 -10.08 4.53
O1A UTP J . -18.26 -11.43 5.14
O2A UTP J . -16.61 -9.86 4.25
O3A UTP J . -18.96 -10.00 3.13
O5' UTP J . -18.58 -8.96 5.61
PB UTP J . -19.12 -8.59 2.30
O1B UTP J . -18.13 -7.60 2.86
O2B UTP J . -20.52 -8.06 2.50
O3B UTP J . -18.83 -8.83 0.69
PG UTP J . -19.21 -10.21 -0.11
O1G UTP J . -18.35 -11.31 0.44
O2G UTP J . -20.67 -10.53 0.19
O3G UTP J . -19.00 -10.06 -1.62
C5' UTP J . -18.53 -9.35 6.97
C4' UTP J . -18.10 -8.17 7.85
O4' UTP J . -17.98 -8.65 9.34
C1' UTP J . -16.53 -9.15 9.47
C2' UTP J . -15.89 -8.77 8.35
O2' UTP J . -14.71 -8.02 8.68
C3' UTP J . -16.90 -7.79 7.53
O3' UTP J . -16.69 -6.43 7.95
N1 UTP J . -16.49 -10.61 9.64
C6 UTP J . -16.30 -11.43 8.61
C2 UTP J . -16.64 -11.13 10.87
O2 UTP J . -16.83 -10.39 11.80
N3 UTP J . -16.62 -12.46 11.07
C4 UTP J . -16.43 -13.28 10.04
O4 UTP J . -16.40 -14.46 10.22
C5 UTP J . -16.27 -12.76 8.80
MG MG K . -21.05 -11.13 3.82
PA UTP L . -1.51 -14.05 -15.79
O1A UTP L . -2.38 -14.00 -17.00
O2A UTP L . -1.88 -12.90 -14.85
O3A UTP L . -1.75 -15.50 -15.02
O5' UTP L . 0.05 -13.88 -16.26
PB UTP L . -0.82 -15.96 -13.75
O1B UTP L . -0.03 -14.77 -13.29
O2B UTP L . 0.14 -17.05 -14.21
O3B UTP L . -1.76 -16.53 -12.52
PG UTP L . -3.17 -17.35 -12.74
O1G UTP L . -4.15 -16.40 -13.36
O2G UTP L . -2.88 -18.48 -13.72
O3G UTP L . -3.71 -17.91 -11.42
C5' UTP L . 0.24 -13.18 -17.48
C4' UTP L . 1.48 -12.30 -17.40
O4' UTP L . 1.63 -11.48 -18.73
C1' UTP L . 0.82 -10.19 -18.49
C2' UTP L . 0.51 -10.18 -17.19
O2' UTP L . 0.94 -8.94 -16.59
C3' UTP L . 1.33 -11.39 -16.48
O3' UTP L . 2.61 -10.91 -16.04
N1 UTP L . -0.39 -10.18 -19.33
C6 UTP L . -1.56 -10.58 -18.87
C2 UTP L . -0.29 -9.73 -20.60
O2 UTP L . 0.78 -9.38 -21.02
N3 UTP L . -1.37 -9.70 -21.41
C4 UTP L . -2.55 -10.10 -20.94
O4 UTP L . -3.51 -10.06 -21.65
C5 UTP L . -2.65 -10.54 -19.66
MG MG M . -1.83 -17.05 -16.96
PG GTP N . -36.86 -10.94 9.37
O1G GTP N . -37.91 -11.95 9.79
O2G GTP N . -37.32 -10.21 8.14
O3G GTP N . -35.55 -11.63 9.13
O3B GTP N . -36.68 -9.89 10.58
PB GTP N . -35.95 -10.38 11.93
O1B GTP N . -36.33 -9.43 13.05
O2B GTP N . -36.31 -11.80 12.25
O3A GTP N . -34.38 -10.27 11.58
PA GTP N . -33.64 -8.85 11.39
O1A GTP N . -32.68 -8.92 10.24
O2A GTP N . -34.66 -7.74 11.17
O5' GTP N . -32.83 -8.62 12.75
C5' GTP N . -33.44 -8.80 14.01
C4' GTP N . -32.67 -9.83 14.82
O4' GTP N . -32.45 -9.36 16.14
C3' GTP N . -33.47 -11.11 14.98
O3' GTP N . -33.18 -12.03 13.95
C2' GTP N . -33.03 -11.64 16.31
O2' GTP N . -32.00 -12.58 16.12
C1' GTP N . -32.49 -10.43 17.05
N9 GTP N . -33.38 -10.09 18.16
C8 GTP N . -33.06 -10.06 19.48
N7 GTP N . -34.17 -9.71 20.19
C5 GTP N . -35.18 -9.50 19.31
C6 GTP N . -36.50 -9.13 19.50
O6 GTP N . -36.93 -8.91 20.63
N1 GTP N . -37.34 -9.00 18.41
C2 GTP N . -36.85 -9.25 17.14
N2 GTP N . -37.64 -9.13 16.08
N3 GTP N . -35.53 -9.62 16.98
C4 GTP N . -34.71 -9.75 18.04
PG ATP O . -16.75 -17.01 8.57
O1G ATP O . -17.82 -15.99 8.24
O2G ATP O . -16.98 -17.75 9.87
O3G ATP O . -15.35 -16.50 8.39
PB ATP O . -15.85 -19.28 7.27
O1B ATP O . -14.71 -18.74 6.45
O2B ATP O . -15.59 -19.90 8.61
O3B ATP O . -16.94 -18.13 7.44
PA ATP O . -16.95 -21.78 7.00
O1A ATP O . -18.02 -21.63 8.04
O2A ATP O . -15.66 -22.45 7.37
O3A ATP O . -16.64 -20.33 6.39
O5' ATP O . -17.57 -22.54 5.75
C5' ATP O . -18.88 -22.19 5.29
C4' ATP O . -19.59 -23.47 4.94
O4' ATP O . -18.85 -24.14 3.93
C3' ATP O . -19.63 -24.38 6.14
O3' ATP O . -20.98 -24.61 6.53
C2' ATP O . -19.04 -25.69 5.70
O2' ATP O . -19.98 -26.73 5.94
C1' ATP O . -18.81 -25.53 4.21
N9 ATP O . -17.46 -26.05 3.89
C8 ATP O . -16.31 -25.54 4.35
N7 ATP O . -15.26 -26.24 3.88
C5 ATP O . -15.74 -27.22 3.11
C6 ATP O . -15.17 -28.30 2.32
N6 ATP O . -13.82 -28.48 2.27
N1 ATP O . -16.00 -29.11 1.65
C2 ATP O . -17.34 -28.93 1.71
N3 ATP O . -17.93 -27.97 2.42
C4 ATP O . -17.19 -27.09 3.12
N GGL P . -39.55 -15.21 21.68
CA GGL P . -39.64 -16.53 22.27
C GGL P . -38.86 -16.55 23.58
O GGL P . -39.14 -17.39 24.47
CB GGL P . -39.12 -17.58 21.29
CG GGL P . -37.78 -18.17 21.71
CD GGL P . -37.22 -19.07 20.60
OE1 GGL P . -37.67 -20.23 20.45
OE2 GGL P . -36.31 -18.64 19.86
OXT GGL P . -37.95 -15.71 23.78
MG MG Q . -15.32 -18.39 10.73
MG MG R . -37.41 -7.78 13.03
PG GTP S . 25.30 24.43 -18.16
O1G GTP S . 26.65 25.08 -18.34
O2G GTP S . 24.23 25.48 -18.09
O3G GTP S . 25.30 23.58 -16.91
O3B GTP S . 25.04 23.48 -19.43
PB GTP S . 25.88 22.12 -19.58
O1B GTP S . 25.83 21.67 -21.02
O2B GTP S . 27.29 22.32 -19.11
O3A GTP S . 25.11 21.08 -18.61
PA GTP S . 23.66 20.50 -18.98
O1A GTP S . 22.81 20.44 -17.73
O2A GTP S . 22.99 21.35 -20.04
O5' GTP S . 23.92 19.02 -19.52
C5' GTP S . 24.91 18.75 -20.49
C4' GTP S . 25.90 17.72 -19.96
O4' GTP S . 26.13 16.72 -20.93
C3' GTP S . 27.25 18.36 -19.70
O3' GTP S . 27.35 18.82 -18.38
C2' GTP S . 28.22 17.25 -19.96
O2' GTP S . 28.53 16.62 -18.74
C1' GTP S . 27.47 16.28 -20.86
N9 GTP S . 28.06 16.30 -22.20
C8 GTP S . 28.61 15.24 -22.86
N7 GTP S . 29.05 15.67 -24.07
C5 GTP S . 28.76 16.99 -24.19
C6 GTP S . 28.99 17.90 -25.21
O6 GTP S . 29.53 17.54 -26.25
N1 GTP S . 28.58 19.21 -25.06
C2 GTP S . 27.97 19.60 -23.89
N2 GTP S . 27.58 20.86 -23.73
N3 GTP S . 27.76 18.68 -22.88
C4 GTP S . 28.15 17.39 -23.03
PG ATP T . 23.29 9.39 -3.61
O1G ATP T . 22.65 10.36 -4.57
O2G ATP T . 24.62 8.84 -4.06
O3G ATP T . 22.34 8.35 -3.07
PB ATP T . 24.12 9.63 -0.98
O1B ATP T . 22.91 9.17 -0.21
O2B ATP T . 25.23 8.65 -1.29
O3B ATP T . 23.65 10.30 -2.35
PA ATP T . 26.33 10.84 0.13
O1A ATP T . 27.09 11.05 -1.15
O2A ATP T . 26.64 9.65 0.97
O3A ATP T . 24.77 10.86 -0.22
O5' ATP T . 26.47 12.15 1.03
C5' ATP T . 26.38 13.44 0.41
C4' ATP T . 27.44 14.31 1.03
O4' ATP T . 27.22 14.38 2.42
C3' ATP T . 28.80 13.68 0.83
O3' ATP T . 29.61 14.53 0.03
C2' ATP T . 29.43 13.58 2.19
O2' ATP T . 30.68 14.27 2.18
C1' ATP T . 28.46 14.28 3.12
N9 ATP T . 28.27 13.45 4.32
C8 ATP T . 27.74 12.22 4.33
N7 ATP T . 27.71 11.72 5.58
C5 ATP T . 28.25 12.63 6.40
C6 ATP T . 28.52 12.74 7.82
N6 ATP T . 28.20 11.71 8.66
N1 ATP T . 29.08 13.86 8.27
C2 ATP T . 29.39 14.87 7.45
N3 ATP T . 29.18 14.85 6.14
C4 ATP T . 28.61 13.77 5.56
N GGL U . 35.91 19.45 -24.44
CA GGL U . 37.30 19.27 -24.05
C GGL U . 37.74 17.85 -24.43
O GGL U . 36.88 16.95 -24.58
CB GGL U . 37.46 19.52 -22.56
CG GGL U . 37.71 18.25 -21.77
CD GGL U . 37.67 18.53 -20.26
OE1 GGL U . 36.66 18.23 -19.59
OE2 GGL U . 38.66 19.07 -19.69
OXT GGL U . 38.96 17.61 -24.61
MG MG V . 25.04 7.05 -3.35
MG MG W . 24.86 22.42 -22.58
PA UTP X . 3.48 11.77 17.28
O1A UTP X . 3.16 11.41 15.84
O2A UTP X . 3.08 13.18 17.53
O3A UTP X . 5.10 11.60 17.57
O5' UTP X . 2.59 10.80 18.27
PB UTP X . 5.83 10.13 17.55
O1B UTP X . 6.14 9.72 18.98
O2B UTP X . 4.86 9.13 16.96
O3B UTP X . 7.21 10.17 16.66
PG UTP X . 8.20 11.48 16.56
O1G UTP X . 8.50 11.93 17.99
O2G UTP X . 7.44 12.57 15.86
O3G UTP X . 9.50 11.16 15.82
C5' UTP X . 1.35 11.33 18.68
C4' UTP X . 0.29 10.23 18.75
O4' UTP X . -1.09 10.85 19.14
C1' UTP X . -1.73 11.26 17.80
C2' UTP X . -0.98 10.72 16.84
O2' UTP X . -1.78 9.92 15.95
C3' UTP X . 0.10 9.73 17.56
O3' UTP X . -0.46 8.41 17.67
N1 UTP X . -1.80 12.72 17.68
C6 UTP X . -0.87 13.41 17.03
C2 UTP X . -2.83 13.38 18.22
O2 UTP X . -3.67 12.75 18.82
N3 UTP X . -2.93 14.72 18.14
C4 UTP X . -2.00 15.40 17.49
O4 UTP X . -2.09 16.59 17.40
C5 UTP X . -0.96 14.75 16.93
MG MG Y . 5.35 12.94 19.63
PA UTP Z . 16.12 12.37 -6.02
O1A UTP Z . 15.32 11.35 -5.21
O2A UTP Z . 17.56 12.25 -5.67
O3A UTP Z . 15.61 13.91 -5.67
O5' UTP Z . 15.95 12.03 -7.62
PB UTP Z . 14.11 14.43 -6.10
O1B UTP Z . 14.25 15.39 -7.27
O2B UTP Z . 13.30 13.23 -6.53
O3B UTP Z . 13.38 15.19 -4.83
PG UTP Z . 14.18 16.08 -3.71
O1G UTP Z . 15.06 17.08 -4.45
O2G UTP Z . 15.06 15.14 -2.94
O3G UTP Z . 13.21 16.81 -2.77
C5' UTP Z . 16.94 11.20 -8.18
C4' UTP Z . 16.33 10.24 -9.20
O4' UTP Z . 17.44 9.28 -9.75
C1' UTP Z . 17.44 8.09 -8.78
C2' UTP Z . 16.36 8.23 -8.00
O2' UTP Z . 15.55 7.04 -8.04
C3' UTP Z . 15.48 9.45 -8.61
O3' UTP Z . 14.55 8.93 -9.58
N1 UTP Z . 18.68 8.07 -7.98
C6 UTP Z . 18.73 8.59 -6.77
C2 UTP Z . 19.77 7.48 -8.49
O2 UTP Z . 19.72 7.01 -9.60
N3 UTP Z . 20.93 7.44 -7.80
C4 UTP Z . 20.98 7.97 -6.59
O4 UTP Z . 22.00 7.92 -5.96
C5 UTP Z . 19.87 8.55 -6.06
MG MG AA . 17.53 15.24 -6.49
PG GTP BA . 6.28 14.47 36.30
O1G GTP BA . 6.37 15.59 37.31
O2G GTP BA . 7.54 13.65 36.34
O3G GTP BA . 6.05 15.03 34.92
O3B GTP BA . 5.02 13.55 36.70
PB GTP BA . 3.54 14.11 36.48
O1B GTP BA . 2.58 13.33 37.35
O2B GTP BA . 3.48 15.58 36.79
O3A GTP BA . 3.25 13.86 34.91
PA GTP BA . 3.04 12.38 34.31
O1A GTP BA . 3.74 12.26 32.99
O2A GTP BA . 3.55 11.33 35.28
O5' GTP BA . 1.46 12.24 34.10
C5' GTP BA . 0.54 12.59 35.11
C4' GTP BA . -0.43 13.65 34.60
O4' GTP BA . -1.75 13.31 34.94
C3' GTP BA . -0.17 14.98 35.26
O3' GTP BA . 0.73 15.77 34.51
C2' GTP BA . -1.53 15.63 35.30
O2' GTP BA . -1.68 16.46 34.18
C1' GTP BA . -2.51 14.46 35.20
N9 GTP BA . -3.21 14.31 36.48
C8 GTP BA . -4.55 14.39 36.69
N7 GTP BA . -4.80 14.20 38.00
C5 GTP BA . -3.62 13.98 38.63
C6 GTP BA . -3.31 13.72 39.96
O6 GTP BA . -4.20 13.66 40.80
N1 GTP BA . -2.00 13.54 40.33
C2 GTP BA . -1.00 13.61 39.38
N2 GTP BA . 0.27 13.44 39.72
N3 GTP BA . -1.33 13.87 38.07
C4 GTP BA . -2.62 14.05 37.69
PG ATP CA . -0.26 18.97 16.84
O1G ATP CA . 0.38 18.01 17.80
O2G ATP CA . -1.32 19.86 17.45
O3G ATP CA . -0.66 18.35 15.53
PB ATP CA . 0.76 21.02 15.27
O1B ATP CA . 1.03 20.32 13.97
O2B ATP CA . -0.54 21.76 15.47
O3B ATP CA . 0.93 19.98 16.47
PA ATP CA . 1.60 23.55 15.92
O1A ATP CA . 1.04 23.59 17.31
O2A ATP CA . 0.81 24.17 14.80
O3A ATP CA . 1.94 22.03 15.56
O5' ATP CA . 3.05 24.21 15.95
C5' ATP CA . 3.94 23.91 17.01
C4' ATP CA . 4.63 25.19 17.40
O4' ATP CA . 5.32 25.70 16.27
C3' ATP CA . 3.60 26.23 17.79
O3' ATP CA . 3.78 26.59 19.16
C2' ATP CA . 3.88 27.44 16.94
O2' ATP CA . 4.10 28.57 17.80
C1' ATP CA . 5.15 27.11 16.19
N9 ATP CA . 4.97 27.49 14.77
C8 ATP CA . 4.06 26.95 13.94
N7 ATP CA . 4.15 27.52 12.72
C5 ATP CA . 5.10 28.45 12.77
C6 ATP CA . 5.69 29.40 11.83
N6 ATP CA . 5.24 29.47 10.55
N1 ATP CA . 6.69 30.18 12.26
C2 ATP CA . 7.13 30.11 13.53
N3 ATP CA . 6.64 29.27 14.45
C4 ATP CA . 5.64 28.42 14.12
N GGL DA . -3.72 20.20 42.94
CA GGL DA . -4.13 21.58 43.11
C GGL DA . -5.64 21.68 42.87
O GGL DA . -6.23 20.80 42.19
CB GGL DA . -3.35 22.48 42.15
CG GGL DA . -4.22 23.01 41.01
CD GGL DA . -3.35 23.74 39.98
OE1 GGL DA . -3.04 23.17 38.90
OE2 GGL DA . -2.95 24.91 40.21
OXT GGL DA . -6.29 22.63 43.38
MG MG EA . -2.70 20.47 16.18
MG MG FA . 2.90 11.76 38.51
#